data_6MFV
#
_entry.id   6MFV
#
_cell.length_a   96.126
_cell.length_b   96.126
_cell.length_c   584.259
_cell.angle_alpha   90.00
_cell.angle_beta   90.00
_cell.angle_gamma   120.00
#
_symmetry.space_group_name_H-M   'P 65'
#
loop_
_entity.id
_entity.type
_entity.pdbx_description
1 polymer 'tetratricopeptide repeat sensor PH0952'
2 non-polymer "ADENOSINE-5'-DIPHOSPHATE"
#
_entity_poly.entity_id   1
_entity_poly.type   'polypeptide(L)'
_entity_poly.pdbx_seq_one_letter_code
;MAPIEWESSPRVEVFVGRKRELSIIRNAKGVVVIYGIAGIGKTSLAAKAFPNAYWYNVTGLEDFKYFAWQLGLFLSSIGF
EDLLEYLRGGGNNENDIFKLITEGIEKTGAIIIIDDFHKFQDEKVNYLLSYLAPRIKKGKVIITTRIRPNLGNEGVTYVN
LKGLNPEEAYSLAREKEKSMTPEEFAKLYKLTFGHPLMLNLILESSEILATGKDTVFNFLFEEVYQMLNEEEKDLLSILS
LFDEPIEYEGIKFLYDRNPFVPLYSLMKKGLIEKKGEKYFVHDMVREFVREVSNQEEKEVYLRHVNFLLKSKTPINFLRA
FKYAIKVGSSELIRNLVELRVKEFYRIIVDFPRMYQRLLMEVEDNPYAKIEIAIIEVQRGLFEKAIKLLKEAEPYVDEFF
KCEIYSWLADAYMELENLEKAERYLKKTKEIVEKINDMYAWFSYYAEKTKYEYYKENSREALKSALKELEIIRKIGDPEK
EGLVLLHVGDIYLHMGNYEKGISYYQEALKMAKAYGIKFLEHISYMELAKGYYQLKLYEKASEYSEKAANYFLMIRNYRR
ATDAMAYGSVSYIATKNLEKAEKFAKEMIRIAQSTDYPLAWAGYIFLAAVDFLKGDDWREDYNLGKAHLKEYPWLFEAVL
DELKKVFDLSNFK
;
_entity_poly.pdbx_strand_id   A,B,C,D
#
# COMPACT_ATOMS: atom_id res chain seq x y z
N ALA A 2 -0.77 -31.79 7.07
CA ALA A 2 -1.71 -32.52 6.24
C ALA A 2 -1.18 -32.68 4.82
N PRO A 3 -1.51 -33.80 4.18
CA PRO A 3 -1.03 -34.04 2.80
C PRO A 3 -1.60 -33.03 1.83
N ILE A 4 -0.78 -32.65 0.84
CA ILE A 4 -1.15 -31.72 -0.22
C ILE A 4 -1.65 -30.41 0.39
N GLU A 5 -0.74 -29.62 0.94
CA GLU A 5 -1.08 -28.32 1.51
C GLU A 5 0.11 -27.39 1.35
N TRP A 6 -0.11 -26.12 1.71
CA TRP A 6 0.91 -25.10 1.56
C TRP A 6 2.04 -25.30 2.56
N GLU A 7 3.22 -24.80 2.21
CA GLU A 7 4.40 -24.88 3.08
C GLU A 7 4.54 -23.64 3.95
N SER A 8 3.43 -23.13 4.49
CA SER A 8 3.45 -21.92 5.31
C SER A 8 4.27 -22.14 6.57
N SER A 9 5.45 -21.55 6.62
CA SER A 9 6.34 -21.72 7.77
C SER A 9 5.88 -20.80 8.91
N PRO A 10 5.78 -21.33 10.14
CA PRO A 10 5.43 -20.46 11.26
C PRO A 10 6.56 -19.49 11.59
N ARG A 11 6.18 -18.30 12.04
CA ARG A 11 7.15 -17.28 12.36
C ARG A 11 7.91 -17.63 13.63
N VAL A 12 8.93 -16.83 13.92
CA VAL A 12 9.74 -17.01 15.13
C VAL A 12 8.89 -16.68 16.35
N GLU A 13 9.24 -17.30 17.49
CA GLU A 13 8.53 -17.04 18.73
C GLU A 13 8.61 -15.57 19.10
N VAL A 14 9.84 -15.06 19.23
CA VAL A 14 10.07 -13.65 19.54
C VAL A 14 10.24 -12.87 18.23
N PHE A 15 9.60 -11.71 18.17
CA PHE A 15 9.76 -10.82 17.03
C PHE A 15 9.28 -9.42 17.42
N VAL A 16 10.14 -8.43 17.19
CA VAL A 16 9.76 -7.03 17.37
C VAL A 16 9.96 -6.34 16.02
N GLY A 17 8.97 -6.46 15.15
CA GLY A 17 9.11 -5.97 13.80
C GLY A 17 9.22 -4.46 13.74
N ARG A 18 9.81 -4.00 12.65
CA ARG A 18 9.94 -2.58 12.35
C ARG A 18 8.66 -2.17 11.63
N LYS A 19 7.77 -1.51 12.38
CA LYS A 19 6.39 -1.31 11.92
C LYS A 19 6.30 -0.50 10.63
N ARG A 20 7.27 0.39 10.39
CA ARG A 20 7.26 1.12 9.13
C ARG A 20 7.49 0.19 7.95
N GLU A 21 8.42 -0.76 8.09
CA GLU A 21 8.69 -1.69 7.00
C GLU A 21 7.56 -2.68 6.79
N LEU A 22 6.73 -2.92 7.82
CA LEU A 22 5.57 -3.78 7.64
C LEU A 22 4.47 -3.06 6.87
N SER A 23 4.19 -1.80 7.22
CA SER A 23 3.25 -1.00 6.43
C SER A 23 3.76 -0.80 5.01
N ILE A 24 5.08 -0.73 4.83
CA ILE A 24 5.66 -0.72 3.49
C ILE A 24 5.22 -1.98 2.74
N ILE A 25 5.49 -3.14 3.32
CA ILE A 25 5.22 -4.41 2.65
C ILE A 25 3.72 -4.62 2.45
N ARG A 26 2.94 -4.37 3.50
CA ARG A 26 1.51 -4.66 3.44
C ARG A 26 0.78 -3.75 2.45
N ASN A 27 1.15 -2.46 2.41
CA ASN A 27 0.52 -1.52 1.51
C ASN A 27 1.36 -1.22 0.27
N ALA A 28 2.25 -2.14 -0.11
CA ALA A 28 3.05 -1.96 -1.31
C ALA A 28 2.25 -2.35 -2.54
N LYS A 29 2.70 -1.86 -3.70
CA LYS A 29 2.10 -2.19 -4.97
C LYS A 29 3.01 -3.14 -5.74
N GLY A 30 2.41 -4.18 -6.31
CA GLY A 30 3.13 -5.13 -7.14
C GLY A 30 3.98 -6.12 -6.36
N VAL A 31 5.29 -6.04 -6.51
CA VAL A 31 6.22 -6.99 -5.91
C VAL A 31 7.06 -6.26 -4.86
N VAL A 32 7.19 -6.85 -3.69
CA VAL A 32 8.02 -6.34 -2.60
C VAL A 32 9.30 -7.14 -2.56
N VAL A 33 10.43 -6.44 -2.63
CA VAL A 33 11.75 -7.06 -2.61
C VAL A 33 12.39 -6.79 -1.26
N ILE A 34 12.61 -7.85 -0.49
CA ILE A 34 13.26 -7.78 0.82
C ILE A 34 14.65 -8.38 0.65
N TYR A 35 15.67 -7.53 0.62
CA TYR A 35 17.04 -7.99 0.46
C TYR A 35 17.86 -7.59 1.68
N GLY A 36 18.62 -8.54 2.20
CA GLY A 36 19.49 -8.31 3.31
C GLY A 36 20.58 -9.36 3.34
N ILE A 37 21.20 -9.52 4.50
CA ILE A 37 22.23 -10.54 4.67
C ILE A 37 21.60 -11.76 5.32
N ALA A 38 22.41 -12.80 5.54
CA ALA A 38 21.91 -14.03 6.16
C ALA A 38 21.50 -13.74 7.60
N GLY A 39 20.31 -14.22 7.98
CA GLY A 39 19.83 -14.03 9.32
C GLY A 39 19.50 -12.60 9.69
N ILE A 40 19.37 -11.71 8.69
CA ILE A 40 19.05 -10.33 8.98
C ILE A 40 17.59 -10.17 9.41
N GLY A 41 16.76 -11.16 9.16
CA GLY A 41 15.36 -11.12 9.53
C GLY A 41 14.37 -11.04 8.39
N LYS A 42 14.81 -11.31 7.16
CA LYS A 42 13.92 -11.16 6.01
C LYS A 42 12.84 -12.22 6.00
N THR A 43 13.22 -13.50 6.07
CA THR A 43 12.24 -14.58 6.04
C THR A 43 11.23 -14.43 7.19
N SER A 44 11.71 -14.12 8.39
CA SER A 44 10.80 -13.92 9.50
C SER A 44 9.91 -12.69 9.29
N LEU A 45 10.44 -11.67 8.60
CA LEU A 45 9.63 -10.49 8.31
C LEU A 45 8.54 -10.82 7.30
N ALA A 46 8.86 -11.66 6.31
CA ALA A 46 7.86 -12.05 5.33
C ALA A 46 6.69 -12.76 5.98
N ALA A 47 6.96 -13.62 6.97
CA ALA A 47 5.89 -14.28 7.69
C ALA A 47 5.08 -13.29 8.52
N LYS A 48 5.73 -12.21 9.01
CA LYS A 48 5.01 -11.20 9.78
C LYS A 48 4.03 -10.41 8.93
N ALA A 49 4.29 -10.29 7.62
CA ALA A 49 3.41 -9.54 6.74
C ALA A 49 2.04 -10.21 6.60
N PHE A 50 2.01 -11.36 5.94
CA PHE A 50 0.76 -12.09 5.71
C PHE A 50 0.97 -13.55 6.07
N PRO A 51 0.21 -14.10 7.02
CA PRO A 51 0.46 -15.47 7.49
C PRO A 51 0.06 -16.55 6.50
N ASN A 52 -1.16 -16.47 5.96
CA ASN A 52 -1.69 -17.50 5.08
C ASN A 52 -1.21 -17.36 3.64
N ALA A 53 -0.10 -16.66 3.43
CA ALA A 53 0.48 -16.57 2.10
C ALA A 53 1.13 -17.89 1.71
N TYR A 54 1.06 -18.23 0.43
CA TYR A 54 1.71 -19.44 -0.07
C TYR A 54 3.23 -19.25 -0.02
N TRP A 55 3.90 -20.10 0.73
CA TRP A 55 5.36 -20.07 0.85
C TRP A 55 5.97 -21.08 -0.10
N TYR A 56 7.03 -20.68 -0.78
CA TYR A 56 7.82 -21.60 -1.61
C TYR A 56 9.29 -21.36 -1.30
N ASN A 57 9.86 -22.21 -0.46
CA ASN A 57 11.29 -22.17 -0.18
C ASN A 57 12.03 -22.81 -1.34
N VAL A 58 12.85 -22.02 -2.03
CA VAL A 58 13.60 -22.51 -3.18
C VAL A 58 14.88 -23.17 -2.69
N THR A 59 15.30 -24.21 -3.40
CA THR A 59 16.53 -24.92 -3.10
C THR A 59 17.47 -24.80 -4.29
N GLY A 60 18.52 -25.62 -4.29
CA GLY A 60 19.45 -25.66 -5.40
C GLY A 60 18.78 -26.06 -6.70
N LEU A 61 18.37 -27.34 -6.78
CA LEU A 61 17.70 -27.85 -7.96
C LEU A 61 16.35 -27.17 -8.12
N GLU A 62 16.23 -26.32 -9.15
CA GLU A 62 14.97 -25.62 -9.42
C GLU A 62 14.83 -25.44 -10.93
N ASP A 63 13.91 -26.20 -11.53
CA ASP A 63 13.48 -25.95 -12.89
C ASP A 63 12.29 -25.01 -12.85
N PHE A 64 12.27 -24.04 -13.77
CA PHE A 64 11.17 -23.09 -13.80
C PHE A 64 9.83 -23.79 -13.97
N LYS A 65 9.80 -24.88 -14.76
CA LYS A 65 8.54 -25.59 -14.96
C LYS A 65 8.12 -26.34 -13.70
N TYR A 66 9.08 -26.82 -12.90
CA TYR A 66 8.72 -27.46 -11.64
C TYR A 66 8.13 -26.47 -10.66
N PHE A 67 8.74 -25.28 -10.54
CA PHE A 67 8.21 -24.27 -9.64
C PHE A 67 6.80 -23.86 -10.05
N ALA A 68 6.61 -23.56 -11.33
CA ALA A 68 5.27 -23.24 -11.82
C ALA A 68 4.33 -24.42 -11.66
N TRP A 69 4.85 -25.64 -11.76
CA TRP A 69 4.05 -26.82 -11.49
C TRP A 69 3.57 -26.83 -10.04
N GLN A 70 4.49 -26.68 -9.10
CA GLN A 70 4.12 -26.56 -7.70
C GLN A 70 3.28 -25.31 -7.46
N LEU A 71 3.61 -24.21 -8.17
CA LEU A 71 2.75 -23.04 -8.12
C LEU A 71 1.40 -23.29 -8.78
N GLY A 72 1.38 -24.14 -9.82
CA GLY A 72 0.11 -24.51 -10.42
C GLY A 72 -0.72 -25.41 -9.53
N LEU A 73 -0.07 -26.28 -8.76
CA LEU A 73 -0.77 -27.08 -7.76
C LEU A 73 -1.47 -26.17 -6.74
N PHE A 74 -0.85 -25.04 -6.41
CA PHE A 74 -1.47 -24.09 -5.50
C PHE A 74 -2.66 -23.41 -6.14
N LEU A 75 -2.49 -22.88 -7.36
CA LEU A 75 -3.60 -22.24 -8.06
C LEU A 75 -4.73 -23.21 -8.33
N SER A 76 -4.43 -24.50 -8.45
CA SER A 76 -5.48 -25.50 -8.64
C SER A 76 -6.23 -25.76 -7.34
N SER A 77 -5.55 -25.66 -6.19
CA SER A 77 -6.23 -25.86 -4.92
C SER A 77 -7.19 -24.72 -4.60
N ILE A 78 -6.90 -23.51 -5.09
CA ILE A 78 -7.80 -22.39 -4.88
C ILE A 78 -9.08 -22.55 -5.70
N GLY A 79 -8.95 -23.07 -6.92
CA GLY A 79 -10.09 -23.41 -7.75
C GLY A 79 -10.33 -22.49 -8.93
N PHE A 80 -9.62 -21.37 -9.04
CA PHE A 80 -9.82 -20.49 -10.18
C PHE A 80 -8.96 -20.87 -11.38
N GLU A 81 -7.75 -21.38 -11.15
CA GLU A 81 -6.90 -21.86 -12.23
C GLU A 81 -6.80 -23.39 -12.24
N ASP A 82 -7.71 -24.07 -11.56
CA ASP A 82 -7.73 -25.53 -11.56
C ASP A 82 -7.93 -26.07 -12.98
N LEU A 83 -8.91 -25.54 -13.70
CA LEU A 83 -9.21 -26.04 -15.04
C LEU A 83 -8.22 -25.53 -16.08
N LEU A 84 -7.60 -24.38 -15.84
CA LEU A 84 -6.75 -23.72 -16.83
C LEU A 84 -5.27 -24.02 -16.61
N GLU A 85 -4.75 -23.70 -15.42
CA GLU A 85 -3.30 -23.70 -15.21
C GLU A 85 -2.73 -25.11 -15.17
N TYR A 86 -3.15 -25.91 -14.19
CA TYR A 86 -2.53 -27.21 -13.98
C TYR A 86 -2.74 -28.15 -15.15
N LEU A 87 -3.96 -28.19 -15.70
CA LEU A 87 -4.23 -29.10 -16.82
C LEU A 87 -3.39 -28.76 -18.03
N ARG A 88 -2.97 -27.50 -18.18
CA ARG A 88 -2.05 -27.13 -19.24
C ARG A 88 -0.61 -27.50 -18.90
N GLY A 89 -0.27 -27.53 -17.61
CA GLY A 89 1.03 -28.04 -17.21
C GLY A 89 1.26 -29.47 -17.66
N GLY A 90 0.24 -30.32 -17.49
CA GLY A 90 0.30 -31.66 -18.05
C GLY A 90 0.23 -31.68 -19.56
N GLY A 91 -0.18 -30.58 -20.18
CA GLY A 91 -0.22 -30.47 -21.62
C GLY A 91 1.12 -30.17 -22.24
N ASN A 92 1.61 -28.95 -22.05
CA ASN A 92 2.88 -28.52 -22.64
C ASN A 92 3.39 -27.31 -21.85
N ASN A 93 4.27 -26.53 -22.46
CA ASN A 93 4.89 -25.38 -21.82
C ASN A 93 5.12 -24.29 -22.85
N GLU A 94 5.23 -23.05 -22.36
CA GLU A 94 5.42 -21.86 -23.19
C GLU A 94 5.62 -20.68 -22.25
N ASN A 95 5.95 -19.52 -22.83
CA ASN A 95 5.95 -18.27 -22.08
C ASN A 95 4.54 -17.77 -21.81
N ASP A 96 3.52 -18.40 -22.39
CA ASP A 96 2.14 -18.10 -22.02
C ASP A 96 1.86 -18.43 -20.57
N ILE A 97 2.72 -19.25 -19.95
CA ILE A 97 2.65 -19.50 -18.52
C ILE A 97 2.76 -18.20 -17.74
N PHE A 98 3.55 -17.25 -18.24
CA PHE A 98 3.69 -15.95 -17.58
C PHE A 98 2.33 -15.28 -17.40
N LYS A 99 1.53 -15.25 -18.45
CA LYS A 99 0.22 -14.61 -18.38
C LYS A 99 -0.81 -15.48 -17.69
N LEU A 100 -0.56 -16.79 -17.56
CA LEU A 100 -1.48 -17.65 -16.83
C LEU A 100 -1.40 -17.39 -15.32
N ILE A 101 -0.18 -17.37 -14.77
CA ILE A 101 -0.04 -17.13 -13.34
C ILE A 101 -0.36 -15.69 -13.00
N THR A 102 -0.06 -14.76 -13.90
CA THR A 102 -0.51 -13.38 -13.73
C THR A 102 -2.03 -13.32 -13.63
N GLU A 103 -2.72 -13.95 -14.58
CA GLU A 103 -4.17 -14.12 -14.48
C GLU A 103 -4.56 -15.00 -13.30
N GLY A 104 -3.64 -15.81 -12.79
CA GLY A 104 -3.90 -16.65 -11.63
C GLY A 104 -4.23 -15.85 -10.39
N ILE A 105 -3.27 -15.05 -9.91
CA ILE A 105 -3.50 -14.19 -8.76
C ILE A 105 -4.24 -12.90 -9.13
N GLU A 106 -4.54 -12.71 -10.41
CA GLU A 106 -5.50 -11.67 -10.80
C GLU A 106 -6.92 -12.10 -10.50
N LYS A 107 -7.19 -13.41 -10.53
CA LYS A 107 -8.47 -13.98 -10.17
C LYS A 107 -8.51 -14.40 -8.70
N THR A 108 -7.52 -15.19 -8.28
CA THR A 108 -7.48 -15.65 -6.89
C THR A 108 -7.15 -14.51 -5.94
N GLY A 109 -6.16 -13.68 -6.28
CA GLY A 109 -5.76 -12.58 -5.43
C GLY A 109 -4.93 -12.95 -4.23
N ALA A 110 -4.51 -14.21 -4.12
CA ALA A 110 -3.72 -14.63 -2.96
C ALA A 110 -2.34 -14.00 -3.00
N ILE A 111 -1.82 -13.69 -1.82
CA ILE A 111 -0.48 -13.12 -1.67
C ILE A 111 0.51 -14.27 -1.56
N ILE A 112 1.62 -14.16 -2.30
CA ILE A 112 2.62 -15.23 -2.38
C ILE A 112 3.97 -14.67 -1.93
N ILE A 113 4.74 -15.52 -1.26
CA ILE A 113 6.06 -15.15 -0.75
C ILE A 113 7.09 -16.15 -1.27
N ILE A 114 8.21 -15.63 -1.77
CA ILE A 114 9.30 -16.44 -2.30
C ILE A 114 10.52 -16.23 -1.41
N ASP A 115 11.10 -17.33 -0.95
CA ASP A 115 12.25 -17.30 -0.03
C ASP A 115 13.50 -17.71 -0.78
N ASP A 116 14.59 -16.95 -0.57
CA ASP A 116 15.92 -17.20 -1.13
C ASP A 116 15.97 -16.98 -2.64
N PHE A 117 17.01 -17.53 -3.28
CA PHE A 117 17.26 -17.34 -4.70
C PHE A 117 18.01 -18.55 -5.21
N HIS A 118 17.85 -18.85 -6.50
CA HIS A 118 18.24 -20.15 -7.03
C HIS A 118 18.97 -19.96 -8.35
N LYS A 119 19.29 -21.09 -8.98
CA LYS A 119 19.90 -21.12 -10.29
C LYS A 119 18.91 -20.68 -11.36
N PHE A 120 19.42 -20.46 -12.56
CA PHE A 120 18.60 -20.02 -13.70
C PHE A 120 17.76 -18.81 -13.32
N GLN A 121 18.38 -17.87 -12.60
CA GLN A 121 17.63 -16.76 -12.01
C GLN A 121 16.99 -15.89 -13.09
N ASP A 122 17.57 -15.84 -14.28
CA ASP A 122 16.99 -15.03 -15.35
C ASP A 122 15.61 -15.52 -15.74
N GLU A 123 15.43 -16.84 -15.79
CA GLU A 123 14.12 -17.41 -16.11
C GLU A 123 13.08 -16.98 -15.10
N LYS A 124 13.42 -17.03 -13.82
CA LYS A 124 12.51 -16.59 -12.77
C LYS A 124 12.39 -15.06 -12.75
N VAL A 125 13.51 -14.36 -12.94
CA VAL A 125 13.49 -12.90 -13.01
C VAL A 125 12.62 -12.43 -14.19
N ASN A 126 12.71 -13.14 -15.32
CA ASN A 126 11.91 -12.76 -16.48
C ASN A 126 10.41 -12.92 -16.21
N TYR A 127 10.03 -13.91 -15.40
CA TYR A 127 8.63 -14.00 -14.99
C TYR A 127 8.27 -12.91 -13.99
N LEU A 128 9.17 -12.64 -13.04
CA LEU A 128 8.88 -11.66 -12.00
C LEU A 128 8.62 -10.29 -12.62
N LEU A 129 9.37 -9.91 -13.66
CA LEU A 129 9.21 -8.62 -14.29
C LEU A 129 7.99 -8.54 -15.20
N SER A 130 7.37 -9.66 -15.52
CA SER A 130 6.13 -9.66 -16.29
C SER A 130 4.90 -9.56 -15.39
N TYR A 131 5.09 -9.50 -14.07
CA TYR A 131 3.98 -9.40 -13.12
C TYR A 131 4.01 -8.16 -12.25
N LEU A 132 5.20 -7.64 -11.91
CA LEU A 132 5.27 -6.46 -11.07
C LEU A 132 4.71 -5.22 -11.77
N ALA A 133 4.85 -5.16 -13.08
CA ALA A 133 4.43 -3.95 -13.80
C ALA A 133 2.92 -3.84 -13.89
N PRO A 134 2.16 -4.86 -14.28
CA PRO A 134 0.70 -4.67 -14.37
C PRO A 134 0.04 -4.32 -13.05
N ARG A 135 0.70 -4.60 -11.92
CA ARG A 135 0.14 -4.29 -10.61
C ARG A 135 -1.25 -4.91 -10.46
N ILE A 136 -1.30 -6.20 -10.12
CA ILE A 136 -2.58 -6.86 -9.95
C ILE A 136 -3.26 -6.33 -8.69
N LYS A 137 -4.51 -5.90 -8.83
CA LYS A 137 -5.24 -5.28 -7.74
C LYS A 137 -5.44 -6.21 -6.56
N LYS A 138 -5.33 -7.52 -6.78
CA LYS A 138 -5.64 -8.49 -5.74
C LYS A 138 -4.43 -9.28 -5.28
N GLY A 139 -3.64 -9.83 -6.20
CA GLY A 139 -2.48 -10.60 -5.83
C GLY A 139 -1.31 -9.76 -5.36
N LYS A 140 -0.33 -10.43 -4.77
CA LYS A 140 0.90 -9.78 -4.34
C LYS A 140 1.98 -10.83 -4.23
N VAL A 141 3.21 -10.48 -4.61
CA VAL A 141 4.34 -11.41 -4.55
C VAL A 141 5.49 -10.73 -3.82
N ILE A 142 5.98 -11.37 -2.77
CA ILE A 142 7.08 -10.86 -1.97
C ILE A 142 8.23 -11.84 -2.08
N ILE A 143 9.45 -11.32 -2.18
CA ILE A 143 10.64 -12.17 -2.25
C ILE A 143 11.61 -11.75 -1.16
N THR A 144 12.44 -12.70 -0.74
CA THR A 144 13.54 -12.45 0.18
C THR A 144 14.81 -12.95 -0.46
N THR A 145 15.74 -12.04 -0.75
CA THR A 145 16.96 -12.35 -1.48
C THR A 145 18.15 -11.77 -0.74
N ARG A 146 19.34 -12.29 -1.06
CA ARG A 146 20.57 -11.71 -0.53
C ARG A 146 21.03 -10.50 -1.34
N ILE A 147 20.62 -10.37 -2.60
CA ILE A 147 21.04 -9.28 -3.47
C ILE A 147 19.81 -8.64 -4.11
N ARG A 148 20.01 -7.43 -4.63
CA ARG A 148 18.96 -6.74 -5.37
C ARG A 148 18.80 -7.37 -6.75
N PRO A 149 17.65 -7.97 -7.07
CA PRO A 149 17.52 -8.73 -8.32
C PRO A 149 17.52 -7.88 -9.58
N ASN A 150 17.66 -6.55 -9.49
CA ASN A 150 17.67 -5.67 -10.65
C ASN A 150 16.38 -5.84 -11.47
N LEU A 151 15.25 -5.67 -10.79
CA LEU A 151 13.94 -5.78 -11.42
C LEU A 151 13.38 -4.43 -11.84
N GLY A 152 14.17 -3.36 -11.70
CA GLY A 152 13.67 -2.02 -11.95
C GLY A 152 12.90 -1.49 -10.75
N ASN A 153 12.54 -0.22 -10.85
CA ASN A 153 11.78 0.45 -9.80
C ASN A 153 10.34 0.75 -10.23
N GLU A 154 9.88 0.13 -11.30
CA GLU A 154 8.51 0.31 -11.78
C GLU A 154 7.65 -0.76 -11.13
N GLY A 155 6.79 -0.36 -10.20
CA GLY A 155 5.95 -1.31 -9.51
C GLY A 155 6.68 -2.19 -8.52
N VAL A 156 7.90 -1.83 -8.15
CA VAL A 156 8.72 -2.59 -7.21
C VAL A 156 9.05 -1.70 -6.03
N THR A 157 8.92 -2.25 -4.83
CA THR A 157 9.29 -1.57 -3.58
C THR A 157 10.50 -2.30 -2.99
N TYR A 158 11.67 -1.69 -3.13
CA TYR A 158 12.90 -2.28 -2.60
C TYR A 158 13.00 -1.99 -1.11
N VAL A 159 13.09 -3.04 -0.30
CA VAL A 159 13.11 -2.93 1.15
C VAL A 159 14.44 -3.50 1.63
N ASN A 160 15.36 -2.62 2.03
CA ASN A 160 16.65 -3.02 2.55
C ASN A 160 16.58 -3.11 4.07
N LEU A 161 16.67 -4.32 4.61
CA LEU A 161 16.55 -4.51 6.05
C LEU A 161 17.84 -4.10 6.76
N LYS A 162 17.71 -3.21 7.74
CA LYS A 162 18.84 -2.68 8.48
C LYS A 162 18.97 -3.30 9.88
N GLY A 163 18.47 -4.52 10.05
CA GLY A 163 18.57 -5.18 11.33
C GLY A 163 17.48 -4.74 12.28
N LEU A 164 17.87 -4.32 13.48
CA LEU A 164 16.93 -3.91 14.52
C LEU A 164 17.39 -2.61 15.16
N ASN A 165 16.41 -1.81 15.57
CA ASN A 165 16.70 -0.59 16.31
C ASN A 165 17.23 -0.94 17.70
N PRO A 166 18.11 -0.10 18.27
CA PRO A 166 18.56 -0.35 19.64
C PRO A 166 17.43 -0.47 20.65
N GLU A 167 16.43 0.42 20.57
CA GLU A 167 15.30 0.35 21.49
C GLU A 167 14.53 -0.96 21.33
N GLU A 168 14.33 -1.40 20.09
CA GLU A 168 13.66 -2.68 19.87
C GLU A 168 14.57 -3.83 20.28
N ALA A 169 15.88 -3.68 20.13
CA ALA A 169 16.79 -4.74 20.53
C ALA A 169 16.87 -4.86 22.04
N TYR A 170 16.90 -3.73 22.75
CA TYR A 170 16.86 -3.78 24.21
C TYR A 170 15.54 -4.39 24.68
N SER A 171 14.45 -4.06 23.98
CA SER A 171 13.17 -4.68 24.27
C SER A 171 13.21 -6.17 24.00
N LEU A 172 13.95 -6.58 22.97
CA LEU A 172 14.02 -8.00 22.60
C LEU A 172 14.60 -8.85 23.72
N ALA A 173 15.69 -8.38 24.33
CA ALA A 173 16.28 -9.10 25.45
C ALA A 173 15.38 -9.07 26.68
N ARG A 174 14.66 -7.96 26.89
CA ARG A 174 13.75 -7.87 28.03
C ARG A 174 12.48 -8.69 27.79
N GLU A 175 12.04 -8.81 26.54
CA GLU A 175 10.90 -9.67 26.23
C GLU A 175 11.26 -11.15 26.28
N LYS A 176 12.53 -11.48 26.49
CA LYS A 176 12.98 -12.82 26.80
C LYS A 176 13.44 -12.96 28.24
N GLU A 177 14.24 -12.00 28.72
CA GLU A 177 14.69 -11.96 30.12
C GLU A 177 14.59 -10.51 30.58
N LYS A 178 13.45 -10.16 31.19
CA LYS A 178 13.25 -8.80 31.68
C LYS A 178 14.13 -8.52 32.89
N SER A 179 14.26 -9.50 33.79
CA SER A 179 15.05 -9.33 35.01
C SER A 179 16.52 -9.10 34.74
N MET A 180 16.99 -9.32 33.51
CA MET A 180 18.38 -9.07 33.17
C MET A 180 18.65 -7.57 33.13
N THR A 181 19.86 -7.20 33.53
CA THR A 181 20.21 -5.79 33.68
C THR A 181 20.09 -5.06 32.36
N PRO A 182 19.34 -3.95 32.30
CA PRO A 182 19.22 -3.19 31.04
C PRO A 182 20.51 -2.53 30.59
N GLU A 183 21.55 -2.49 31.43
CA GLU A 183 22.82 -1.91 31.00
C GLU A 183 23.59 -2.87 30.09
N GLU A 184 23.50 -4.18 30.37
CA GLU A 184 24.21 -5.16 29.57
C GLU A 184 23.75 -5.15 28.11
N PHE A 185 22.47 -4.83 27.88
CA PHE A 185 21.95 -4.82 26.52
C PHE A 185 22.60 -3.72 25.69
N ALA A 186 23.04 -2.64 26.33
CA ALA A 186 23.77 -1.59 25.61
C ALA A 186 25.11 -2.12 25.09
N LYS A 187 25.70 -3.10 25.78
CA LYS A 187 26.94 -3.69 25.30
C LYS A 187 26.70 -4.76 24.24
N LEU A 188 25.53 -5.41 24.25
CA LEU A 188 25.22 -6.38 23.20
C LEU A 188 25.21 -5.74 21.83
N TYR A 189 24.72 -4.49 21.74
CA TYR A 189 24.71 -3.80 20.45
C TYR A 189 26.10 -3.54 19.93
N LYS A 190 27.12 -3.60 20.81
CA LYS A 190 28.50 -3.49 20.37
C LYS A 190 28.99 -4.75 19.65
N LEU A 191 28.22 -5.84 19.69
CA LEU A 191 28.59 -7.10 19.05
C LEU A 191 27.74 -7.45 17.85
N THR A 192 26.42 -7.48 18.02
CA THR A 192 25.53 -7.86 16.93
C THR A 192 25.12 -6.69 16.03
N PHE A 193 25.13 -5.47 16.57
CA PHE A 193 24.78 -4.26 15.81
C PHE A 193 23.37 -4.34 15.25
N GLY A 194 22.46 -4.92 16.02
CA GLY A 194 21.08 -5.05 15.62
C GLY A 194 20.74 -6.35 14.93
N HIS A 195 21.73 -7.20 14.66
CA HIS A 195 21.48 -8.48 13.98
C HIS A 195 20.56 -9.35 14.82
N PRO A 196 19.34 -9.60 14.35
CA PRO A 196 18.37 -10.30 15.23
C PRO A 196 18.72 -11.76 15.47
N LEU A 197 19.20 -12.48 14.46
CA LEU A 197 19.52 -13.89 14.64
C LEU A 197 20.74 -14.06 15.54
N MET A 198 21.83 -13.34 15.25
CA MET A 198 23.02 -13.41 16.09
C MET A 198 22.74 -12.97 17.52
N LEU A 199 21.71 -12.16 17.73
CA LEU A 199 21.33 -11.77 19.10
C LEU A 199 20.73 -12.95 19.84
N ASN A 200 19.86 -13.72 19.17
CA ASN A 200 19.30 -14.92 19.79
C ASN A 200 20.39 -15.92 20.16
N LEU A 201 21.46 -15.99 19.36
CA LEU A 201 22.57 -16.88 19.68
C LEU A 201 23.22 -16.50 21.00
N ILE A 202 23.38 -15.20 21.25
CA ILE A 202 24.03 -14.77 22.49
C ILE A 202 23.05 -14.82 23.65
N LEU A 203 21.76 -14.57 23.41
CA LEU A 203 20.78 -14.65 24.48
C LEU A 203 20.61 -16.07 25.00
N GLU A 204 20.80 -17.07 24.14
CA GLU A 204 20.69 -18.47 24.53
C GLU A 204 22.03 -19.09 24.92
N SER A 205 23.08 -18.28 25.01
CA SER A 205 24.41 -18.77 25.37
C SER A 205 24.92 -17.93 26.54
N SER A 206 26.24 -17.95 26.74
CA SER A 206 26.89 -17.20 27.82
C SER A 206 28.20 -16.65 27.30
N GLU A 207 28.91 -15.93 28.17
CA GLU A 207 30.19 -15.30 27.84
C GLU A 207 30.08 -14.42 26.59
N ASP A 214 34.71 -10.40 24.78
CA ASP A 214 34.68 -9.79 23.46
C ASP A 214 35.40 -10.66 22.43
N THR A 215 34.75 -10.87 21.29
CA THR A 215 35.33 -11.65 20.19
C THR A 215 35.00 -10.97 18.87
N VAL A 216 35.80 -11.27 17.85
CA VAL A 216 35.53 -10.72 16.54
C VAL A 216 34.35 -11.44 15.90
N PHE A 217 33.75 -10.79 14.90
CA PHE A 217 32.52 -11.27 14.28
C PHE A 217 32.63 -12.74 13.84
N ASN A 218 33.74 -13.09 13.18
CA ASN A 218 33.92 -14.48 12.76
C ASN A 218 34.14 -15.39 13.97
N PHE A 219 35.03 -14.97 14.88
CA PHE A 219 35.22 -15.74 16.11
C PHE A 219 33.96 -15.72 16.98
N LEU A 220 33.15 -14.66 16.87
CA LEU A 220 31.92 -14.59 17.66
C LEU A 220 31.05 -15.80 17.42
N PHE A 221 30.87 -16.18 16.15
CA PHE A 221 30.13 -17.41 15.87
C PHE A 221 30.98 -18.64 16.17
N GLU A 222 32.29 -18.55 15.93
CA GLU A 222 33.15 -19.72 16.14
C GLU A 222 33.33 -20.00 17.62
N GLU A 223 33.44 -18.95 18.44
CA GLU A 223 33.50 -19.16 19.89
C GLU A 223 32.14 -19.49 20.47
N VAL A 224 31.05 -19.23 19.74
CA VAL A 224 29.76 -19.77 20.13
C VAL A 224 29.64 -21.22 19.66
N TYR A 225 30.31 -21.57 18.57
CA TYR A 225 30.30 -22.95 18.09
C TYR A 225 30.90 -23.92 19.11
N GLN A 226 31.79 -23.43 19.97
CA GLN A 226 32.34 -24.27 21.03
C GLN A 226 31.42 -24.34 22.25
N MET A 227 30.52 -23.37 22.41
CA MET A 227 29.53 -23.44 23.49
C MET A 227 28.52 -24.54 23.26
N LEU A 228 28.41 -25.06 22.05
CA LEU A 228 27.44 -26.10 21.74
C LEU A 228 27.82 -27.40 22.44
N ASN A 229 26.88 -28.34 22.43
CA ASN A 229 27.07 -29.64 23.06
C ASN A 229 27.66 -30.62 22.05
N GLU A 230 27.80 -31.88 22.46
CA GLU A 230 28.34 -32.90 21.56
C GLU A 230 27.39 -33.15 20.39
N GLU A 231 26.16 -33.56 20.71
CA GLU A 231 25.18 -33.87 19.68
C GLU A 231 24.78 -32.65 18.86
N GLU A 232 24.95 -31.44 19.40
CA GLU A 232 24.64 -30.25 18.62
C GLU A 232 25.65 -30.04 17.49
N LYS A 233 26.94 -30.24 17.78
CA LYS A 233 27.97 -30.09 16.76
C LYS A 233 27.88 -31.19 15.72
N ASP A 234 27.58 -32.42 16.15
CA ASP A 234 27.43 -33.53 15.20
C ASP A 234 26.20 -33.32 14.32
N LEU A 235 25.08 -32.92 14.91
CA LEU A 235 23.88 -32.68 14.12
C LEU A 235 24.07 -31.54 13.14
N LEU A 236 24.71 -30.45 13.58
CA LEU A 236 25.01 -29.35 12.67
C LEU A 236 25.96 -29.80 11.56
N SER A 237 27.06 -30.45 11.94
CA SER A 237 28.07 -30.86 10.96
C SER A 237 27.54 -31.91 9.99
N ILE A 238 26.32 -32.40 10.15
CA ILE A 238 25.70 -33.31 9.21
C ILE A 238 24.56 -32.64 8.44
N LEU A 239 23.70 -31.91 9.15
CA LEU A 239 22.61 -31.20 8.48
C LEU A 239 23.12 -30.07 7.59
N SER A 240 24.35 -29.59 7.82
CA SER A 240 24.94 -28.59 6.94
C SER A 240 25.30 -29.15 5.57
N LEU A 241 25.33 -30.47 5.41
CA LEU A 241 25.60 -31.09 4.13
C LEU A 241 24.36 -31.21 3.26
N PHE A 242 23.20 -30.73 3.72
CA PHE A 242 21.95 -30.83 2.98
C PHE A 242 21.42 -29.43 2.70
N ASP A 243 21.21 -29.12 1.43
CA ASP A 243 20.69 -27.82 1.02
C ASP A 243 19.17 -27.77 0.98
N GLU A 244 18.50 -28.78 1.52
CA GLU A 244 17.05 -28.87 1.50
C GLU A 244 16.54 -29.28 2.86
N PRO A 245 15.33 -28.86 3.23
CA PRO A 245 14.75 -29.27 4.51
C PRO A 245 14.36 -30.74 4.51
N ILE A 246 14.47 -31.36 5.68
CA ILE A 246 14.26 -32.80 5.84
C ILE A 246 13.28 -33.05 6.98
N GLU A 247 12.48 -34.11 6.85
CA GLU A 247 11.58 -34.54 7.91
C GLU A 247 12.38 -35.04 9.12
N TYR A 248 11.66 -35.39 10.18
CA TYR A 248 12.32 -35.88 11.39
C TYR A 248 12.76 -37.33 11.26
N GLU A 249 11.87 -38.20 10.78
CA GLU A 249 12.27 -39.59 10.54
C GLU A 249 13.38 -39.68 9.50
N GLY A 250 13.40 -38.77 8.53
CA GLY A 250 14.54 -38.68 7.63
C GLY A 250 15.81 -38.30 8.34
N ILE A 251 15.71 -37.47 9.37
CA ILE A 251 16.87 -37.10 10.18
C ILE A 251 17.23 -38.23 11.14
N LYS A 252 16.23 -38.87 11.76
CA LYS A 252 16.50 -39.94 12.72
C LYS A 252 17.17 -41.13 12.04
N PHE A 253 16.72 -41.50 10.84
CA PHE A 253 17.39 -42.55 10.09
C PHE A 253 18.74 -42.09 9.55
N LEU A 254 18.95 -40.77 9.44
CA LEU A 254 20.20 -40.24 8.93
C LEU A 254 21.35 -40.44 9.91
N TYR A 255 21.06 -40.56 11.21
CA TYR A 255 22.09 -40.67 12.24
C TYR A 255 22.19 -42.06 12.84
N ASP A 256 21.17 -42.90 12.65
CA ASP A 256 21.05 -44.15 13.41
C ASP A 256 21.10 -43.86 14.91
N ARG A 257 20.46 -42.76 15.30
CA ARG A 257 20.52 -42.26 16.67
C ARG A 257 19.44 -41.20 16.83
N ASN A 258 18.89 -41.10 18.04
CA ASN A 258 17.77 -40.20 18.33
C ASN A 258 18.23 -38.75 18.26
N PRO A 259 17.65 -37.92 17.38
CA PRO A 259 18.15 -36.55 17.22
C PRO A 259 17.26 -35.47 17.83
N PHE A 260 16.38 -35.84 18.78
CA PHE A 260 15.40 -34.88 19.26
C PHE A 260 16.03 -33.79 20.12
N VAL A 261 16.78 -34.18 21.14
CA VAL A 261 17.30 -33.24 22.14
C VAL A 261 18.23 -32.19 21.53
N PRO A 262 19.05 -32.48 20.52
CA PRO A 262 19.79 -31.39 19.87
C PRO A 262 18.96 -30.59 18.89
N LEU A 263 17.86 -31.15 18.40
CA LEU A 263 17.05 -30.44 17.41
C LEU A 263 16.41 -29.21 18.01
N TYR A 264 15.63 -29.38 19.09
CA TYR A 264 14.94 -28.24 19.69
C TYR A 264 15.92 -27.32 20.41
N SER A 265 17.03 -27.85 20.90
CA SER A 265 18.02 -27.00 21.57
C SER A 265 18.63 -26.01 20.58
N LEU A 266 19.11 -26.50 19.43
CA LEU A 266 19.59 -25.60 18.39
C LEU A 266 18.44 -24.75 17.84
N MET A 267 17.20 -25.25 17.95
CA MET A 267 16.06 -24.46 17.54
C MET A 267 15.83 -23.29 18.49
N LYS A 268 16.02 -23.52 19.80
CA LYS A 268 15.94 -22.43 20.77
C LYS A 268 16.96 -21.35 20.46
N LYS A 269 18.15 -21.75 19.98
CA LYS A 269 19.21 -20.81 19.67
C LYS A 269 19.08 -20.21 18.27
N GLY A 270 18.07 -20.61 17.50
CA GLY A 270 17.89 -20.10 16.16
C GLY A 270 18.81 -20.68 15.11
N LEU A 271 19.60 -21.69 15.44
CA LEU A 271 20.53 -22.25 14.46
C LEU A 271 19.82 -23.12 13.43
N ILE A 272 18.70 -23.75 13.81
CA ILE A 272 17.91 -24.56 12.89
C ILE A 272 16.50 -23.98 12.84
N GLU A 273 15.94 -23.91 11.65
CA GLU A 273 14.59 -23.41 11.42
C GLU A 273 13.73 -24.51 10.84
N LYS A 274 12.49 -24.59 11.30
CA LYS A 274 11.53 -25.59 10.84
C LYS A 274 10.45 -24.92 10.01
N LYS A 275 10.24 -25.42 8.79
CA LYS A 275 9.16 -24.96 7.93
C LYS A 275 7.98 -25.93 8.04
N GLY A 276 7.34 -25.88 9.21
CA GLY A 276 6.25 -26.79 9.52
C GLY A 276 6.73 -28.15 9.97
N GLU A 277 6.85 -29.08 9.01
CA GLU A 277 7.27 -30.44 9.32
C GLU A 277 8.77 -30.65 9.17
N LYS A 278 9.39 -30.04 8.17
CA LYS A 278 10.79 -30.29 7.87
C LYS A 278 11.71 -29.40 8.71
N TYR A 279 13.00 -29.76 8.69
CA TYR A 279 14.04 -29.03 9.40
C TYR A 279 15.26 -28.91 8.51
N PHE A 280 15.97 -27.80 8.65
CA PHE A 280 17.26 -27.61 7.99
C PHE A 280 17.97 -26.43 8.63
N VAL A 281 19.31 -26.45 8.55
CA VAL A 281 20.09 -25.42 9.22
C VAL A 281 19.94 -24.09 8.49
N HIS A 282 20.18 -23.01 9.22
CA HIS A 282 20.11 -21.69 8.63
C HIS A 282 21.27 -21.50 7.66
N ASP A 283 21.07 -20.60 6.69
CA ASP A 283 22.09 -20.40 5.66
C ASP A 283 23.39 -19.87 6.25
N MET A 284 23.30 -19.09 7.34
CA MET A 284 24.52 -18.62 8.00
C MET A 284 25.19 -19.74 8.79
N VAL A 285 24.39 -20.65 9.37
CA VAL A 285 24.97 -21.79 10.07
C VAL A 285 25.63 -22.74 9.07
N ARG A 286 25.04 -22.88 7.87
CA ARG A 286 25.55 -23.82 6.88
C ARG A 286 26.93 -23.41 6.36
N GLU A 287 27.17 -22.11 6.23
CA GLU A 287 28.41 -21.61 5.65
C GLU A 287 29.61 -21.71 6.59
N PHE A 288 29.42 -22.07 7.86
CA PHE A 288 30.51 -22.11 8.82
C PHE A 288 30.85 -23.49 9.35
N VAL A 289 29.91 -24.45 9.31
CA VAL A 289 30.13 -25.78 9.86
C VAL A 289 30.16 -26.85 8.79
N ARG A 290 30.05 -26.49 7.52
CA ARG A 290 30.15 -27.49 6.45
C ARG A 290 31.58 -27.96 6.24
N GLU A 291 32.55 -27.36 6.92
CA GLU A 291 33.96 -27.73 6.78
C GLU A 291 34.52 -28.41 8.03
N VAL A 292 33.73 -28.52 9.10
CA VAL A 292 34.23 -29.13 10.32
C VAL A 292 34.38 -30.64 10.14
N SER A 293 33.56 -31.25 9.29
CA SER A 293 33.64 -32.67 9.02
C SER A 293 33.10 -32.93 7.63
N ASN A 294 34.00 -33.22 6.68
CA ASN A 294 33.63 -33.54 5.31
C ASN A 294 34.09 -34.94 4.91
N GLN A 295 34.42 -35.78 5.89
CA GLN A 295 34.95 -37.10 5.61
C GLN A 295 33.86 -38.14 5.40
N GLU A 296 32.79 -38.09 6.20
CA GLU A 296 31.71 -39.06 6.16
C GLU A 296 30.54 -38.61 5.31
N GLU A 297 30.79 -37.76 4.31
CA GLU A 297 29.72 -37.31 3.42
C GLU A 297 29.13 -38.49 2.65
N LYS A 298 29.97 -39.42 2.22
CA LYS A 298 29.49 -40.55 1.42
C LYS A 298 28.51 -41.40 2.21
N GLU A 299 28.84 -41.71 3.46
CA GLU A 299 27.97 -42.57 4.28
C GLU A 299 26.65 -41.87 4.59
N VAL A 300 26.71 -40.58 4.94
CA VAL A 300 25.51 -39.85 5.30
C VAL A 300 24.60 -39.67 4.09
N TYR A 301 25.18 -39.29 2.95
CA TYR A 301 24.39 -39.13 1.73
C TYR A 301 23.78 -40.46 1.30
N LEU A 302 24.50 -41.57 1.53
CA LEU A 302 23.99 -42.89 1.13
C LEU A 302 22.72 -43.25 1.89
N ARG A 303 22.69 -42.98 3.20
CA ARG A 303 21.49 -43.28 3.98
C ARG A 303 20.32 -42.40 3.54
N HIS A 304 20.58 -41.12 3.25
CA HIS A 304 19.52 -40.22 2.82
C HIS A 304 18.97 -40.61 1.45
N VAL A 305 19.82 -41.17 0.58
CA VAL A 305 19.36 -41.68 -0.70
C VAL A 305 18.35 -42.80 -0.50
N ASN A 306 18.66 -43.74 0.40
CA ASN A 306 17.76 -44.85 0.66
C ASN A 306 16.46 -44.40 1.32
N PHE A 307 16.51 -43.35 2.15
CA PHE A 307 15.28 -42.87 2.77
C PHE A 307 14.34 -42.25 1.74
N LEU A 308 14.87 -41.36 0.90
CA LEU A 308 14.05 -40.79 -0.16
C LEU A 308 13.61 -41.84 -1.17
N LEU A 309 14.40 -42.91 -1.32
CA LEU A 309 13.98 -44.05 -2.14
C LEU A 309 12.72 -44.69 -1.58
N LYS A 310 12.54 -44.65 -0.26
CA LYS A 310 11.34 -45.17 0.36
C LYS A 310 10.16 -44.20 0.28
N SER A 311 10.41 -42.93 0.00
CA SER A 311 9.32 -41.96 -0.16
C SER A 311 8.54 -42.23 -1.44
N LYS A 312 9.24 -42.41 -2.56
CA LYS A 312 8.64 -42.78 -3.84
C LYS A 312 7.69 -41.69 -4.36
N THR A 313 8.23 -40.48 -4.49
CA THR A 313 7.52 -39.36 -5.08
C THR A 313 8.50 -38.63 -5.99
N PRO A 314 8.03 -38.11 -7.13
CA PRO A 314 8.95 -37.55 -8.13
C PRO A 314 9.87 -36.47 -7.59
N ILE A 315 9.43 -35.64 -6.65
CA ILE A 315 10.32 -34.62 -6.10
C ILE A 315 11.37 -35.27 -5.21
N ASN A 316 10.95 -36.18 -4.33
CA ASN A 316 11.92 -36.94 -3.54
C ASN A 316 12.78 -37.82 -4.43
N PHE A 317 12.27 -38.22 -5.59
CA PHE A 317 13.11 -38.89 -6.58
C PHE A 317 14.31 -38.03 -6.96
N LEU A 318 14.07 -36.76 -7.26
CA LEU A 318 15.17 -35.89 -7.69
C LEU A 318 16.09 -35.54 -6.55
N ARG A 319 15.54 -35.32 -5.35
CA ARG A 319 16.39 -35.01 -4.20
C ARG A 319 17.39 -36.14 -3.94
N ALA A 320 16.94 -37.39 -4.08
CA ALA A 320 17.83 -38.53 -3.94
C ALA A 320 18.85 -38.58 -5.07
N PHE A 321 18.54 -37.98 -6.21
CA PHE A 321 19.48 -37.99 -7.34
C PHE A 321 20.62 -37.00 -7.11
N LYS A 322 20.32 -35.86 -6.48
CA LYS A 322 21.35 -34.85 -6.26
C LYS A 322 22.43 -35.36 -5.30
N TYR A 323 22.04 -36.06 -4.24
CA TYR A 323 23.01 -36.56 -3.27
C TYR A 323 23.65 -37.87 -3.70
N ALA A 324 23.04 -38.60 -4.63
CA ALA A 324 23.69 -39.76 -5.22
C ALA A 324 24.85 -39.38 -6.12
N ILE A 325 24.98 -38.10 -6.48
CA ILE A 325 26.16 -37.63 -7.21
C ILE A 325 27.30 -37.35 -6.24
N LYS A 326 26.98 -36.82 -5.06
CA LYS A 326 28.00 -36.49 -4.07
C LYS A 326 28.63 -37.71 -3.42
N VAL A 327 28.06 -38.90 -3.60
CA VAL A 327 28.67 -40.10 -3.04
C VAL A 327 29.76 -40.66 -3.95
N GLY A 328 29.75 -40.32 -5.23
CA GLY A 328 30.80 -40.77 -6.14
C GLY A 328 30.74 -42.24 -6.47
N SER A 329 29.54 -42.82 -6.51
CA SER A 329 29.35 -44.25 -6.81
C SER A 329 28.60 -44.37 -8.13
N SER A 330 29.29 -44.86 -9.16
CA SER A 330 28.62 -45.14 -10.43
C SER A 330 27.68 -46.33 -10.34
N GLU A 331 27.83 -47.17 -9.31
CA GLU A 331 26.89 -48.27 -9.10
C GLU A 331 25.56 -47.75 -8.57
N LEU A 332 25.59 -46.71 -7.73
CA LEU A 332 24.35 -46.12 -7.23
C LEU A 332 23.59 -45.43 -8.36
N ILE A 333 24.32 -44.76 -9.27
CA ILE A 333 23.67 -44.13 -10.42
C ILE A 333 23.15 -45.19 -11.39
N ARG A 334 23.76 -46.38 -11.38
CA ARG A 334 23.26 -47.48 -12.21
C ARG A 334 21.86 -47.90 -11.77
N ASN A 335 21.72 -48.32 -10.50
CA ASN A 335 20.43 -48.79 -10.01
C ASN A 335 19.39 -47.68 -9.99
N LEU A 336 19.82 -46.42 -9.82
CA LEU A 336 18.87 -45.31 -9.75
C LEU A 336 18.21 -45.07 -11.10
N VAL A 337 19.00 -45.05 -12.18
CA VAL A 337 18.43 -44.81 -13.50
C VAL A 337 17.47 -45.93 -13.89
N GLU A 338 17.61 -47.12 -13.29
CA GLU A 338 16.61 -48.15 -13.49
C GLU A 338 15.27 -47.74 -12.90
N LEU A 339 15.29 -47.21 -11.67
CA LEU A 339 14.09 -46.69 -11.05
C LEU A 339 13.60 -45.42 -11.74
N ARG A 340 14.48 -44.73 -12.48
CA ARG A 340 14.05 -43.58 -13.27
C ARG A 340 13.18 -44.00 -14.45
N VAL A 341 13.40 -45.20 -14.99
CA VAL A 341 12.50 -45.72 -16.02
C VAL A 341 11.24 -46.30 -15.42
N LYS A 342 11.23 -46.57 -14.11
CA LYS A 342 10.03 -47.13 -13.48
C LYS A 342 8.99 -46.05 -13.22
N GLU A 343 9.39 -44.95 -12.56
CA GLU A 343 8.42 -43.93 -12.17
C GLU A 343 8.81 -42.54 -12.65
N PHE A 344 10.11 -42.26 -12.74
CA PHE A 344 10.53 -40.99 -13.34
C PHE A 344 10.30 -40.95 -14.84
N TYR A 345 10.03 -42.10 -15.47
CA TYR A 345 9.78 -42.13 -16.91
C TYR A 345 8.62 -41.25 -17.32
N ARG A 346 7.61 -41.09 -16.45
CA ARG A 346 6.42 -40.34 -16.81
C ARG A 346 6.62 -38.83 -16.75
N ILE A 347 7.62 -38.35 -16.04
CA ILE A 347 7.77 -36.92 -15.83
C ILE A 347 9.16 -36.45 -16.27
N ILE A 348 9.83 -37.28 -17.07
CA ILE A 348 11.07 -36.81 -17.69
C ILE A 348 10.74 -35.77 -18.75
N VAL A 349 9.57 -35.86 -19.36
CA VAL A 349 9.09 -34.81 -20.26
C VAL A 349 8.54 -33.62 -19.47
N ASP A 350 8.22 -33.81 -18.19
CA ASP A 350 7.68 -32.74 -17.38
C ASP A 350 8.77 -31.83 -16.82
N PHE A 351 9.86 -32.43 -16.32
CA PHE A 351 10.98 -31.69 -15.72
C PHE A 351 12.25 -31.99 -16.49
N PRO A 352 12.40 -31.46 -17.71
CA PRO A 352 13.61 -31.75 -18.48
C PRO A 352 14.82 -30.96 -17.99
N ARG A 353 14.66 -29.65 -17.77
CA ARG A 353 15.79 -28.81 -17.41
C ARG A 353 16.32 -29.14 -16.02
N MET A 354 15.43 -29.47 -15.09
CA MET A 354 15.86 -29.90 -13.76
C MET A 354 16.68 -31.18 -13.87
N TYR A 355 16.09 -32.22 -14.49
CA TYR A 355 16.77 -33.49 -14.67
C TYR A 355 18.02 -33.33 -15.52
N GLN A 356 18.03 -32.36 -16.44
CA GLN A 356 19.21 -32.11 -17.26
C GLN A 356 20.40 -31.68 -16.42
N ARG A 357 20.17 -30.75 -15.49
CA ARG A 357 21.28 -30.24 -14.69
C ARG A 357 21.85 -31.32 -13.77
N LEU A 358 21.00 -32.22 -13.27
CA LEU A 358 21.49 -33.30 -12.44
C LEU A 358 22.28 -34.32 -13.25
N LEU A 359 21.83 -34.61 -14.47
CA LEU A 359 22.52 -35.58 -15.32
C LEU A 359 23.83 -35.01 -15.85
N MET A 360 23.79 -33.77 -16.36
CA MET A 360 25.00 -33.15 -16.89
C MET A 360 26.07 -32.99 -15.82
N GLU A 361 25.70 -33.03 -14.54
CA GLU A 361 26.69 -33.07 -13.48
C GLU A 361 27.58 -34.29 -13.60
N VAL A 362 27.06 -35.37 -14.16
CA VAL A 362 27.85 -36.57 -14.41
C VAL A 362 27.78 -36.91 -15.89
N GLU A 363 28.25 -36.00 -16.75
CA GLU A 363 28.28 -36.26 -18.18
C GLU A 363 29.13 -37.49 -18.51
N ASP A 364 30.18 -37.73 -17.72
CA ASP A 364 31.08 -38.85 -17.99
C ASP A 364 30.43 -40.20 -17.71
N ASN A 365 29.40 -40.24 -16.88
CA ASN A 365 28.74 -41.51 -16.58
C ASN A 365 28.02 -42.01 -17.83
N PRO A 366 28.18 -43.28 -18.21
CA PRO A 366 27.49 -43.78 -19.40
C PRO A 366 25.98 -43.79 -19.27
N TYR A 367 25.48 -44.19 -18.09
CA TYR A 367 24.03 -44.21 -17.88
C TYR A 367 23.44 -42.81 -17.93
N ALA A 368 24.19 -41.80 -17.49
CA ALA A 368 23.73 -40.42 -17.62
C ALA A 368 23.70 -39.99 -19.08
N LYS A 369 24.68 -40.44 -19.87
CA LYS A 369 24.67 -40.16 -21.30
C LYS A 369 23.42 -40.70 -21.97
N ILE A 370 22.81 -41.73 -21.39
CA ILE A 370 21.59 -42.32 -21.96
C ILE A 370 20.41 -41.37 -21.80
N GLU A 371 20.11 -40.96 -20.57
CA GLU A 371 18.97 -40.09 -20.32
C GLU A 371 19.18 -38.70 -20.92
N ILE A 372 20.43 -38.24 -21.01
CA ILE A 372 20.70 -36.97 -21.69
C ILE A 372 20.31 -37.07 -23.16
N ALA A 373 20.61 -38.19 -23.80
CA ALA A 373 20.20 -38.40 -25.19
C ALA A 373 18.68 -38.44 -25.31
N ILE A 374 17.99 -38.96 -24.30
CA ILE A 374 16.52 -38.99 -24.34
C ILE A 374 15.96 -37.58 -24.30
N ILE A 375 16.59 -36.69 -23.51
CA ILE A 375 16.16 -35.30 -23.48
C ILE A 375 16.37 -34.65 -24.84
N GLU A 376 17.55 -34.86 -25.42
CA GLU A 376 17.83 -34.34 -26.76
C GLU A 376 17.04 -35.05 -27.85
N VAL A 377 16.46 -36.21 -27.55
CA VAL A 377 15.50 -36.82 -28.47
C VAL A 377 14.23 -36.00 -28.54
N GLN A 378 13.71 -35.60 -27.37
CA GLN A 378 12.51 -34.78 -27.33
C GLN A 378 12.78 -33.36 -27.79
N ARG A 379 14.01 -32.89 -27.66
CA ARG A 379 14.37 -31.55 -28.09
C ARG A 379 14.69 -31.46 -29.58
N GLY A 380 14.72 -32.58 -30.29
CA GLY A 380 14.90 -32.59 -31.73
C GLY A 380 16.32 -32.83 -32.20
N LEU A 381 17.31 -32.71 -31.32
CA LEU A 381 18.71 -32.91 -31.70
C LEU A 381 18.99 -34.40 -31.70
N PHE A 382 18.63 -35.05 -32.81
CA PHE A 382 18.85 -36.49 -32.95
C PHE A 382 20.31 -36.84 -33.18
N GLU A 383 21.11 -35.91 -33.68
CA GLU A 383 22.53 -36.19 -33.93
C GLU A 383 23.28 -36.40 -32.62
N LYS A 384 23.10 -35.49 -31.66
CA LYS A 384 23.72 -35.66 -30.36
C LYS A 384 23.23 -36.91 -29.65
N ALA A 385 21.95 -37.26 -29.84
CA ALA A 385 21.38 -38.43 -29.18
C ALA A 385 22.07 -39.70 -29.64
N ILE A 386 22.11 -39.94 -30.95
CA ILE A 386 22.76 -41.14 -31.48
C ILE A 386 24.23 -41.13 -31.13
N LYS A 387 24.85 -39.95 -31.12
CA LYS A 387 26.27 -39.84 -30.78
C LYS A 387 26.53 -40.35 -29.37
N LEU A 388 25.74 -39.89 -28.40
CA LEU A 388 25.89 -40.37 -27.03
C LEU A 388 25.48 -41.83 -26.90
N LEU A 389 24.55 -42.29 -27.73
CA LEU A 389 24.13 -43.69 -27.70
C LEU A 389 25.21 -44.63 -28.18
N LYS A 390 26.19 -44.12 -28.95
CA LYS A 390 27.32 -44.93 -29.37
C LYS A 390 28.48 -44.88 -28.38
N GLU A 391 28.64 -43.76 -27.68
CA GLU A 391 29.74 -43.63 -26.73
C GLU A 391 29.51 -44.49 -25.50
N ALA A 392 28.31 -44.47 -24.94
CA ALA A 392 27.96 -45.25 -23.76
C ALA A 392 27.46 -46.64 -24.10
N GLU A 393 27.81 -47.17 -25.27
CA GLU A 393 27.29 -48.48 -25.68
C GLU A 393 27.91 -49.64 -24.90
N PRO A 394 29.24 -49.74 -24.73
CA PRO A 394 29.78 -50.97 -24.13
C PRO A 394 29.55 -51.08 -22.63
N TYR A 395 29.60 -49.97 -21.89
CA TYR A 395 29.61 -50.05 -20.44
C TYR A 395 28.29 -50.57 -19.88
N VAL A 396 27.18 -50.34 -20.59
CA VAL A 396 25.87 -50.67 -20.04
C VAL A 396 25.68 -52.19 -19.97
N ASP A 397 24.76 -52.62 -19.11
CA ASP A 397 24.43 -54.02 -18.94
C ASP A 397 23.49 -54.47 -20.06
N GLU A 398 23.07 -55.75 -19.99
CA GLU A 398 22.17 -56.29 -21.01
C GLU A 398 20.79 -55.68 -20.91
N PHE A 399 20.38 -55.24 -19.72
CA PHE A 399 19.09 -54.57 -19.58
C PHE A 399 19.10 -53.21 -20.25
N PHE A 400 20.11 -52.39 -19.97
CA PHE A 400 20.21 -51.09 -20.61
C PHE A 400 20.55 -51.20 -22.08
N LYS A 401 21.23 -52.29 -22.48
CA LYS A 401 21.56 -52.50 -23.88
C LYS A 401 20.31 -52.54 -24.75
N CYS A 402 19.23 -53.09 -24.22
CA CYS A 402 17.97 -53.12 -24.97
C CYS A 402 17.39 -51.73 -25.13
N GLU A 403 17.41 -50.92 -24.06
CA GLU A 403 16.82 -49.59 -24.13
C GLU A 403 17.61 -48.65 -25.03
N ILE A 404 18.93 -48.88 -25.16
CA ILE A 404 19.73 -48.08 -26.07
C ILE A 404 19.29 -48.32 -27.51
N TYR A 405 19.20 -49.58 -27.91
CA TYR A 405 18.81 -49.91 -29.28
C TYR A 405 17.35 -49.57 -29.54
N SER A 406 16.51 -49.55 -28.51
CA SER A 406 15.12 -49.15 -28.70
C SER A 406 15.02 -47.65 -29.01
N TRP A 407 15.75 -46.83 -28.27
CA TRP A 407 15.79 -45.41 -28.58
C TRP A 407 16.62 -45.13 -29.83
N LEU A 408 17.63 -45.95 -30.09
CA LEU A 408 18.35 -45.84 -31.37
C LEU A 408 17.41 -46.16 -32.52
N ALA A 409 16.52 -47.13 -32.35
CA ALA A 409 15.50 -47.38 -33.37
C ALA A 409 14.54 -46.20 -33.46
N ASP A 410 14.15 -45.63 -32.32
CA ASP A 410 13.35 -44.41 -32.35
C ASP A 410 14.13 -43.23 -32.90
N ALA A 411 15.46 -43.22 -32.71
CA ALA A 411 16.28 -42.15 -33.27
C ALA A 411 16.31 -42.23 -34.78
N TYR A 412 16.56 -43.43 -35.33
CA TYR A 412 16.50 -43.63 -36.77
C TYR A 412 15.09 -43.56 -37.31
N MET A 413 14.08 -43.63 -36.44
CA MET A 413 12.68 -43.52 -36.88
C MET A 413 12.38 -42.12 -37.40
N GLU A 414 12.80 -41.10 -36.66
CA GLU A 414 12.58 -39.71 -37.06
C GLU A 414 13.53 -39.25 -38.15
N LEU A 415 14.38 -40.13 -38.67
CA LEU A 415 15.28 -39.81 -39.77
C LEU A 415 14.86 -40.51 -41.07
N GLU A 416 13.64 -41.04 -41.12
CA GLU A 416 13.14 -41.79 -42.27
C GLU A 416 14.10 -42.92 -42.63
N ASN A 417 14.57 -43.63 -41.60
CA ASN A 417 15.56 -44.70 -41.75
C ASN A 417 15.00 -45.97 -41.09
N LEU A 418 14.02 -46.58 -41.75
CA LEU A 418 13.36 -47.75 -41.18
C LEU A 418 14.24 -49.00 -41.26
N GLU A 419 15.16 -49.05 -42.23
CA GLU A 419 16.00 -50.25 -42.37
C GLU A 419 17.02 -50.34 -41.25
N LYS A 420 17.70 -49.23 -40.94
CA LYS A 420 18.62 -49.24 -39.82
C LYS A 420 17.89 -49.28 -38.49
N ALA A 421 16.68 -48.73 -38.44
CA ALA A 421 15.86 -48.87 -37.23
C ALA A 421 15.39 -50.30 -37.04
N GLU A 422 15.19 -51.03 -38.14
CA GLU A 422 14.76 -52.43 -38.04
C GLU A 422 15.88 -53.32 -37.53
N ARG A 423 17.11 -53.11 -38.02
CA ARG A 423 18.24 -53.91 -37.58
C ARG A 423 18.67 -53.56 -36.15
N TYR A 424 18.35 -52.36 -35.68
CA TYR A 424 18.65 -52.01 -34.29
C TYR A 424 17.59 -52.53 -33.33
N LEU A 425 16.32 -52.56 -33.75
CA LEU A 425 15.31 -53.26 -32.97
C LEU A 425 15.42 -54.77 -33.14
N LYS A 426 16.11 -55.24 -34.18
CA LYS A 426 16.39 -56.66 -34.31
C LYS A 426 17.37 -57.14 -33.26
N LYS A 427 18.25 -56.23 -32.81
CA LYS A 427 19.17 -56.56 -31.73
C LYS A 427 18.45 -56.79 -30.40
N THR A 428 17.25 -56.23 -30.25
CA THR A 428 16.48 -56.37 -29.02
C THR A 428 15.50 -57.54 -29.08
N LYS A 429 15.37 -58.21 -30.22
CA LYS A 429 14.51 -59.38 -30.32
C LYS A 429 14.95 -60.52 -29.40
N GLU A 430 16.22 -60.54 -29.01
CA GLU A 430 16.77 -61.61 -28.20
C GLU A 430 17.02 -61.21 -26.75
N ILE A 431 16.96 -59.94 -26.42
CA ILE A 431 17.28 -59.48 -25.07
C ILE A 431 16.06 -59.57 -24.15
N VAL A 432 14.91 -59.07 -24.61
CA VAL A 432 13.70 -59.10 -23.79
C VAL A 432 13.23 -60.53 -23.56
N GLU A 433 13.53 -61.44 -24.48
CA GLU A 433 13.11 -62.82 -24.33
C GLU A 433 14.05 -63.62 -23.43
N LYS A 434 15.33 -63.23 -23.36
CA LYS A 434 16.31 -63.95 -22.57
C LYS A 434 16.35 -63.49 -21.12
N ILE A 435 16.15 -62.20 -20.86
CA ILE A 435 16.10 -61.70 -19.49
C ILE A 435 14.69 -61.71 -18.93
N ASN A 436 13.67 -61.70 -19.79
CA ASN A 436 12.26 -61.72 -19.38
C ASN A 436 11.94 -60.58 -18.42
N ASP A 437 12.55 -59.42 -18.66
CA ASP A 437 12.27 -58.24 -17.86
C ASP A 437 10.97 -57.60 -18.34
N MET A 438 10.19 -57.10 -17.39
CA MET A 438 8.91 -56.48 -17.73
C MET A 438 9.12 -55.13 -18.39
N TYR A 439 9.93 -54.27 -17.77
CA TYR A 439 10.14 -52.91 -18.29
C TYR A 439 10.85 -52.95 -19.63
N ALA A 440 11.83 -53.84 -19.79
CA ALA A 440 12.51 -53.96 -21.08
C ALA A 440 11.56 -54.47 -22.15
N TRP A 441 10.66 -55.39 -21.79
CA TRP A 441 9.67 -55.88 -22.75
C TRP A 441 8.70 -54.79 -23.16
N PHE A 442 8.46 -53.81 -22.28
CA PHE A 442 7.55 -52.71 -22.61
C PHE A 442 8.11 -51.83 -23.72
N SER A 443 9.31 -51.27 -23.51
CA SER A 443 9.91 -50.40 -24.51
C SER A 443 10.26 -51.16 -25.80
N TYR A 444 10.35 -52.48 -25.74
CA TYR A 444 10.64 -53.26 -26.94
C TYR A 444 9.48 -53.20 -27.93
N TYR A 445 8.29 -53.60 -27.49
CA TYR A 445 7.10 -53.52 -28.33
C TYR A 445 6.58 -52.10 -28.48
N ALA A 446 7.02 -51.17 -27.63
CA ALA A 446 6.60 -49.78 -27.78
C ALA A 446 7.20 -49.16 -29.04
N GLU A 447 8.52 -49.28 -29.19
CA GLU A 447 9.17 -48.79 -30.41
C GLU A 447 8.85 -49.65 -31.61
N LYS A 448 8.42 -50.89 -31.41
CA LYS A 448 8.05 -51.75 -32.53
C LYS A 448 6.73 -51.28 -33.16
N THR A 449 5.76 -50.87 -32.33
CA THR A 449 4.54 -50.31 -32.87
C THR A 449 4.80 -49.03 -33.65
N LYS A 450 5.67 -48.16 -33.12
CA LYS A 450 6.02 -46.93 -33.81
C LYS A 450 6.79 -47.21 -35.09
N TYR A 451 7.58 -48.30 -35.12
CA TYR A 451 8.31 -48.64 -36.33
C TYR A 451 7.38 -49.02 -37.48
N GLU A 452 6.34 -49.80 -37.18
CA GLU A 452 5.37 -50.17 -38.21
C GLU A 452 4.41 -49.04 -38.53
N TYR A 453 4.08 -48.21 -37.53
CA TYR A 453 3.17 -47.10 -37.77
C TYR A 453 3.76 -46.11 -38.76
N TYR A 454 5.08 -45.93 -38.72
CA TYR A 454 5.74 -45.07 -39.71
C TYR A 454 5.61 -45.65 -41.11
N LYS A 455 5.61 -46.97 -41.23
CA LYS A 455 5.38 -47.64 -42.50
C LYS A 455 3.88 -47.62 -42.83
N GLU A 456 3.58 -47.75 -44.13
CA GLU A 456 2.19 -47.84 -44.56
C GLU A 456 1.46 -49.00 -43.88
N ASN A 457 2.19 -50.05 -43.53
CA ASN A 457 1.59 -51.20 -42.87
C ASN A 457 0.97 -50.81 -41.53
N SER A 458 -0.29 -51.17 -41.34
CA SER A 458 -1.00 -50.94 -40.08
C SER A 458 -1.47 -52.25 -39.46
N ARG A 459 -0.89 -53.37 -39.87
CA ARG A 459 -1.30 -54.70 -39.39
C ARG A 459 -0.44 -55.20 -38.24
N GLU A 460 0.90 -55.22 -38.42
CA GLU A 460 1.77 -55.74 -37.36
C GLU A 460 1.74 -54.83 -36.13
N ALA A 461 1.43 -53.55 -36.30
CA ALA A 461 1.30 -52.65 -35.15
C ALA A 461 0.13 -53.02 -34.26
N LEU A 462 -0.87 -53.73 -34.80
CA LEU A 462 -2.03 -54.10 -34.00
C LEU A 462 -1.70 -55.18 -32.98
N LYS A 463 -0.84 -56.13 -33.34
CA LYS A 463 -0.47 -57.21 -32.44
C LYS A 463 0.69 -56.85 -31.54
N SER A 464 1.58 -55.95 -31.98
CA SER A 464 2.68 -55.53 -31.12
C SER A 464 2.18 -54.66 -29.97
N ALA A 465 1.10 -53.91 -30.18
CA ALA A 465 0.50 -53.13 -29.11
C ALA A 465 -0.34 -53.98 -28.16
N LEU A 466 -0.83 -55.14 -28.62
CA LEU A 466 -1.60 -56.02 -27.75
C LEU A 466 -0.70 -56.61 -26.65
N LYS A 467 0.37 -57.29 -27.06
CA LYS A 467 1.31 -57.85 -26.08
C LYS A 467 2.01 -56.75 -25.29
N GLU A 468 2.05 -55.52 -25.82
CA GLU A 468 2.53 -54.39 -25.04
C GLU A 468 1.60 -54.08 -23.87
N LEU A 469 0.29 -54.16 -24.09
CA LEU A 469 -0.67 -53.95 -23.02
C LEU A 469 -0.57 -55.03 -21.95
N GLU A 470 -0.18 -56.26 -22.33
CA GLU A 470 -0.04 -57.33 -21.37
C GLU A 470 1.00 -57.00 -20.29
N ILE A 471 2.00 -56.18 -20.63
CA ILE A 471 3.00 -55.80 -19.65
C ILE A 471 2.50 -54.65 -18.77
N ILE A 472 1.75 -53.71 -19.37
CA ILE A 472 1.28 -52.55 -18.61
C ILE A 472 0.23 -52.95 -17.58
N ARG A 473 -0.54 -54.01 -17.85
CA ARG A 473 -1.54 -54.48 -16.90
C ARG A 473 -0.93 -55.10 -15.65
N LYS A 474 0.40 -55.23 -15.58
CA LYS A 474 1.08 -55.80 -14.43
C LYS A 474 1.69 -54.74 -13.51
N ILE A 475 2.26 -53.69 -14.07
CA ILE A 475 2.89 -52.65 -13.25
C ILE A 475 1.83 -51.84 -12.49
N GLY A 476 0.81 -51.39 -13.20
CA GLY A 476 -0.26 -50.62 -12.59
C GLY A 476 -0.23 -49.13 -12.84
N ASP A 477 0.44 -48.66 -13.89
CA ASP A 477 0.49 -47.24 -14.20
C ASP A 477 -0.67 -46.89 -15.13
N PRO A 478 -1.61 -46.05 -14.71
CA PRO A 478 -2.82 -45.81 -15.52
C PRO A 478 -2.61 -44.90 -16.73
N GLU A 479 -1.65 -43.98 -16.65
CA GLU A 479 -1.44 -43.03 -17.74
C GLU A 479 -1.01 -43.74 -19.01
N LYS A 480 0.04 -44.57 -18.93
CA LYS A 480 0.53 -45.25 -20.11
C LYS A 480 -0.45 -46.30 -20.62
N GLU A 481 -1.25 -46.88 -19.72
CA GLU A 481 -2.25 -47.85 -20.16
C GLU A 481 -3.35 -47.18 -20.96
N GLY A 482 -3.71 -45.94 -20.61
CA GLY A 482 -4.70 -45.22 -21.38
C GLY A 482 -4.15 -44.69 -22.69
N LEU A 483 -2.86 -44.39 -22.73
CA LEU A 483 -2.25 -43.88 -23.96
C LEU A 483 -2.24 -44.94 -25.06
N VAL A 484 -2.02 -46.20 -24.70
CA VAL A 484 -2.03 -47.27 -25.68
C VAL A 484 -3.45 -47.58 -26.14
N LEU A 485 -4.40 -47.60 -25.20
CA LEU A 485 -5.79 -47.86 -25.55
C LEU A 485 -6.32 -46.81 -26.52
N LEU A 486 -5.88 -45.57 -26.37
CA LEU A 486 -6.27 -44.52 -27.31
C LEU A 486 -5.55 -44.71 -28.65
N HIS A 487 -4.29 -45.14 -28.61
CA HIS A 487 -3.51 -45.26 -29.84
C HIS A 487 -3.95 -46.46 -30.66
N VAL A 488 -4.27 -47.58 -30.02
CA VAL A 488 -4.84 -48.72 -30.74
C VAL A 488 -6.20 -48.36 -31.31
N GLY A 489 -6.92 -47.47 -30.63
CA GLY A 489 -8.18 -46.96 -31.15
C GLY A 489 -8.00 -46.00 -32.31
N ASP A 490 -6.75 -45.84 -32.77
CA ASP A 490 -6.44 -45.04 -33.94
C ASP A 490 -5.93 -45.88 -35.11
N ILE A 491 -5.15 -46.92 -34.85
CA ILE A 491 -4.67 -47.78 -35.94
C ILE A 491 -5.84 -48.55 -36.55
N TYR A 492 -6.77 -48.99 -35.72
CA TYR A 492 -7.94 -49.71 -36.24
C TYR A 492 -8.84 -48.79 -37.06
N LEU A 493 -8.90 -47.50 -36.73
CA LEU A 493 -9.70 -46.57 -37.51
C LEU A 493 -9.08 -46.34 -38.89
N HIS A 494 -7.75 -46.32 -38.98
CA HIS A 494 -7.09 -46.19 -40.26
C HIS A 494 -7.17 -47.46 -41.09
N MET A 495 -7.40 -48.61 -40.46
CA MET A 495 -7.62 -49.86 -41.17
C MET A 495 -8.97 -49.91 -41.88
N GLY A 496 -9.85 -48.94 -41.63
CA GLY A 496 -11.21 -48.99 -42.12
C GLY A 496 -12.21 -49.59 -41.16
N ASN A 497 -11.76 -50.11 -40.02
CA ASN A 497 -12.65 -50.71 -39.03
C ASN A 497 -13.17 -49.63 -38.09
N TYR A 498 -14.46 -49.71 -37.76
CA TYR A 498 -15.11 -48.75 -36.90
C TYR A 498 -15.48 -49.29 -35.54
N GLU A 499 -15.86 -50.57 -35.45
CA GLU A 499 -16.30 -51.13 -34.17
C GLU A 499 -15.14 -51.24 -33.19
N LYS A 500 -13.96 -51.66 -33.66
CA LYS A 500 -12.80 -51.77 -32.77
C LYS A 500 -12.33 -50.41 -32.28
N GLY A 501 -12.43 -49.39 -33.12
CA GLY A 501 -11.97 -48.06 -32.72
C GLY A 501 -12.84 -47.44 -31.65
N ILE A 502 -14.17 -47.44 -31.87
CA ILE A 502 -15.08 -46.77 -30.95
C ILE A 502 -15.06 -47.44 -29.58
N SER A 503 -14.81 -48.75 -29.53
CA SER A 503 -14.83 -49.45 -28.25
C SER A 503 -13.51 -49.30 -27.50
N TYR A 504 -12.41 -49.05 -28.20
CA TYR A 504 -11.12 -49.01 -27.53
C TYR A 504 -10.91 -47.69 -26.79
N TYR A 505 -11.23 -46.56 -27.41
CA TYR A 505 -11.10 -45.30 -26.69
C TYR A 505 -12.31 -44.98 -25.81
N GLN A 506 -13.38 -45.78 -25.90
CA GLN A 506 -14.47 -45.66 -24.93
C GLN A 506 -14.12 -46.37 -23.63
N GLU A 507 -13.40 -47.49 -23.71
CA GLU A 507 -12.87 -48.12 -22.52
C GLU A 507 -11.70 -47.32 -21.94
N ALA A 508 -10.96 -46.60 -22.79
CA ALA A 508 -9.95 -45.69 -22.29
C ALA A 508 -10.59 -44.49 -21.60
N LEU A 509 -11.73 -44.03 -22.13
CA LEU A 509 -12.50 -43.02 -21.42
C LEU A 509 -13.05 -43.57 -20.11
N LYS A 510 -13.42 -44.85 -20.09
CA LYS A 510 -13.79 -45.50 -18.85
C LYS A 510 -12.62 -45.52 -17.88
N MET A 511 -11.39 -45.56 -18.39
CA MET A 511 -10.20 -45.45 -17.56
C MET A 511 -9.94 -44.01 -17.14
N ALA A 512 -10.08 -43.06 -18.08
CA ALA A 512 -9.82 -41.66 -17.77
C ALA A 512 -10.81 -41.12 -16.75
N LYS A 513 -12.07 -41.53 -16.85
CA LYS A 513 -13.07 -41.12 -15.85
C LYS A 513 -12.79 -41.74 -14.49
N ALA A 514 -12.22 -42.94 -14.46
CA ALA A 514 -12.02 -43.65 -13.19
C ALA A 514 -10.91 -43.02 -12.36
N TYR A 515 -9.79 -42.66 -12.99
CA TYR A 515 -8.64 -42.12 -12.27
C TYR A 515 -8.64 -40.60 -12.20
N GLY A 516 -9.67 -39.94 -12.74
CA GLY A 516 -9.75 -38.49 -12.66
C GLY A 516 -8.73 -37.75 -13.48
N ILE A 517 -8.38 -38.26 -14.65
CA ILE A 517 -7.43 -37.63 -15.55
C ILE A 517 -8.23 -36.83 -16.57
N LYS A 518 -8.23 -35.50 -16.41
CA LYS A 518 -8.99 -34.65 -17.33
C LYS A 518 -8.30 -34.50 -18.67
N PHE A 519 -6.98 -34.71 -18.73
CA PHE A 519 -6.26 -34.59 -19.98
C PHE A 519 -6.64 -35.72 -20.93
N LEU A 520 -6.44 -36.97 -20.50
CA LEU A 520 -6.83 -38.11 -21.31
C LEU A 520 -8.34 -38.19 -21.51
N GLU A 521 -9.12 -37.56 -20.63
CA GLU A 521 -10.57 -37.60 -20.76
C GLU A 521 -11.02 -36.86 -22.01
N HIS A 522 -10.46 -35.67 -22.24
CA HIS A 522 -10.84 -34.88 -23.42
C HIS A 522 -10.07 -35.28 -24.67
N ILE A 523 -8.98 -36.05 -24.53
CA ILE A 523 -8.34 -36.64 -25.71
C ILE A 523 -9.26 -37.69 -26.32
N SER A 524 -9.83 -38.56 -25.49
CA SER A 524 -10.78 -39.55 -25.99
C SER A 524 -12.05 -38.90 -26.53
N TYR A 525 -12.43 -37.73 -25.99
CA TYR A 525 -13.58 -37.01 -26.52
C TYR A 525 -13.34 -36.59 -27.95
N MET A 526 -12.10 -36.25 -28.28
CA MET A 526 -11.75 -35.90 -29.66
C MET A 526 -11.77 -37.14 -30.56
N GLU A 527 -11.38 -38.30 -30.04
CA GLU A 527 -11.44 -39.53 -30.82
C GLU A 527 -12.87 -40.02 -30.98
N LEU A 528 -13.72 -39.81 -29.97
CA LEU A 528 -15.11 -40.25 -30.07
C LEU A 528 -15.88 -39.39 -31.07
N ALA A 529 -15.59 -38.10 -31.13
CA ALA A 529 -16.27 -37.22 -32.08
C ALA A 529 -15.81 -37.51 -33.51
N LYS A 530 -14.51 -37.77 -33.71
CA LYS A 530 -14.00 -38.02 -35.05
C LYS A 530 -14.52 -39.35 -35.62
N GLY A 531 -14.68 -40.36 -34.75
CA GLY A 531 -15.18 -41.63 -35.24
C GLY A 531 -16.59 -41.55 -35.77
N TYR A 532 -17.47 -40.87 -35.04
CA TYR A 532 -18.85 -40.69 -35.49
C TYR A 532 -18.94 -39.77 -36.71
N TYR A 533 -17.91 -38.96 -36.97
CA TYR A 533 -17.90 -38.15 -38.17
C TYR A 533 -17.65 -39.00 -39.41
N GLN A 534 -16.81 -40.02 -39.29
CA GLN A 534 -16.56 -40.92 -40.41
C GLN A 534 -17.79 -41.74 -40.75
N LEU A 535 -18.64 -42.02 -39.76
CA LEU A 535 -19.92 -42.68 -39.98
C LEU A 535 -21.05 -41.70 -40.23
N LYS A 536 -20.73 -40.42 -40.39
CA LYS A 536 -21.72 -39.38 -40.69
C LYS A 536 -22.81 -39.29 -39.62
N LEU A 537 -22.50 -39.73 -38.39
CA LEU A 537 -23.41 -39.57 -37.26
C LEU A 537 -23.25 -38.14 -36.76
N TYR A 538 -23.99 -37.23 -37.40
CA TYR A 538 -23.77 -35.81 -37.21
C TYR A 538 -24.02 -35.40 -35.76
N GLU A 539 -25.06 -35.96 -35.14
CA GLU A 539 -25.46 -35.56 -33.80
C GLU A 539 -24.33 -35.78 -32.80
N LYS A 540 -23.94 -37.04 -32.59
CA LYS A 540 -22.96 -37.33 -31.55
C LYS A 540 -21.59 -36.74 -31.89
N ALA A 541 -21.19 -36.82 -33.16
CA ALA A 541 -19.88 -36.31 -33.56
C ALA A 541 -19.74 -34.82 -33.24
N SER A 542 -20.82 -34.05 -33.41
CA SER A 542 -20.80 -32.63 -33.12
C SER A 542 -20.85 -32.32 -31.63
N GLU A 543 -21.40 -33.23 -30.82
CA GLU A 543 -21.50 -32.98 -29.38
C GLU A 543 -20.15 -33.19 -28.69
N TYR A 544 -19.53 -34.36 -28.92
CA TYR A 544 -18.23 -34.63 -28.30
C TYR A 544 -17.14 -33.69 -28.78
N SER A 545 -17.30 -33.11 -29.97
CA SER A 545 -16.36 -32.09 -30.43
C SER A 545 -16.55 -30.78 -29.67
N GLU A 546 -17.77 -30.50 -29.20
CA GLU A 546 -18.02 -29.27 -28.46
C GLU A 546 -17.30 -29.26 -27.11
N LYS A 547 -17.27 -30.41 -26.42
CA LYS A 547 -16.57 -30.48 -25.15
C LYS A 547 -15.07 -30.56 -25.33
N ALA A 548 -14.60 -31.22 -26.39
CA ALA A 548 -13.17 -31.27 -26.66
C ALA A 548 -12.65 -29.89 -27.07
N ALA A 549 -13.40 -29.18 -27.92
CA ALA A 549 -12.99 -27.84 -28.32
C ALA A 549 -12.98 -26.88 -27.13
N ASN A 550 -13.98 -26.99 -26.26
CA ASN A 550 -13.99 -26.20 -25.04
C ASN A 550 -12.76 -26.47 -24.18
N TYR A 551 -12.26 -27.70 -24.20
CA TYR A 551 -11.08 -28.05 -23.42
C TYR A 551 -9.83 -27.40 -24.01
N PHE A 552 -9.52 -27.72 -25.28
CA PHE A 552 -8.28 -27.25 -25.88
C PHE A 552 -8.27 -25.74 -26.07
N LEU A 553 -9.45 -25.12 -26.19
CA LEU A 553 -9.52 -23.66 -26.14
C LEU A 553 -9.20 -23.15 -24.73
N MET A 554 -9.59 -23.90 -23.69
CA MET A 554 -9.27 -23.53 -22.33
C MET A 554 -7.83 -23.88 -21.96
N ILE A 555 -7.33 -25.01 -22.46
CA ILE A 555 -5.93 -25.40 -22.25
C ILE A 555 -5.00 -24.67 -23.21
N ARG A 556 -5.55 -23.94 -24.19
CA ARG A 556 -4.78 -23.15 -25.14
C ARG A 556 -3.91 -24.05 -26.03
N ASN A 557 -4.38 -25.26 -26.30
CA ASN A 557 -3.77 -26.12 -27.32
C ASN A 557 -4.56 -25.91 -28.60
N TYR A 558 -4.27 -24.77 -29.25
CA TYR A 558 -5.04 -24.34 -30.41
C TYR A 558 -4.85 -25.23 -31.62
N ARG A 559 -3.78 -26.03 -31.67
CA ARG A 559 -3.59 -26.95 -32.78
C ARG A 559 -4.71 -27.97 -32.82
N ARG A 560 -4.95 -28.66 -31.71
CA ARG A 560 -6.05 -29.61 -31.63
C ARG A 560 -7.38 -28.92 -31.40
N ALA A 561 -7.37 -27.73 -30.77
CA ALA A 561 -8.60 -26.96 -30.65
C ALA A 561 -9.15 -26.59 -32.03
N THR A 562 -8.26 -26.30 -32.97
CA THR A 562 -8.67 -26.07 -34.34
C THR A 562 -9.24 -27.35 -34.96
N ASP A 563 -8.54 -28.47 -34.78
CA ASP A 563 -9.00 -29.74 -35.30
C ASP A 563 -10.34 -30.15 -34.71
N ALA A 564 -10.62 -29.76 -33.46
CA ALA A 564 -11.89 -30.08 -32.84
C ALA A 564 -13.04 -29.30 -33.49
N MET A 565 -12.94 -27.97 -33.52
CA MET A 565 -13.98 -27.14 -34.12
C MET A 565 -14.08 -27.30 -35.63
N ALA A 566 -13.09 -27.92 -36.28
CA ALA A 566 -13.17 -28.12 -37.72
C ALA A 566 -14.20 -29.18 -38.08
N TYR A 567 -14.00 -30.41 -37.59
CA TYR A 567 -15.00 -31.45 -37.80
C TYR A 567 -16.29 -31.14 -37.03
N GLY A 568 -16.18 -30.37 -35.95
CA GLY A 568 -17.38 -30.01 -35.21
C GLY A 568 -18.28 -29.07 -35.98
N SER A 569 -17.69 -28.03 -36.58
CA SER A 569 -18.50 -27.09 -37.36
C SER A 569 -19.06 -27.75 -38.61
N VAL A 570 -18.35 -28.73 -39.17
CA VAL A 570 -18.85 -29.43 -40.36
C VAL A 570 -20.06 -30.29 -40.00
N SER A 571 -19.87 -31.25 -39.10
CA SER A 571 -20.95 -32.18 -38.76
C SER A 571 -22.14 -31.49 -38.10
N TYR A 572 -21.93 -30.32 -37.50
CA TYR A 572 -23.03 -29.65 -36.79
C TYR A 572 -24.09 -29.16 -37.78
N ILE A 573 -23.68 -28.32 -38.73
CA ILE A 573 -24.61 -27.74 -39.69
C ILE A 573 -25.30 -28.77 -40.56
N ALA A 574 -24.83 -30.02 -40.54
CA ALA A 574 -25.46 -31.07 -41.34
C ALA A 574 -26.91 -31.28 -40.90
N THR A 575 -27.13 -31.42 -39.59
CA THR A 575 -28.48 -31.65 -39.07
C THR A 575 -28.81 -30.79 -37.86
N LYS A 576 -27.96 -29.84 -37.48
CA LYS A 576 -28.19 -29.01 -36.30
C LYS A 576 -28.20 -27.53 -36.71
N ASN A 577 -28.24 -26.66 -35.71
CA ASN A 577 -28.35 -25.23 -35.96
C ASN A 577 -27.08 -24.67 -36.56
N LEU A 578 -27.25 -23.62 -37.37
CA LEU A 578 -26.10 -22.98 -38.02
C LEU A 578 -25.32 -22.07 -37.09
N GLU A 579 -25.94 -21.59 -36.01
CA GLU A 579 -25.30 -20.56 -35.19
C GLU A 579 -24.14 -21.12 -34.39
N LYS A 580 -24.28 -22.33 -33.87
CA LYS A 580 -23.22 -22.91 -33.04
C LYS A 580 -21.95 -23.14 -33.86
N ALA A 581 -22.10 -23.73 -35.05
CA ALA A 581 -20.94 -23.87 -35.93
C ALA A 581 -20.43 -22.52 -36.42
N GLU A 582 -21.32 -21.54 -36.53
CA GLU A 582 -20.88 -20.17 -36.83
C GLU A 582 -20.05 -19.62 -35.68
N LYS A 583 -20.45 -19.91 -34.44
CA LYS A 583 -19.61 -19.55 -33.29
C LYS A 583 -18.27 -20.25 -33.35
N PHE A 584 -18.26 -21.54 -33.71
CA PHE A 584 -17.00 -22.26 -33.84
C PHE A 584 -16.14 -21.66 -34.95
N ALA A 585 -16.75 -21.38 -36.10
CA ALA A 585 -16.00 -20.81 -37.21
C ALA A 585 -15.43 -19.45 -36.85
N LYS A 586 -16.20 -18.62 -36.14
CA LYS A 586 -15.71 -17.30 -35.76
C LYS A 586 -14.58 -17.39 -34.75
N GLU A 587 -14.64 -18.38 -33.84
CA GLU A 587 -13.52 -18.59 -32.94
C GLU A 587 -12.31 -19.16 -33.68
N MET A 588 -12.54 -19.98 -34.71
CA MET A 588 -11.42 -20.45 -35.53
C MET A 588 -10.74 -19.29 -36.23
N ILE A 589 -11.47 -18.21 -36.49
CA ILE A 589 -10.87 -17.02 -37.06
C ILE A 589 -10.03 -16.28 -36.02
N ARG A 590 -10.53 -16.24 -34.77
CA ARG A 590 -9.81 -15.55 -33.71
C ARG A 590 -8.47 -16.22 -33.45
N ILE A 591 -8.45 -17.55 -33.36
CA ILE A 591 -7.19 -18.26 -33.16
C ILE A 591 -6.40 -18.39 -34.45
N ALA A 592 -7.02 -18.18 -35.61
CA ALA A 592 -6.25 -18.12 -36.85
C ALA A 592 -5.45 -16.83 -36.92
N GLN A 593 -6.08 -15.70 -36.60
CA GLN A 593 -5.42 -14.41 -36.62
C GLN A 593 -4.37 -14.27 -35.53
N SER A 594 -4.19 -15.29 -34.68
CA SER A 594 -3.18 -15.25 -33.64
C SER A 594 -2.06 -16.27 -33.84
N THR A 595 -2.36 -17.44 -34.42
CA THR A 595 -1.36 -18.48 -34.63
C THR A 595 -1.11 -18.80 -36.09
N ASP A 596 -1.97 -18.36 -37.01
CA ASP A 596 -1.82 -18.63 -38.44
C ASP A 596 -1.74 -20.14 -38.71
N TYR A 597 -2.67 -20.88 -38.12
CA TYR A 597 -2.75 -22.32 -38.34
C TYR A 597 -3.49 -22.60 -39.65
N PRO A 598 -3.00 -23.55 -40.46
CA PRO A 598 -3.65 -23.80 -41.76
C PRO A 598 -5.10 -24.23 -41.63
N LEU A 599 -5.38 -25.25 -40.82
CA LEU A 599 -6.77 -25.69 -40.65
C LEU A 599 -7.62 -24.65 -39.93
N ALA A 600 -7.01 -23.64 -39.31
CA ALA A 600 -7.79 -22.61 -38.65
C ALA A 600 -8.42 -21.65 -39.65
N TRP A 601 -7.69 -21.33 -40.73
CA TRP A 601 -8.25 -20.53 -41.81
C TRP A 601 -9.28 -21.32 -42.61
N ALA A 602 -9.27 -22.66 -42.50
CA ALA A 602 -10.33 -23.46 -43.08
C ALA A 602 -11.67 -23.22 -42.40
N GLY A 603 -11.66 -22.71 -41.16
CA GLY A 603 -12.89 -22.31 -40.52
C GLY A 603 -13.45 -21.00 -41.02
N TYR A 604 -12.60 -20.16 -41.63
CA TYR A 604 -13.09 -18.90 -42.19
C TYR A 604 -14.03 -19.17 -43.36
N ILE A 605 -13.70 -20.16 -44.20
CA ILE A 605 -14.59 -20.52 -45.30
C ILE A 605 -15.79 -21.30 -44.81
N PHE A 606 -15.65 -22.02 -43.68
CA PHE A 606 -16.81 -22.66 -43.07
C PHE A 606 -17.80 -21.61 -42.57
N LEU A 607 -17.31 -20.44 -42.18
CA LEU A 607 -18.20 -19.31 -41.90
C LEU A 607 -18.96 -18.91 -43.15
N ALA A 608 -18.30 -18.92 -44.31
CA ALA A 608 -18.98 -18.66 -45.56
C ALA A 608 -20.02 -19.73 -45.87
N ALA A 609 -19.72 -20.98 -45.50
CA ALA A 609 -20.72 -22.04 -45.65
C ALA A 609 -21.95 -21.76 -44.82
N VAL A 610 -21.75 -21.21 -43.62
CA VAL A 610 -22.88 -20.81 -42.79
C VAL A 610 -23.61 -19.63 -43.42
N ASP A 611 -22.85 -18.67 -43.97
CA ASP A 611 -23.47 -17.49 -44.57
C ASP A 611 -24.33 -17.86 -45.78
N PHE A 612 -23.83 -18.74 -46.65
CA PHE A 612 -24.61 -19.17 -47.80
C PHE A 612 -25.88 -19.90 -47.36
N LEU A 613 -25.77 -20.68 -46.28
CA LEU A 613 -26.92 -21.40 -45.73
C LEU A 613 -27.78 -20.55 -44.81
N LYS A 614 -27.33 -19.34 -44.45
CA LYS A 614 -28.09 -18.43 -43.61
C LYS A 614 -28.76 -17.32 -44.40
N GLY A 615 -29.02 -17.54 -45.69
CA GLY A 615 -29.68 -16.53 -46.50
C GLY A 615 -28.87 -15.29 -46.76
N ASP A 616 -27.55 -15.35 -46.55
CA ASP A 616 -26.68 -14.22 -46.79
C ASP A 616 -26.10 -14.27 -48.20
N ASP A 617 -25.75 -13.09 -48.71
CA ASP A 617 -25.34 -12.94 -50.11
C ASP A 617 -23.96 -13.55 -50.33
N TRP A 618 -23.49 -13.43 -51.57
CA TRP A 618 -22.13 -13.83 -51.93
C TRP A 618 -21.08 -12.83 -51.46
N ARG A 619 -21.49 -11.65 -50.99
CA ARG A 619 -20.55 -10.77 -50.30
C ARG A 619 -20.20 -11.33 -48.93
N GLU A 620 -21.18 -11.93 -48.25
CA GLU A 620 -20.90 -12.70 -47.04
C GLU A 620 -20.40 -14.10 -47.36
N ASP A 621 -20.74 -14.61 -48.55
CA ASP A 621 -20.14 -15.85 -49.05
C ASP A 621 -18.79 -15.59 -49.71
N TYR A 622 -18.37 -14.33 -49.81
CA TYR A 622 -17.04 -14.01 -50.30
C TYR A 622 -15.95 -14.47 -49.34
N ASN A 623 -16.28 -14.72 -48.07
CA ASN A 623 -15.31 -15.26 -47.12
C ASN A 623 -14.63 -16.51 -47.65
N LEU A 624 -15.24 -17.19 -48.62
CA LEU A 624 -14.54 -18.22 -49.38
C LEU A 624 -13.24 -17.66 -49.96
N GLY A 625 -13.35 -16.58 -50.74
CA GLY A 625 -12.16 -15.95 -51.28
C GLY A 625 -11.27 -15.32 -50.22
N LYS A 626 -11.85 -14.95 -49.08
CA LYS A 626 -11.07 -14.31 -48.03
C LYS A 626 -9.99 -15.26 -47.49
N ALA A 627 -10.31 -16.55 -47.34
CA ALA A 627 -9.37 -17.51 -46.79
C ALA A 627 -8.73 -18.41 -47.84
N HIS A 628 -9.27 -18.47 -49.06
CA HIS A 628 -8.65 -19.29 -50.09
C HIS A 628 -7.35 -18.67 -50.58
N LEU A 629 -7.24 -17.35 -50.58
CA LEU A 629 -5.95 -16.72 -50.87
C LEU A 629 -4.99 -16.94 -49.71
N LYS A 630 -5.51 -17.03 -48.48
CA LYS A 630 -4.68 -17.43 -47.35
C LYS A 630 -4.26 -18.89 -47.47
N GLU A 631 -5.12 -19.74 -48.04
CA GLU A 631 -4.85 -21.15 -48.21
C GLU A 631 -4.24 -21.48 -49.57
N TYR A 632 -3.80 -20.45 -50.32
CA TYR A 632 -3.19 -20.70 -51.63
C TYR A 632 -1.84 -21.41 -51.52
N PRO A 633 -0.91 -21.00 -50.64
CA PRO A 633 0.36 -21.76 -50.55
C PRO A 633 0.19 -23.19 -50.10
N TRP A 634 -0.54 -23.42 -49.00
CA TRP A 634 -0.71 -24.76 -48.47
C TRP A 634 -1.56 -25.60 -49.42
N LEU A 635 -0.97 -26.65 -50.00
CA LEU A 635 -1.72 -27.53 -50.88
C LEU A 635 -2.66 -28.44 -50.11
N PHE A 636 -2.54 -28.49 -48.77
CA PHE A 636 -3.46 -29.28 -47.96
C PHE A 636 -4.89 -28.77 -48.05
N GLU A 637 -5.09 -27.52 -48.46
CA GLU A 637 -6.44 -27.00 -48.62
C GLU A 637 -7.20 -27.72 -49.71
N ALA A 638 -6.50 -28.14 -50.77
CA ALA A 638 -7.13 -28.90 -51.84
C ALA A 638 -7.68 -30.24 -51.36
N VAL A 639 -7.37 -30.62 -50.13
CA VAL A 639 -7.84 -31.88 -49.56
C VAL A 639 -9.06 -31.66 -48.67
N LEU A 640 -9.10 -30.56 -47.91
CA LEU A 640 -10.21 -30.34 -47.00
C LEU A 640 -11.52 -30.06 -47.73
N ASP A 641 -11.47 -29.70 -49.01
CA ASP A 641 -12.70 -29.47 -49.76
C ASP A 641 -13.51 -30.74 -49.98
N GLU A 642 -12.87 -31.92 -49.90
CA GLU A 642 -13.57 -33.17 -50.08
C GLU A 642 -14.56 -33.45 -48.94
N LEU A 643 -14.38 -32.80 -47.79
CA LEU A 643 -15.23 -33.06 -46.64
C LEU A 643 -16.47 -32.16 -46.62
N LYS A 644 -16.33 -30.90 -47.03
CA LYS A 644 -17.44 -29.96 -46.90
C LYS A 644 -18.51 -30.18 -47.97
N LYS A 645 -18.10 -30.44 -49.22
CA LYS A 645 -19.08 -30.63 -50.28
C LYS A 645 -19.78 -31.97 -50.21
N VAL A 646 -19.18 -32.96 -49.55
CA VAL A 646 -19.79 -34.29 -49.48
C VAL A 646 -20.93 -34.32 -48.46
N PHE A 647 -20.68 -33.82 -47.25
CA PHE A 647 -21.71 -33.86 -46.21
C PHE A 647 -22.84 -32.87 -46.51
N ASP A 648 -22.53 -31.75 -47.16
CA ASP A 648 -23.54 -30.78 -47.55
C ASP A 648 -23.15 -30.07 -48.84
N ALA B 2 -37.82 2.49 48.85
CA ALA B 2 -38.01 1.29 48.03
C ALA B 2 -36.86 1.11 47.04
N PRO B 3 -36.52 -0.14 46.76
CA PRO B 3 -35.43 -0.40 45.80
C PRO B 3 -35.78 0.06 44.40
N ILE B 4 -34.76 0.57 43.69
CA ILE B 4 -34.87 1.05 42.31
C ILE B 4 -35.97 2.09 42.19
N GLU B 5 -35.72 3.29 42.74
CA GLU B 5 -36.66 4.39 42.62
C GLU B 5 -35.90 5.71 42.65
N TRP B 6 -36.64 6.80 42.44
CA TRP B 6 -36.05 8.12 42.36
C TRP B 6 -35.55 8.57 43.72
N GLU B 7 -34.53 9.44 43.71
CA GLU B 7 -33.96 10.02 44.93
C GLU B 7 -34.52 11.42 45.21
N SER B 8 -35.81 11.64 44.94
CA SER B 8 -36.42 12.96 45.13
C SER B 8 -36.42 13.38 46.60
N SER B 9 -35.61 14.37 46.94
CA SER B 9 -35.52 14.81 48.32
C SER B 9 -36.71 15.70 48.67
N PRO B 10 -37.37 15.47 49.81
CA PRO B 10 -38.45 16.37 50.22
C PRO B 10 -37.88 17.72 50.62
N ARG B 11 -38.68 18.76 50.38
CA ARG B 11 -38.24 20.12 50.67
C ARG B 11 -38.18 20.34 52.18
N VAL B 12 -37.66 21.51 52.57
CA VAL B 12 -37.60 21.87 53.97
C VAL B 12 -39.01 22.08 54.52
N GLU B 13 -39.16 21.83 55.83
CA GLU B 13 -40.46 22.03 56.46
C GLU B 13 -40.90 23.48 56.37
N VAL B 14 -40.04 24.40 56.82
CA VAL B 14 -40.31 25.82 56.71
C VAL B 14 -39.74 26.32 55.39
N PHE B 15 -40.52 27.13 54.68
CA PHE B 15 -40.07 27.72 53.42
C PHE B 15 -40.97 28.90 53.07
N VAL B 16 -40.36 30.03 52.76
CA VAL B 16 -41.09 31.17 52.20
C VAL B 16 -40.47 31.48 50.86
N GLY B 17 -40.88 30.74 49.83
CA GLY B 17 -40.23 30.84 48.54
C GLY B 17 -40.45 32.19 47.88
N ARG B 18 -39.55 32.50 46.95
CA ARG B 18 -39.65 33.72 46.16
C ARG B 18 -40.58 33.45 44.98
N LYS B 19 -41.82 33.93 45.10
CA LYS B 19 -42.88 33.52 44.17
C LYS B 19 -42.59 33.96 42.75
N ARG B 20 -41.92 35.10 42.56
CA ARG B 20 -41.56 35.51 41.20
C ARG B 20 -40.55 34.54 40.61
N GLU B 21 -39.57 34.10 41.42
CA GLU B 21 -38.61 33.13 40.95
C GLU B 21 -39.21 31.75 40.79
N LEU B 22 -40.34 31.47 41.46
CA LEU B 22 -41.01 30.19 41.26
C LEU B 22 -41.75 30.15 39.93
N SER B 23 -42.49 31.22 39.61
CA SER B 23 -43.12 31.30 38.30
C SER B 23 -42.07 31.33 37.19
N ILE B 24 -40.90 31.92 37.45
CA ILE B 24 -39.81 31.86 36.50
C ILE B 24 -39.42 30.41 36.23
N ILE B 25 -39.13 29.65 37.29
CA ILE B 25 -38.64 28.29 37.15
C ILE B 25 -39.72 27.37 36.57
N ARG B 26 -40.95 27.49 37.08
CA ARG B 26 -42.01 26.63 36.59
C ARG B 26 -42.34 26.93 35.13
N ASN B 27 -42.33 28.21 34.75
CA ASN B 27 -42.69 28.62 33.40
C ASN B 27 -41.47 28.85 32.51
N ALA B 28 -40.34 28.24 32.85
CA ALA B 28 -39.14 28.40 32.03
C ALA B 28 -39.17 27.47 30.84
N LYS B 29 -38.41 27.84 29.81
CA LYS B 29 -38.27 27.03 28.60
C LYS B 29 -36.88 26.39 28.58
N GLY B 30 -36.84 25.11 28.23
CA GLY B 30 -35.59 24.40 28.11
C GLY B 30 -34.97 24.01 29.44
N VAL B 31 -33.84 24.62 29.77
CA VAL B 31 -33.08 24.29 30.96
C VAL B 31 -33.17 25.47 31.92
N VAL B 32 -33.48 25.17 33.18
CA VAL B 32 -33.54 26.17 34.24
C VAL B 32 -32.25 26.06 35.04
N VAL B 33 -31.52 27.16 35.13
CA VAL B 33 -30.24 27.22 35.84
C VAL B 33 -30.45 28.01 37.12
N ILE B 34 -30.24 27.36 38.26
CA ILE B 34 -30.29 27.99 39.57
C ILE B 34 -28.85 28.04 40.09
N TYR B 35 -28.25 29.22 40.09
CA TYR B 35 -26.89 29.39 40.57
C TYR B 35 -26.87 30.34 41.76
N GLY B 36 -26.20 29.93 42.82
CA GLY B 36 -26.06 30.75 44.00
C GLY B 36 -24.88 30.32 44.84
N ILE B 37 -24.91 30.75 46.11
CA ILE B 37 -23.86 30.42 47.06
C ILE B 37 -24.31 29.23 47.90
N ALA B 38 -23.44 28.79 48.82
CA ALA B 38 -23.74 27.63 49.65
C ALA B 38 -24.91 27.93 50.58
N GLY B 39 -25.88 27.02 50.64
CA GLY B 39 -27.00 27.18 51.55
C GLY B 39 -27.95 28.30 51.23
N ILE B 40 -27.89 28.88 50.03
CA ILE B 40 -28.77 29.98 49.70
C ILE B 40 -30.20 29.50 49.50
N GLY B 41 -30.40 28.21 49.31
CA GLY B 41 -31.71 27.64 49.14
C GLY B 41 -32.00 27.07 47.77
N LYS B 42 -30.97 26.83 46.96
CA LYS B 42 -31.19 26.38 45.59
C LYS B 42 -31.80 24.98 45.55
N THR B 43 -31.15 24.02 46.22
CA THR B 43 -31.65 22.64 46.23
C THR B 43 -33.06 22.58 46.79
N SER B 44 -33.32 23.28 47.89
CA SER B 44 -34.66 23.29 48.47
C SER B 44 -35.66 24.00 47.57
N LEU B 45 -35.20 24.99 46.80
CA LEU B 45 -36.11 25.67 45.87
C LEU B 45 -36.48 24.77 44.70
N ALA B 46 -35.52 24.01 44.18
CA ALA B 46 -35.78 23.14 43.04
C ALA B 46 -36.86 22.11 43.37
N ALA B 47 -36.81 21.51 44.56
CA ALA B 47 -37.86 20.59 44.95
C ALA B 47 -39.20 21.30 45.13
N LYS B 48 -39.17 22.56 45.57
CA LYS B 48 -40.40 23.32 45.72
C LYS B 48 -41.04 23.59 44.37
N ALA B 49 -40.24 23.65 43.30
CA ALA B 49 -40.79 23.87 41.96
C ALA B 49 -41.61 22.67 41.53
N PHE B 50 -40.97 21.51 41.37
CA PHE B 50 -41.65 20.28 40.98
C PHE B 50 -41.23 19.20 41.97
N PRO B 51 -42.17 18.61 42.72
CA PRO B 51 -41.77 17.66 43.77
C PRO B 51 -41.32 16.31 43.24
N ASN B 52 -42.10 15.71 42.35
CA ASN B 52 -41.84 14.37 41.85
C ASN B 52 -40.83 14.33 40.72
N ALA B 53 -39.98 15.34 40.58
CA ALA B 53 -38.95 15.33 39.56
C ALA B 53 -37.86 14.32 39.91
N TYR B 54 -37.29 13.70 38.88
CA TYR B 54 -36.19 12.76 39.09
C TYR B 54 -34.96 13.52 39.58
N TRP B 55 -34.49 13.17 40.77
CA TRP B 55 -33.34 13.82 41.37
C TRP B 55 -32.09 12.99 41.12
N TYR B 56 -31.00 13.69 40.78
CA TYR B 56 -29.68 13.09 40.72
C TYR B 56 -28.71 14.04 41.43
N ASN B 57 -28.39 13.72 42.68
CA ASN B 57 -27.39 14.45 43.44
C ASN B 57 -26.01 14.01 42.97
N VAL B 58 -25.20 14.94 42.50
CA VAL B 58 -23.86 14.60 42.01
C VAL B 58 -22.89 14.57 43.19
N THR B 59 -21.94 13.65 43.12
CA THR B 59 -20.89 13.51 44.12
C THR B 59 -19.55 13.77 43.46
N GLY B 60 -18.47 13.42 44.17
CA GLY B 60 -17.14 13.55 43.61
C GLY B 60 -16.95 12.68 42.38
N LEU B 61 -16.89 11.37 42.58
CA LEU B 61 -16.70 10.44 41.47
C LEU B 61 -17.93 10.46 40.58
N GLU B 62 -17.76 10.97 39.36
CA GLU B 62 -18.86 11.02 38.39
C GLU B 62 -18.29 10.81 36.99
N ASP B 63 -18.54 9.65 36.41
CA ASP B 63 -18.27 9.41 35.01
C ASP B 63 -19.49 9.81 34.20
N PHE B 64 -19.26 10.48 33.08
CA PHE B 64 -20.39 10.89 32.25
C PHE B 64 -21.22 9.70 31.79
N LYS B 65 -20.57 8.57 31.52
CA LYS B 65 -21.34 7.40 31.11
C LYS B 65 -22.14 6.82 32.28
N TYR B 66 -21.60 6.89 33.51
CA TYR B 66 -22.36 6.41 34.66
C TYR B 66 -23.59 7.28 34.91
N PHE B 67 -23.42 8.60 34.81
CA PHE B 67 -24.58 9.49 34.93
C PHE B 67 -25.59 9.21 33.82
N ALA B 68 -25.11 9.13 32.58
CA ALA B 68 -26.00 8.80 31.47
C ALA B 68 -26.61 7.41 31.64
N TRP B 69 -25.88 6.50 32.27
CA TRP B 69 -26.44 5.19 32.59
C TRP B 69 -27.58 5.32 33.61
N GLN B 70 -27.31 6.01 34.73
CA GLN B 70 -28.36 6.26 35.70
C GLN B 70 -29.50 7.09 35.11
N LEU B 71 -29.17 8.02 34.22
CA LEU B 71 -30.21 8.72 33.48
C LEU B 71 -30.94 7.78 32.53
N GLY B 72 -30.24 6.78 31.99
CA GLY B 72 -30.90 5.80 31.15
C GLY B 72 -31.77 4.83 31.94
N LEU B 73 -31.34 4.47 33.15
CA LEU B 73 -32.16 3.62 34.00
C LEU B 73 -33.50 4.28 34.31
N PHE B 74 -33.50 5.60 34.49
CA PHE B 74 -34.75 6.32 34.73
C PHE B 74 -35.60 6.34 33.47
N LEU B 75 -35.00 6.67 32.33
CA LEU B 75 -35.73 6.65 31.07
C LEU B 75 -36.28 5.27 30.76
N SER B 76 -35.63 4.22 31.24
CA SER B 76 -36.15 2.88 31.08
C SER B 76 -37.29 2.58 32.04
N SER B 77 -37.24 3.15 33.25
CA SER B 77 -38.31 2.92 34.22
C SER B 77 -39.61 3.59 33.79
N ILE B 78 -39.54 4.68 33.04
CA ILE B 78 -40.75 5.35 32.59
C ILE B 78 -41.47 4.49 31.56
N GLY B 79 -40.71 3.79 30.71
CA GLY B 79 -41.25 2.86 29.75
C GLY B 79 -41.18 3.31 28.31
N PHE B 80 -40.80 4.56 28.04
CA PHE B 80 -40.67 5.03 26.67
C PHE B 80 -39.28 4.77 26.10
N GLU B 81 -38.24 4.85 26.93
CA GLU B 81 -36.87 4.54 26.50
C GLU B 81 -36.37 3.24 27.11
N ASP B 82 -37.28 2.39 27.61
CA ASP B 82 -36.90 1.10 28.16
C ASP B 82 -36.20 0.24 27.11
N LEU B 83 -36.80 0.15 25.92
CA LEU B 83 -36.25 -0.71 24.87
C LEU B 83 -35.08 -0.07 24.14
N LEU B 84 -34.99 1.27 24.14
CA LEU B 84 -33.98 1.97 23.33
C LEU B 84 -32.73 2.34 24.12
N GLU B 85 -32.87 3.15 25.17
CA GLU B 85 -31.70 3.75 25.80
C GLU B 85 -30.91 2.73 26.62
N TYR B 86 -31.54 2.15 27.65
CA TYR B 86 -30.79 1.30 28.57
C TYR B 86 -30.21 0.09 27.86
N LEU B 87 -31.01 -0.56 27.01
CA LEU B 87 -30.51 -1.71 26.27
C LEU B 87 -29.36 -1.31 25.35
N ARG B 88 -29.29 -0.04 24.95
CA ARG B 88 -28.11 0.45 24.25
C ARG B 88 -26.96 0.76 25.20
N GLY B 89 -27.26 1.12 26.45
CA GLY B 89 -26.21 1.24 27.43
C GLY B 89 -25.39 -0.03 27.54
N GLY B 90 -26.07 -1.18 27.58
CA GLY B 90 -25.38 -2.45 27.49
C GLY B 90 -24.78 -2.73 26.13
N GLY B 91 -25.19 -1.97 25.11
CA GLY B 91 -24.66 -2.14 23.78
C GLY B 91 -23.31 -1.47 23.58
N ASN B 92 -23.29 -0.15 23.51
CA ASN B 92 -22.05 0.60 23.30
C ASN B 92 -22.25 2.05 23.75
N ASN B 93 -21.38 2.95 23.29
CA ASN B 93 -21.40 4.33 23.71
C ASN B 93 -20.97 5.22 22.55
N GLU B 94 -21.37 6.49 22.63
CA GLU B 94 -21.10 7.48 21.60
C GLU B 94 -21.62 8.83 22.11
N ASN B 95 -21.32 9.89 21.36
CA ASN B 95 -22.00 11.15 21.59
C ASN B 95 -23.42 11.15 21.06
N ASP B 96 -23.81 10.09 20.33
CA ASP B 96 -25.21 9.89 19.95
C ASP B 96 -26.09 9.70 21.17
N ILE B 97 -25.50 9.42 22.33
CA ILE B 97 -26.24 9.39 23.59
C ILE B 97 -26.95 10.71 23.83
N PHE B 98 -26.36 11.83 23.38
CA PHE B 98 -27.01 13.12 23.52
C PHE B 98 -28.40 13.12 22.89
N LYS B 99 -28.52 12.62 21.66
CA LYS B 99 -29.82 12.59 21.00
C LYS B 99 -30.72 11.51 21.55
N LEU B 100 -30.15 10.51 22.23
CA LEU B 100 -30.97 9.49 22.88
C LEU B 100 -31.68 10.06 24.09
N ILE B 101 -30.95 10.76 24.96
CA ILE B 101 -31.57 11.38 26.12
C ILE B 101 -32.44 12.55 25.70
N THR B 102 -32.06 13.23 24.61
CA THR B 102 -32.94 14.25 24.03
C THR B 102 -34.28 13.63 23.66
N GLU B 103 -34.26 12.56 22.86
CA GLU B 103 -35.48 11.81 22.59
C GLU B 103 -36.08 11.20 23.84
N GLY B 104 -35.28 11.01 24.88
CA GLY B 104 -35.77 10.44 26.12
C GLY B 104 -36.86 11.26 26.77
N ILE B 105 -36.51 12.49 27.18
CA ILE B 105 -37.49 13.38 27.76
C ILE B 105 -38.34 14.09 26.70
N GLU B 106 -38.07 13.85 25.42
CA GLU B 106 -38.99 14.29 24.39
C GLU B 106 -40.23 13.40 24.32
N LYS B 107 -40.08 12.12 24.66
CA LYS B 107 -41.21 11.20 24.74
C LYS B 107 -41.80 11.15 26.15
N THR B 108 -40.96 10.94 27.16
CA THR B 108 -41.45 10.86 28.52
C THR B 108 -41.93 12.21 29.02
N GLY B 109 -41.19 13.27 28.71
CA GLY B 109 -41.55 14.59 29.19
C GLY B 109 -41.25 14.81 30.66
N ALA B 110 -40.56 13.87 31.30
CA ALA B 110 -40.28 13.98 32.73
C ALA B 110 -39.31 15.13 32.99
N ILE B 111 -39.52 15.79 34.13
CA ILE B 111 -38.66 16.88 34.58
C ILE B 111 -37.52 16.28 35.37
N ILE B 112 -36.29 16.72 35.10
CA ILE B 112 -35.10 16.18 35.73
C ILE B 112 -34.43 17.31 36.50
N ILE B 113 -33.90 16.98 37.68
CA ILE B 113 -33.20 17.94 38.51
C ILE B 113 -31.83 17.37 38.87
N ILE B 114 -30.79 18.17 38.67
CA ILE B 114 -29.42 17.78 38.96
C ILE B 114 -28.89 18.72 40.04
N ASP B 115 -28.37 18.14 41.12
CA ASP B 115 -27.91 18.90 42.27
C ASP B 115 -26.39 19.00 42.25
N ASP B 116 -25.87 20.21 42.49
CA ASP B 116 -24.45 20.50 42.57
C ASP B 116 -23.74 20.30 41.23
N PHE B 117 -22.43 20.11 41.26
CA PHE B 117 -21.61 20.05 40.05
C PHE B 117 -20.41 19.15 40.33
N HIS B 118 -19.89 18.55 39.28
CA HIS B 118 -18.97 17.43 39.45
C HIS B 118 -17.74 17.54 38.55
N LYS B 119 -16.89 16.50 38.57
CA LYS B 119 -15.73 16.43 37.70
C LYS B 119 -16.16 16.18 36.26
N PHE B 120 -15.20 16.31 35.34
CA PHE B 120 -15.44 16.11 33.91
C PHE B 120 -16.65 16.90 33.45
N GLN B 121 -16.76 18.14 33.95
CA GLN B 121 -17.95 18.95 33.74
C GLN B 121 -18.19 19.27 32.28
N ASP B 122 -17.13 19.25 31.45
CA ASP B 122 -17.30 19.59 30.05
C ASP B 122 -18.23 18.60 29.36
N GLU B 123 -18.11 17.31 29.66
CA GLU B 123 -18.98 16.31 29.05
C GLU B 123 -20.45 16.55 29.42
N LYS B 124 -20.72 16.83 30.70
CA LYS B 124 -22.09 17.09 31.12
C LYS B 124 -22.57 18.45 30.61
N VAL B 125 -21.73 19.47 30.69
CA VAL B 125 -22.11 20.78 30.16
C VAL B 125 -22.39 20.69 28.68
N ASN B 126 -21.58 19.91 27.95
CA ASN B 126 -21.81 19.72 26.52
C ASN B 126 -23.12 19.00 26.25
N TYR B 127 -23.53 18.09 27.15
CA TYR B 127 -24.86 17.51 27.02
C TYR B 127 -25.93 18.53 27.34
N LEU B 128 -25.71 19.35 28.38
CA LEU B 128 -26.72 20.32 28.78
C LEU B 128 -27.01 21.31 27.65
N LEU B 129 -25.98 21.72 26.92
CA LEU B 129 -26.17 22.66 25.83
C LEU B 129 -26.73 22.02 24.57
N SER B 130 -26.72 20.69 24.46
CA SER B 130 -27.31 20.00 23.32
C SER B 130 -28.79 19.73 23.50
N TYR B 131 -29.37 20.13 24.63
CA TYR B 131 -30.78 19.94 24.91
C TYR B 131 -31.56 21.22 25.12
N LEU B 132 -30.92 22.26 25.66
CA LEU B 132 -31.63 23.52 25.90
C LEU B 132 -32.04 24.19 24.60
N ALA B 133 -31.29 23.99 23.52
CA ALA B 133 -31.58 24.70 22.28
C ALA B 133 -32.81 24.17 21.56
N PRO B 134 -33.01 22.85 21.36
CA PRO B 134 -34.21 22.40 20.64
C PRO B 134 -35.51 22.76 21.33
N ARG B 135 -35.49 23.06 22.64
CA ARG B 135 -36.69 23.37 23.39
C ARG B 135 -37.73 22.26 23.26
N ILE B 136 -37.55 21.19 24.02
CA ILE B 136 -38.50 20.08 24.00
C ILE B 136 -39.78 20.51 24.70
N LYS B 137 -40.92 20.30 24.03
CA LYS B 137 -42.20 20.79 24.54
C LYS B 137 -42.62 20.12 25.84
N LYS B 138 -42.06 18.96 26.18
CA LYS B 138 -42.52 18.18 27.32
C LYS B 138 -41.50 18.05 28.44
N GLY B 139 -40.26 17.68 28.12
CA GLY B 139 -39.26 17.50 29.16
C GLY B 139 -38.74 18.81 29.72
N LYS B 140 -38.02 18.70 30.83
CA LYS B 140 -37.38 19.85 31.46
C LYS B 140 -36.21 19.36 32.30
N VAL B 141 -35.16 20.16 32.34
CA VAL B 141 -33.96 19.85 33.13
C VAL B 141 -33.59 21.10 33.93
N ILE B 142 -33.50 20.96 35.24
CA ILE B 142 -33.10 22.04 36.13
C ILE B 142 -31.82 21.61 36.86
N ILE B 143 -30.89 22.54 37.02
CA ILE B 143 -29.64 22.27 37.71
C ILE B 143 -29.44 23.30 38.81
N THR B 144 -28.65 22.93 39.81
CA THR B 144 -28.21 23.83 40.86
C THR B 144 -26.69 23.83 40.89
N THR B 145 -26.09 24.99 40.63
CA THR B 145 -24.64 25.14 40.53
C THR B 145 -24.19 26.30 41.41
N ARG B 146 -22.91 26.30 41.76
CA ARG B 146 -22.34 27.44 42.47
C ARG B 146 -22.04 28.60 41.53
N ILE B 147 -21.87 28.32 40.24
CA ILE B 147 -21.47 29.34 39.26
C ILE B 147 -22.40 29.27 38.05
N ARG B 148 -22.34 30.32 37.24
CA ARG B 148 -23.06 30.34 35.97
C ARG B 148 -22.36 29.40 35.00
N PRO B 149 -23.00 28.32 34.55
CA PRO B 149 -22.29 27.32 33.74
C PRO B 149 -21.88 27.80 32.36
N ASN B 150 -22.18 29.05 32.00
CA ASN B 150 -21.81 29.61 30.69
C ASN B 150 -22.39 28.77 29.57
N LEU B 151 -23.70 28.53 29.64
CA LEU B 151 -24.42 27.73 28.65
C LEU B 151 -25.07 28.58 27.57
N GLY B 152 -24.82 29.88 27.57
CA GLY B 152 -25.50 30.79 26.67
C GLY B 152 -26.89 31.12 27.18
N ASN B 153 -27.53 32.06 26.47
CA ASN B 153 -28.85 32.53 26.84
C ASN B 153 -29.95 32.11 25.85
N GLU B 154 -29.66 31.15 24.97
CA GLU B 154 -30.65 30.65 24.03
C GLU B 154 -31.34 29.45 24.68
N GLY B 155 -32.59 29.64 25.10
CA GLY B 155 -33.31 28.57 25.77
C GLY B 155 -32.87 28.30 27.18
N VAL B 156 -32.13 29.22 27.80
CA VAL B 156 -31.64 29.06 29.17
C VAL B 156 -32.22 30.18 30.03
N THR B 157 -32.66 29.82 31.22
CA THR B 157 -33.15 30.79 32.20
C THR B 157 -32.18 30.80 33.38
N TYR B 158 -31.37 31.86 33.46
CA TYR B 158 -30.44 32.04 34.57
C TYR B 158 -31.19 32.64 35.75
N VAL B 159 -31.16 31.94 36.89
CA VAL B 159 -31.88 32.34 38.09
C VAL B 159 -30.85 32.54 39.19
N ASN B 160 -30.56 33.80 39.52
CA ASN B 160 -29.62 34.13 40.58
C ASN B 160 -30.40 34.34 41.87
N LEU B 161 -30.24 33.42 42.83
CA LEU B 161 -30.96 33.51 44.09
C LEU B 161 -30.32 34.56 44.99
N LYS B 162 -31.13 35.52 45.44
CA LYS B 162 -30.66 36.63 46.26
C LYS B 162 -31.03 36.43 47.73
N GLY B 163 -31.19 35.19 48.18
CA GLY B 163 -31.52 34.94 49.57
C GLY B 163 -33.00 35.09 49.82
N LEU B 164 -33.35 35.92 50.79
CA LEU B 164 -34.73 36.12 51.19
C LEU B 164 -35.03 37.61 51.29
N ASN B 165 -36.27 37.96 50.96
CA ASN B 165 -36.72 39.33 51.13
C ASN B 165 -36.83 39.63 52.62
N PRO B 166 -36.61 40.89 53.02
CA PRO B 166 -36.79 41.24 54.44
C PRO B 166 -38.16 40.88 54.98
N GLU B 167 -39.22 41.15 54.22
CA GLU B 167 -40.57 40.80 54.66
C GLU B 167 -40.73 39.30 54.79
N GLU B 168 -40.14 38.53 53.87
CA GLU B 168 -40.23 37.08 53.94
C GLU B 168 -39.40 36.51 55.09
N ALA B 169 -38.26 37.14 55.40
CA ALA B 169 -37.40 36.61 56.45
C ALA B 169 -38.02 36.81 57.82
N TYR B 170 -38.63 37.97 58.07
CA TYR B 170 -39.30 38.19 59.33
C TYR B 170 -40.46 37.24 59.50
N SER B 171 -41.20 36.97 58.41
CA SER B 171 -42.27 36.00 58.45
C SER B 171 -41.74 34.61 58.77
N LEU B 172 -40.55 34.27 58.27
CA LEU B 172 -39.98 32.95 58.52
C LEU B 172 -39.74 32.74 60.01
N ALA B 173 -39.20 33.75 60.68
CA ALA B 173 -39.05 33.65 62.13
C ALA B 173 -40.41 33.65 62.82
N ARG B 174 -41.38 34.37 62.25
CA ARG B 174 -42.74 34.33 62.77
C ARG B 174 -43.43 33.02 62.42
N GLU B 175 -43.05 32.41 61.28
CA GLU B 175 -43.56 31.08 60.94
C GLU B 175 -42.91 29.99 61.79
N LYS B 176 -41.93 30.34 62.61
CA LYS B 176 -41.38 29.44 63.61
C LYS B 176 -41.73 29.86 65.03
N GLU B 177 -41.61 31.15 65.35
CA GLU B 177 -41.95 31.69 66.67
C GLU B 177 -42.65 33.04 66.46
N LYS B 178 -43.98 33.00 66.41
CA LYS B 178 -44.75 34.23 66.19
C LYS B 178 -44.72 35.13 67.41
N SER B 179 -44.82 34.55 68.61
CA SER B 179 -44.87 35.33 69.85
C SER B 179 -43.60 36.14 70.08
N MET B 180 -42.53 35.88 69.35
CA MET B 180 -41.31 36.67 69.47
C MET B 180 -41.51 38.04 68.84
N THR B 181 -40.86 39.05 69.43
CA THR B 181 -41.06 40.42 69.03
C THR B 181 -40.71 40.63 67.56
N PRO B 182 -41.59 41.21 66.75
CA PRO B 182 -41.26 41.43 65.33
C PRO B 182 -40.14 42.43 65.11
N GLU B 183 -39.72 43.17 66.15
CA GLU B 183 -38.62 44.11 66.00
C GLU B 183 -37.27 43.41 65.98
N GLU B 184 -37.12 42.34 66.77
CA GLU B 184 -35.85 41.62 66.82
C GLU B 184 -35.47 41.04 65.46
N PHE B 185 -36.47 40.63 64.67
CA PHE B 185 -36.19 40.05 63.37
C PHE B 185 -35.53 41.06 62.44
N ALA B 186 -35.79 42.35 62.66
CA ALA B 186 -35.11 43.39 61.89
C ALA B 186 -33.60 43.38 62.16
N LYS B 187 -33.18 42.93 63.34
CA LYS B 187 -31.76 42.75 63.60
C LYS B 187 -31.24 41.42 63.05
N LEU B 188 -32.11 40.43 62.90
CA LEU B 188 -31.71 39.18 62.27
C LEU B 188 -31.23 39.41 60.84
N TYR B 189 -31.91 40.32 60.12
CA TYR B 189 -31.50 40.63 58.76
C TYR B 189 -30.15 41.36 58.72
N LYS B 190 -29.76 41.99 59.84
CA LYS B 190 -28.43 42.57 59.96
C LYS B 190 -27.34 41.51 60.12
N LEU B 191 -27.73 40.25 60.32
CA LEU B 191 -26.79 39.16 60.53
C LEU B 191 -26.75 38.20 59.34
N THR B 192 -27.91 37.65 58.96
CA THR B 192 -27.97 36.70 57.85
C THR B 192 -28.17 37.37 56.51
N PHE B 193 -28.83 38.54 56.49
CA PHE B 193 -29.11 39.28 55.25
C PHE B 193 -29.93 38.43 54.28
N GLY B 194 -30.88 37.67 54.83
CA GLY B 194 -31.76 36.85 54.03
C GLY B 194 -31.29 35.42 53.83
N HIS B 195 -30.09 35.07 54.30
CA HIS B 195 -29.54 33.73 54.09
C HIS B 195 -30.42 32.71 54.79
N PRO B 196 -31.11 31.85 54.04
CA PRO B 196 -32.12 30.99 54.66
C PRO B 196 -31.52 29.95 55.59
N LEU B 197 -30.42 29.31 55.20
CA LEU B 197 -29.81 28.31 56.06
C LEU B 197 -29.21 28.96 57.30
N MET B 198 -28.40 30.01 57.11
CA MET B 198 -27.83 30.72 58.25
C MET B 198 -28.91 31.34 59.13
N LEU B 199 -30.09 31.62 58.59
CA LEU B 199 -31.19 32.09 59.42
C LEU B 199 -31.73 30.99 60.32
N ASN B 200 -31.89 29.78 59.77
CA ASN B 200 -32.32 28.64 60.59
C ASN B 200 -31.30 28.33 61.67
N LEU B 201 -30.01 28.52 61.39
CA LEU B 201 -29.00 28.30 62.42
C LEU B 201 -29.20 29.25 63.59
N ILE B 202 -29.55 30.51 63.30
CA ILE B 202 -29.74 31.49 64.37
C ILE B 202 -31.11 31.34 65.03
N LEU B 203 -32.14 30.95 64.28
CA LEU B 203 -33.45 30.73 64.89
C LEU B 203 -33.44 29.54 65.85
N GLU B 204 -32.58 28.56 65.60
CA GLU B 204 -32.45 27.40 66.47
C GLU B 204 -31.34 27.59 67.52
N SER B 205 -30.80 28.79 67.63
CA SER B 205 -29.77 29.11 68.61
C SER B 205 -30.23 30.33 69.41
N SER B 206 -29.27 31.01 70.05
CA SER B 206 -29.57 32.17 70.88
C SER B 206 -28.47 33.20 70.69
N GLU B 207 -28.60 34.31 71.41
CA GLU B 207 -27.65 35.43 71.34
C GLU B 207 -27.47 35.92 69.91
N ASP B 214 -22.84 40.27 68.87
CA ASP B 214 -22.51 40.49 67.46
C ASP B 214 -21.19 39.81 67.10
N THR B 215 -21.20 39.07 65.99
CA THR B 215 -20.02 38.38 65.50
C THR B 215 -19.97 38.49 63.99
N VAL B 216 -18.76 38.33 63.44
CA VAL B 216 -18.62 38.35 61.98
C VAL B 216 -19.16 37.04 61.39
N PHE B 217 -19.46 37.08 60.09
CA PHE B 217 -20.11 35.96 59.41
C PHE B 217 -19.40 34.64 59.64
N ASN B 218 -18.07 34.62 59.53
CA ASN B 218 -17.33 33.39 59.78
C ASN B 218 -17.36 33.03 61.26
N PHE B 219 -17.13 34.01 62.14
CA PHE B 219 -17.28 33.76 63.57
C PHE B 219 -18.73 33.44 63.91
N LEU B 220 -19.68 33.98 63.14
CA LEU B 220 -21.10 33.67 63.39
C LEU B 220 -21.33 32.17 63.34
N PHE B 221 -20.79 31.49 62.34
CA PHE B 221 -20.90 30.03 62.29
C PHE B 221 -19.97 29.38 63.29
N GLU B 222 -18.78 29.95 63.50
CA GLU B 222 -17.80 29.35 64.39
C GLU B 222 -18.19 29.52 65.86
N GLU B 223 -18.77 30.67 66.22
CA GLU B 223 -19.26 30.84 67.58
C GLU B 223 -20.58 30.10 67.80
N VAL B 224 -21.27 29.72 66.72
CA VAL B 224 -22.39 28.78 66.85
C VAL B 224 -21.84 27.36 66.95
N TYR B 225 -20.69 27.09 66.33
CA TYR B 225 -20.07 25.78 66.43
C TYR B 225 -19.68 25.43 67.86
N GLN B 226 -19.39 26.43 68.69
CA GLN B 226 -19.08 26.17 70.08
C GLN B 226 -20.32 26.00 70.94
N MET B 227 -21.48 26.47 70.47
CA MET B 227 -22.73 26.27 71.19
C MET B 227 -23.14 24.80 71.21
N LEU B 228 -22.56 23.98 70.35
CA LEU B 228 -22.95 22.58 70.19
C LEU B 228 -22.57 21.76 71.42
N ASN B 229 -23.11 20.53 71.46
CA ASN B 229 -22.90 19.58 72.54
C ASN B 229 -21.70 18.69 72.21
N GLU B 230 -21.46 17.66 73.03
CA GLU B 230 -20.35 16.75 72.81
C GLU B 230 -20.53 15.95 71.52
N GLU B 231 -21.60 15.15 71.47
CA GLU B 231 -21.85 14.30 70.31
C GLU B 231 -22.19 15.10 69.05
N GLU B 232 -22.69 16.33 69.19
CA GLU B 232 -22.99 17.13 68.01
C GLU B 232 -21.72 17.56 67.28
N LYS B 233 -20.70 17.99 68.04
CA LYS B 233 -19.44 18.37 67.43
C LYS B 233 -18.72 17.16 66.84
N ASP B 234 -18.78 16.02 67.55
CA ASP B 234 -18.12 14.82 67.07
C ASP B 234 -18.79 14.29 65.80
N LEU B 235 -20.12 14.26 65.78
CA LEU B 235 -20.82 13.75 64.59
C LEU B 235 -20.56 14.64 63.39
N LEU B 236 -20.59 15.96 63.58
CA LEU B 236 -20.29 16.87 62.48
C LEU B 236 -18.87 16.64 61.95
N SER B 237 -17.90 16.59 62.86
CA SER B 237 -16.50 16.44 62.48
C SER B 237 -16.20 15.09 61.82
N ILE B 238 -17.18 14.18 61.76
CA ILE B 238 -17.02 12.90 61.09
C ILE B 238 -17.83 12.85 59.80
N LEU B 239 -19.09 13.29 59.84
CA LEU B 239 -19.89 13.30 58.62
C LEU B 239 -19.39 14.34 57.62
N SER B 240 -18.66 15.35 58.07
CA SER B 240 -18.03 16.28 57.14
C SER B 240 -16.87 15.63 56.38
N LEU B 241 -16.40 14.47 56.83
CA LEU B 241 -15.36 13.72 56.14
C LEU B 241 -15.91 12.90 54.99
N PHE B 242 -17.22 12.96 54.74
CA PHE B 242 -17.87 12.19 53.69
C PHE B 242 -18.57 13.16 52.73
N ASP B 243 -18.21 13.09 51.46
CA ASP B 243 -18.81 13.93 50.43
C ASP B 243 -20.06 13.30 49.83
N GLU B 244 -20.57 12.23 50.44
CA GLU B 244 -21.73 11.51 49.94
C GLU B 244 -22.70 11.25 51.08
N PRO B 245 -24.00 11.17 50.78
CA PRO B 245 -24.98 10.88 51.82
C PRO B 245 -24.84 9.45 52.34
N ILE B 246 -25.20 9.26 53.61
CA ILE B 246 -24.97 8.01 54.31
C ILE B 246 -26.27 7.53 54.96
N GLU B 247 -26.45 6.21 54.98
CA GLU B 247 -27.58 5.59 55.68
C GLU B 247 -27.45 5.81 57.19
N TYR B 248 -28.50 5.42 57.91
CA TYR B 248 -28.42 5.52 59.37
C TYR B 248 -27.64 4.36 59.96
N GLU B 249 -27.97 3.13 59.56
CA GLU B 249 -27.19 1.98 60.03
C GLU B 249 -25.74 2.09 59.59
N GLY B 250 -25.48 2.71 58.45
CA GLY B 250 -24.11 3.04 58.08
C GLY B 250 -23.50 4.04 59.04
N ILE B 251 -24.31 4.98 59.53
CA ILE B 251 -23.83 5.95 60.52
C ILE B 251 -23.68 5.27 61.88
N LYS B 252 -24.66 4.45 62.27
CA LYS B 252 -24.56 3.76 63.55
C LYS B 252 -23.36 2.82 63.56
N PHE B 253 -23.12 2.13 62.45
CA PHE B 253 -21.91 1.33 62.29
C PHE B 253 -20.67 2.19 62.11
N LEU B 254 -20.84 3.45 61.72
CA LEU B 254 -19.70 4.33 61.49
C LEU B 254 -19.04 4.77 62.79
N TYR B 255 -19.79 4.82 63.89
CA TYR B 255 -19.27 5.34 65.15
C TYR B 255 -19.05 4.29 66.22
N ASP B 256 -19.65 3.10 66.09
CA ASP B 256 -19.70 2.12 67.17
C ASP B 256 -20.26 2.78 68.44
N ARG B 257 -21.27 3.62 68.24
CA ARG B 257 -21.87 4.45 69.28
C ARG B 257 -23.16 5.02 68.73
N ASN B 258 -24.12 5.26 69.63
CA ASN B 258 -25.45 5.70 69.23
C ASN B 258 -25.41 7.10 68.64
N PRO B 259 -25.83 7.28 67.39
CA PRO B 259 -25.75 8.60 66.76
C PRO B 259 -27.11 9.28 66.64
N PHE B 260 -28.09 8.79 67.40
CA PHE B 260 -29.45 9.27 67.23
C PHE B 260 -29.64 10.68 67.79
N VAL B 261 -29.25 10.88 69.05
CA VAL B 261 -29.53 12.13 69.74
C VAL B 261 -28.84 13.35 69.10
N PRO B 262 -27.63 13.24 68.51
CA PRO B 262 -27.10 14.39 67.77
C PRO B 262 -27.65 14.53 66.37
N LEU B 263 -28.20 13.47 65.79
CA LEU B 263 -28.70 13.55 64.42
C LEU B 263 -29.91 14.48 64.32
N TYR B 264 -30.96 14.19 65.11
CA TYR B 264 -32.17 14.99 65.03
C TYR B 264 -31.97 16.40 65.55
N SER B 265 -31.06 16.59 66.51
CA SER B 265 -30.79 17.93 67.03
C SER B 265 -30.17 18.81 65.95
N LEU B 266 -29.09 18.36 65.33
CA LEU B 266 -28.46 19.10 64.24
C LEU B 266 -29.37 19.19 63.02
N MET B 267 -30.30 18.27 62.86
CA MET B 267 -31.22 18.32 61.72
C MET B 267 -32.25 19.44 61.89
N LYS B 268 -32.77 19.63 63.11
CA LYS B 268 -33.67 20.74 63.35
C LYS B 268 -32.99 22.08 63.09
N LYS B 269 -31.69 22.17 63.35
CA LYS B 269 -30.93 23.39 63.15
C LYS B 269 -30.49 23.58 61.71
N GLY B 270 -30.83 22.65 60.82
CA GLY B 270 -30.44 22.75 59.43
C GLY B 270 -29.01 22.37 59.14
N LEU B 271 -28.28 21.86 60.12
CA LEU B 271 -26.88 21.51 59.90
C LEU B 271 -26.72 20.22 59.12
N ILE B 272 -27.67 19.29 59.23
CA ILE B 272 -27.66 18.04 58.50
C ILE B 272 -28.92 17.95 57.67
N GLU B 273 -28.78 17.50 56.42
CA GLU B 273 -29.90 17.38 55.49
C GLU B 273 -30.07 15.93 55.06
N LYS B 274 -31.33 15.50 54.97
CA LYS B 274 -31.67 14.15 54.55
C LYS B 274 -32.33 14.19 53.18
N LYS B 275 -31.78 13.44 52.23
CA LYS B 275 -32.40 13.28 50.91
C LYS B 275 -33.24 12.01 50.91
N GLY B 276 -34.34 12.07 51.65
CA GLY B 276 -35.20 10.92 51.83
C GLY B 276 -34.70 9.97 52.90
N GLU B 277 -33.88 8.99 52.51
CA GLU B 277 -33.40 7.98 53.43
C GLU B 277 -32.04 8.31 54.02
N LYS B 278 -31.12 8.87 53.22
CA LYS B 278 -29.77 9.08 53.68
C LYS B 278 -29.62 10.41 54.42
N TYR B 279 -28.46 10.59 55.06
CA TYR B 279 -28.11 11.80 55.79
C TYR B 279 -26.69 12.20 55.44
N PHE B 280 -26.45 13.50 55.37
CA PHE B 280 -25.08 14.03 55.27
C PHE B 280 -25.13 15.52 55.53
N VAL B 281 -24.01 16.06 55.99
CA VAL B 281 -23.95 17.46 56.40
C VAL B 281 -24.00 18.38 55.18
N HIS B 282 -24.43 19.61 55.43
CA HIS B 282 -24.52 20.61 54.37
C HIS B 282 -23.14 21.04 53.91
N ASP B 283 -23.08 21.53 52.67
CA ASP B 283 -21.79 21.93 52.09
C ASP B 283 -21.17 23.11 52.84
N MET B 284 -21.99 24.01 53.37
CA MET B 284 -21.45 25.12 54.14
C MET B 284 -20.95 24.66 55.51
N VAL B 285 -21.60 23.66 56.10
CA VAL B 285 -21.11 23.10 57.35
C VAL B 285 -19.82 22.33 57.12
N ARG B 286 -19.72 21.63 55.99
CA ARG B 286 -18.55 20.81 55.72
C ARG B 286 -17.29 21.65 55.52
N GLU B 287 -17.43 22.83 54.93
CA GLU B 287 -16.29 23.70 54.64
C GLU B 287 -15.76 24.40 55.89
N PHE B 288 -16.44 24.27 57.02
CA PHE B 288 -16.05 24.96 58.25
C PHE B 288 -15.63 24.02 59.37
N VAL B 289 -16.04 22.75 59.35
CA VAL B 289 -15.72 21.80 60.40
C VAL B 289 -14.83 20.67 59.91
N ARG B 290 -14.42 20.69 58.65
CA ARG B 290 -13.55 19.66 58.10
C ARG B 290 -12.13 19.73 58.64
N GLU B 291 -11.80 20.74 59.44
CA GLU B 291 -10.46 20.93 59.99
C GLU B 291 -10.39 20.68 61.49
N VAL B 292 -11.53 20.40 62.13
CA VAL B 292 -11.54 20.25 63.58
C VAL B 292 -10.93 18.92 64.00
N SER B 293 -11.02 17.88 63.18
CA SER B 293 -10.46 16.57 63.54
C SER B 293 -10.11 15.82 62.27
N ASN B 294 -8.81 15.69 61.99
CA ASN B 294 -8.33 14.92 60.85
C ASN B 294 -7.41 13.78 61.27
N GLN B 295 -7.43 13.38 62.53
CA GLN B 295 -6.51 12.35 63.03
C GLN B 295 -7.07 10.93 62.86
N GLU B 296 -8.36 10.72 63.14
CA GLU B 296 -8.96 9.40 63.07
C GLU B 296 -9.63 9.12 61.74
N GLU B 297 -9.19 9.81 60.67
CA GLU B 297 -9.79 9.58 59.35
C GLU B 297 -9.56 8.15 58.88
N LYS B 298 -8.39 7.59 59.17
CA LYS B 298 -8.09 6.23 58.74
C LYS B 298 -9.04 5.23 59.38
N GLU B 299 -9.29 5.38 60.69
CA GLU B 299 -10.17 4.44 61.39
C GLU B 299 -11.61 4.59 60.92
N VAL B 300 -12.08 5.83 60.77
CA VAL B 300 -13.47 6.05 60.38
C VAL B 300 -13.72 5.57 58.95
N TYR B 301 -12.81 5.92 58.03
CA TYR B 301 -12.98 5.49 56.65
C TYR B 301 -12.94 3.97 56.51
N LEU B 302 -12.11 3.31 57.33
CA LEU B 302 -12.01 1.85 57.23
C LEU B 302 -13.33 1.18 57.59
N ARG B 303 -14.02 1.69 58.62
CA ARG B 303 -15.31 1.12 58.99
C ARG B 303 -16.34 1.33 57.89
N HIS B 304 -16.37 2.52 57.29
CA HIS B 304 -17.34 2.78 56.23
C HIS B 304 -17.04 1.98 54.98
N VAL B 305 -15.77 1.67 54.72
CA VAL B 305 -15.42 0.80 53.61
C VAL B 305 -16.04 -0.58 53.80
N ASN B 306 -15.92 -1.13 55.01
CA ASN B 306 -16.51 -2.44 55.29
C ASN B 306 -18.02 -2.42 55.22
N PHE B 307 -18.65 -1.29 55.59
CA PHE B 307 -20.09 -1.20 55.50
C PHE B 307 -20.56 -1.23 54.06
N LEU B 308 -19.91 -0.43 53.20
CA LEU B 308 -20.26 -0.45 51.78
C LEU B 308 -19.98 -1.81 51.16
N LEU B 309 -18.99 -2.53 51.68
CA LEU B 309 -18.76 -3.90 51.22
C LEU B 309 -19.92 -4.81 51.59
N LYS B 310 -20.61 -4.51 52.68
CA LYS B 310 -21.80 -5.28 53.06
C LYS B 310 -23.03 -4.86 52.25
N SER B 311 -23.02 -3.67 51.66
CA SER B 311 -24.12 -3.27 50.78
C SER B 311 -24.07 -4.06 49.48
N LYS B 312 -22.90 -4.14 48.86
CA LYS B 312 -22.63 -5.00 47.70
C LYS B 312 -23.50 -4.60 46.50
N THR B 313 -23.31 -3.36 46.07
CA THR B 313 -23.97 -2.80 44.89
C THR B 313 -22.94 -2.02 44.08
N PRO B 314 -23.07 -2.03 42.74
CA PRO B 314 -22.02 -1.43 41.89
C PRO B 314 -21.66 0.00 42.24
N ILE B 315 -22.62 0.81 42.68
CA ILE B 315 -22.30 2.18 43.07
C ILE B 315 -21.55 2.18 44.40
N ASN B 316 -22.00 1.36 45.36
CA ASN B 316 -21.27 1.22 46.61
C ASN B 316 -19.89 0.64 46.40
N PHE B 317 -19.71 -0.16 45.35
CA PHE B 317 -18.38 -0.65 44.98
C PHE B 317 -17.41 0.50 44.76
N LEU B 318 -17.82 1.50 43.98
CA LEU B 318 -16.94 2.62 43.65
C LEU B 318 -16.77 3.55 44.85
N ARG B 319 -17.82 3.76 45.63
CA ARG B 319 -17.72 4.62 46.81
C ARG B 319 -16.69 4.07 47.79
N ALA B 320 -16.66 2.74 47.96
CA ALA B 320 -15.69 2.14 48.87
C ALA B 320 -14.26 2.30 48.37
N PHE B 321 -14.07 2.45 47.07
CA PHE B 321 -12.72 2.59 46.54
C PHE B 321 -12.15 3.98 46.80
N LYS B 322 -13.00 5.02 46.76
CA LYS B 322 -12.52 6.37 47.01
C LYS B 322 -12.00 6.53 48.43
N TYR B 323 -12.68 5.92 49.39
CA TYR B 323 -12.26 5.98 50.79
C TYR B 323 -11.17 4.97 51.11
N ALA B 324 -11.02 3.91 50.31
CA ALA B 324 -9.88 3.01 50.43
C ALA B 324 -8.58 3.65 49.99
N ILE B 325 -8.66 4.79 49.29
CA ILE B 325 -7.46 5.56 48.97
C ILE B 325 -7.08 6.46 50.14
N LYS B 326 -8.07 6.99 50.84
CA LYS B 326 -7.83 7.92 51.94
C LYS B 326 -7.25 7.24 53.18
N VAL B 327 -7.30 5.90 53.26
CA VAL B 327 -6.70 5.21 54.40
C VAL B 327 -5.20 4.98 54.21
N GLY B 328 -4.72 5.00 52.97
CA GLY B 328 -3.30 4.84 52.73
C GLY B 328 -2.78 3.44 52.99
N SER B 329 -3.62 2.43 52.79
CA SER B 329 -3.24 1.04 53.00
C SER B 329 -3.28 0.31 51.66
N SER B 330 -2.10 -0.06 51.17
CA SER B 330 -2.03 -0.88 49.96
C SER B 330 -2.57 -2.28 50.20
N GLU B 331 -2.71 -2.68 51.46
CA GLU B 331 -3.33 -3.96 51.77
C GLU B 331 -4.83 -3.93 51.51
N LEU B 332 -5.46 -2.77 51.76
CA LEU B 332 -6.88 -2.63 51.45
C LEU B 332 -7.12 -2.66 49.94
N ILE B 333 -6.22 -2.04 49.17
CA ILE B 333 -6.31 -2.09 47.72
C ILE B 333 -6.02 -3.49 47.21
N ARG B 334 -5.26 -4.29 47.97
CA ARG B 334 -5.09 -5.70 47.63
C ARG B 334 -6.43 -6.42 47.68
N ASN B 335 -7.08 -6.41 48.84
CA ASN B 335 -8.34 -7.13 48.99
C ASN B 335 -9.45 -6.55 48.12
N LEU B 336 -9.40 -5.24 47.84
CA LEU B 336 -10.45 -4.63 47.04
C LEU B 336 -10.35 -5.07 45.59
N VAL B 337 -9.15 -5.03 45.01
CA VAL B 337 -8.98 -5.43 43.62
C VAL B 337 -9.27 -6.91 43.42
N GLU B 338 -9.18 -7.73 44.49
CA GLU B 338 -9.63 -9.11 44.40
C GLU B 338 -11.14 -9.17 44.22
N LEU B 339 -11.88 -8.38 45.01
CA LEU B 339 -13.33 -8.30 44.86
C LEU B 339 -13.73 -7.61 43.56
N ARG B 340 -12.83 -6.83 42.96
CA ARG B 340 -13.13 -6.24 41.66
C ARG B 340 -13.19 -7.28 40.56
N VAL B 341 -12.41 -8.36 40.68
CA VAL B 341 -12.52 -9.46 39.74
C VAL B 341 -13.69 -10.38 40.06
N LYS B 342 -14.24 -10.30 41.27
CA LYS B 342 -15.40 -11.11 41.62
C LYS B 342 -16.69 -10.54 41.07
N GLU B 343 -16.95 -9.25 41.31
CA GLU B 343 -18.22 -8.65 40.95
C GLU B 343 -18.08 -7.39 40.10
N PHE B 344 -17.03 -6.58 40.34
CA PHE B 344 -16.75 -5.44 39.46
C PHE B 344 -16.24 -5.91 38.10
N TYR B 345 -15.90 -7.19 37.97
CA TYR B 345 -15.41 -7.75 36.72
C TYR B 345 -16.36 -7.49 35.56
N ARG B 346 -17.67 -7.46 35.84
CA ARG B 346 -18.67 -7.30 34.78
C ARG B 346 -18.84 -5.86 34.33
N ILE B 347 -18.42 -4.87 35.12
CA ILE B 347 -18.71 -3.48 34.82
C ILE B 347 -17.45 -2.63 34.81
N ILE B 348 -16.28 -3.25 34.66
CA ILE B 348 -15.07 -2.47 34.42
C ILE B 348 -15.10 -1.90 33.01
N VAL B 349 -15.78 -2.58 32.08
CA VAL B 349 -15.97 -2.04 30.74
C VAL B 349 -17.08 -1.00 30.66
N ASP B 350 -17.97 -0.95 31.65
CA ASP B 350 -19.08 -0.01 31.59
C ASP B 350 -18.67 1.40 32.00
N PHE B 351 -17.92 1.52 33.09
CA PHE B 351 -17.52 2.81 33.65
C PHE B 351 -16.00 2.87 33.72
N PRO B 352 -15.33 3.00 32.58
CA PRO B 352 -13.86 2.96 32.59
C PRO B 352 -13.24 4.23 33.14
N ARG B 353 -13.71 5.39 32.68
CA ARG B 353 -13.09 6.64 33.10
C ARG B 353 -13.30 6.92 34.57
N MET B 354 -14.45 6.50 35.12
CA MET B 354 -14.68 6.63 36.56
C MET B 354 -13.63 5.84 37.34
N TYR B 355 -13.55 4.53 37.09
CA TYR B 355 -12.57 3.70 37.76
C TYR B 355 -11.14 4.11 37.44
N GLN B 356 -10.92 4.64 36.23
CA GLN B 356 -9.58 5.09 35.86
C GLN B 356 -9.10 6.21 36.76
N ARG B 357 -9.98 7.18 37.06
CA ARG B 357 -9.60 8.31 37.91
C ARG B 357 -9.34 7.86 39.34
N LEU B 358 -10.07 6.86 39.83
CA LEU B 358 -9.81 6.35 41.18
C LEU B 358 -8.50 5.58 41.23
N LEU B 359 -8.19 4.82 40.19
CA LEU B 359 -6.95 4.04 40.17
C LEU B 359 -5.75 4.95 40.02
N MET B 360 -5.81 5.90 39.10
CA MET B 360 -4.71 6.85 38.90
C MET B 360 -4.43 7.68 40.15
N GLU B 361 -5.39 7.74 41.08
CA GLU B 361 -5.15 8.39 42.37
C GLU B 361 -4.03 7.69 43.13
N VAL B 362 -3.88 6.38 42.95
CA VAL B 362 -2.76 5.65 43.52
C VAL B 362 -2.04 4.91 42.41
N GLU B 363 -1.51 5.67 41.45
CA GLU B 363 -0.78 5.07 40.33
C GLU B 363 0.40 4.25 40.83
N ASP B 364 0.99 4.63 41.96
CA ASP B 364 2.16 3.94 42.49
C ASP B 364 1.83 2.53 42.99
N ASN B 365 0.58 2.27 43.37
CA ASN B 365 0.23 0.95 43.86
C ASN B 365 0.29 -0.05 42.71
N PRO B 366 0.91 -1.22 42.91
CA PRO B 366 1.00 -2.20 41.80
C PRO B 366 -0.35 -2.76 41.38
N TYR B 367 -1.25 -3.04 42.33
CA TYR B 367 -2.56 -3.57 41.97
C TYR B 367 -3.36 -2.57 41.17
N ALA B 368 -3.17 -1.27 41.42
CA ALA B 368 -3.81 -0.27 40.58
C ALA B 368 -3.26 -0.31 39.16
N LYS B 369 -1.95 -0.53 39.02
CA LYS B 369 -1.35 -0.69 37.71
C LYS B 369 -1.94 -1.85 36.93
N ILE B 370 -2.52 -2.84 37.61
CA ILE B 370 -3.12 -3.98 36.93
C ILE B 370 -4.39 -3.55 36.19
N GLU B 371 -5.36 -3.00 36.93
CA GLU B 371 -6.62 -2.61 36.33
C GLU B 371 -6.46 -1.44 35.37
N ILE B 372 -5.48 -0.56 35.60
CA ILE B 372 -5.20 0.51 34.65
C ILE B 372 -4.76 -0.08 33.31
N ALA B 373 -3.91 -1.11 33.34
CA ALA B 373 -3.52 -1.78 32.11
C ALA B 373 -4.71 -2.46 31.45
N ILE B 374 -5.64 -2.99 32.25
CA ILE B 374 -6.82 -3.63 31.69
C ILE B 374 -7.71 -2.59 31.01
N ILE B 375 -7.83 -1.40 31.60
CA ILE B 375 -8.58 -0.33 30.95
C ILE B 375 -7.89 0.08 29.65
N GLU B 376 -6.56 0.28 29.72
CA GLU B 376 -5.80 0.57 28.52
C GLU B 376 -5.73 -0.62 27.57
N VAL B 377 -6.09 -1.81 28.04
CA VAL B 377 -6.32 -2.93 27.13
C VAL B 377 -7.61 -2.74 26.35
N GLN B 378 -8.68 -2.32 27.03
CA GLN B 378 -9.95 -2.12 26.36
C GLN B 378 -9.92 -0.91 25.43
N ARG B 379 -9.06 0.06 25.71
CA ARG B 379 -8.97 1.27 24.89
C ARG B 379 -8.09 1.07 23.66
N GLY B 380 -7.43 -0.09 23.52
CA GLY B 380 -6.65 -0.42 22.35
C GLY B 380 -5.16 -0.18 22.49
N LEU B 381 -4.72 0.57 23.50
CA LEU B 381 -3.32 0.88 23.71
C LEU B 381 -2.64 -0.31 24.41
N PHE B 382 -2.23 -1.28 23.59
CA PHE B 382 -1.59 -2.48 24.14
C PHE B 382 -0.16 -2.22 24.61
N GLU B 383 0.49 -1.16 24.11
CA GLU B 383 1.85 -0.87 24.52
C GLU B 383 1.92 -0.46 25.99
N LYS B 384 1.06 0.50 26.39
CA LYS B 384 1.03 0.92 27.79
C LYS B 384 0.57 -0.22 28.69
N ALA B 385 -0.33 -1.07 28.21
CA ALA B 385 -0.81 -2.18 29.02
C ALA B 385 0.32 -3.15 29.35
N ILE B 386 1.03 -3.63 28.33
CA ILE B 386 2.14 -4.54 28.56
C ILE B 386 3.23 -3.87 29.37
N LYS B 387 3.44 -2.57 29.15
CA LYS B 387 4.44 -1.82 29.92
C LYS B 387 4.08 -1.84 31.40
N LEU B 388 2.83 -1.50 31.73
CA LEU B 388 2.39 -1.54 33.12
C LEU B 388 2.34 -2.97 33.66
N LEU B 389 2.09 -3.95 32.78
CA LEU B 389 2.08 -5.35 33.21
C LEU B 389 3.47 -5.85 33.58
N LYS B 390 4.53 -5.17 33.13
CA LYS B 390 5.89 -5.53 33.50
C LYS B 390 6.36 -4.80 34.76
N GLU B 391 5.90 -3.56 34.97
CA GLU B 391 6.34 -2.80 36.13
C GLU B 391 5.78 -3.36 37.43
N ALA B 392 4.48 -3.68 37.45
CA ALA B 392 3.82 -4.23 38.62
C ALA B 392 3.92 -5.74 38.70
N GLU B 393 4.93 -6.33 38.06
CA GLU B 393 5.05 -7.79 38.05
C GLU B 393 5.50 -8.35 39.40
N PRO B 394 6.53 -7.83 40.07
CA PRO B 394 7.04 -8.54 41.26
C PRO B 394 6.16 -8.45 42.49
N TYR B 395 5.53 -7.30 42.74
CA TYR B 395 4.85 -7.08 44.02
C TYR B 395 3.62 -7.98 44.20
N VAL B 396 2.98 -8.38 43.11
CA VAL B 396 1.70 -9.07 43.23
C VAL B 396 1.89 -10.46 43.81
N ASP B 397 0.81 -10.99 44.39
CA ASP B 397 0.81 -12.33 44.94
C ASP B 397 0.62 -13.36 43.82
N GLU B 398 0.50 -14.63 44.22
CA GLU B 398 0.36 -15.71 43.24
C GLU B 398 -0.97 -15.63 42.49
N PHE B 399 -2.02 -15.10 43.12
CA PHE B 399 -3.29 -14.97 42.42
C PHE B 399 -3.22 -13.93 41.31
N PHE B 400 -2.72 -12.74 41.63
CA PHE B 400 -2.61 -11.69 40.62
C PHE B 400 -1.55 -12.02 39.59
N LYS B 401 -0.50 -12.77 39.98
CA LYS B 401 0.54 -13.16 39.04
C LYS B 401 -0.03 -13.99 37.90
N CYS B 402 -1.03 -14.82 38.19
CA CYS B 402 -1.68 -15.61 37.15
C CYS B 402 -2.49 -14.72 36.21
N GLU B 403 -3.26 -13.78 36.77
CA GLU B 403 -4.09 -12.93 35.95
C GLU B 403 -3.25 -11.96 35.12
N ILE B 404 -2.04 -11.64 35.59
CA ILE B 404 -1.12 -10.84 34.79
C ILE B 404 -0.72 -11.58 33.53
N TYR B 405 -0.28 -12.84 33.67
CA TYR B 405 0.15 -13.63 32.52
C TYR B 405 -1.01 -13.97 31.61
N SER B 406 -2.23 -14.03 32.14
CA SER B 406 -3.40 -14.25 31.29
C SER B 406 -3.71 -13.01 30.45
N TRP B 407 -3.68 -11.83 31.07
CA TRP B 407 -3.89 -10.60 30.33
C TRP B 407 -2.70 -10.27 29.42
N LEU B 408 -1.49 -10.62 29.85
CA LEU B 408 -0.34 -10.49 28.95
C LEU B 408 -0.46 -11.43 27.77
N ALA B 409 -1.00 -12.63 27.99
CA ALA B 409 -1.26 -13.54 26.87
C ALA B 409 -2.36 -12.99 25.97
N ASP B 410 -3.40 -12.41 26.56
CA ASP B 410 -4.43 -11.76 25.76
C ASP B 410 -3.90 -10.53 25.04
N ALA B 411 -2.92 -9.84 25.63
CA ALA B 411 -2.34 -8.67 24.99
C ALA B 411 -1.55 -9.06 23.74
N TYR B 412 -0.68 -10.07 23.84
CA TYR B 412 0.05 -10.56 22.68
C TYR B 412 -0.85 -11.26 21.68
N MET B 413 -2.07 -11.63 22.09
CA MET B 413 -2.99 -12.29 21.17
C MET B 413 -3.48 -11.32 20.09
N GLU B 414 -3.85 -10.11 20.48
CA GLU B 414 -4.31 -9.10 19.53
C GLU B 414 -3.17 -8.46 18.74
N LEU B 415 -1.94 -8.93 18.94
CA LEU B 415 -0.79 -8.51 18.15
C LEU B 415 -0.34 -9.59 17.18
N GLU B 416 -1.18 -10.60 16.96
CA GLU B 416 -0.84 -11.75 16.10
C GLU B 416 0.47 -12.39 16.55
N ASN B 417 0.60 -12.58 17.87
CA ASN B 417 1.80 -13.12 18.49
C ASN B 417 1.38 -14.31 19.37
N LEU B 418 1.00 -15.40 18.71
CA LEU B 418 0.49 -16.56 19.42
C LEU B 418 1.60 -17.32 20.15
N GLU B 419 2.84 -17.21 19.67
CA GLU B 419 3.94 -17.95 20.28
C GLU B 419 4.31 -17.37 21.64
N LYS B 420 4.47 -16.05 21.72
CA LYS B 420 4.76 -15.43 23.01
C LYS B 420 3.55 -15.41 23.92
N ALA B 421 2.34 -15.35 23.34
CA ALA B 421 1.13 -15.47 24.15
C ALA B 421 0.98 -16.88 24.71
N GLU B 422 1.48 -17.88 23.98
CA GLU B 422 1.41 -19.26 24.46
C GLU B 422 2.36 -19.47 25.64
N ARG B 423 3.57 -18.91 25.57
CA ARG B 423 4.51 -19.07 26.68
C ARG B 423 4.11 -18.23 27.90
N TYR B 424 3.33 -17.17 27.71
CA TYR B 424 2.86 -16.39 28.85
C TYR B 424 1.65 -17.03 29.51
N LEU B 425 0.78 -17.68 28.74
CA LEU B 425 -0.23 -18.54 29.34
C LEU B 425 0.36 -19.87 29.81
N LYS B 426 1.56 -20.22 29.33
CA LYS B 426 2.24 -21.41 29.81
C LYS B 426 2.71 -21.24 31.24
N LYS B 427 3.04 -20.01 31.65
CA LYS B 427 3.42 -19.77 33.04
C LYS B 427 2.25 -19.96 33.98
N THR B 428 1.01 -19.85 33.48
CA THR B 428 -0.19 -20.04 34.30
C THR B 428 -0.70 -21.48 34.25
N LYS B 429 -0.12 -22.34 33.42
CA LYS B 429 -0.53 -23.74 33.40
C LYS B 429 -0.26 -24.41 34.74
N GLU B 430 0.66 -23.87 35.54
CA GLU B 430 1.03 -24.45 36.82
C GLU B 430 0.51 -23.66 38.01
N ILE B 431 0.00 -22.44 37.80
CA ILE B 431 -0.44 -21.60 38.90
C ILE B 431 -1.89 -21.89 39.28
N VAL B 432 -2.78 -21.99 38.29
CA VAL B 432 -4.18 -22.27 38.59
C VAL B 432 -4.34 -23.65 39.18
N GLU B 433 -3.44 -24.58 38.86
CA GLU B 433 -3.52 -25.93 39.39
C GLU B 433 -2.95 -26.02 40.79
N LYS B 434 -2.01 -25.13 41.14
CA LYS B 434 -1.39 -25.16 42.45
C LYS B 434 -2.18 -24.37 43.49
N ILE B 435 -2.82 -23.27 43.09
CA ILE B 435 -3.67 -22.54 44.03
C ILE B 435 -5.12 -23.02 43.97
N ASN B 436 -5.53 -23.64 42.87
CA ASN B 436 -6.89 -24.17 42.70
C ASN B 436 -7.93 -23.07 42.95
N ASP B 437 -7.61 -21.86 42.51
CA ASP B 437 -8.54 -20.75 42.63
C ASP B 437 -9.60 -20.84 41.55
N MET B 438 -10.84 -20.49 41.90
CA MET B 438 -11.94 -20.59 40.95
C MET B 438 -11.85 -19.50 39.88
N TYR B 439 -11.71 -18.24 40.31
CA TYR B 439 -11.69 -17.14 39.36
C TYR B 439 -10.45 -17.20 38.47
N ALA B 440 -9.30 -17.56 39.05
CA ALA B 440 -8.09 -17.69 38.24
C ALA B 440 -8.21 -18.85 37.26
N TRP B 441 -8.83 -19.96 37.67
CA TRP B 441 -9.05 -21.06 36.75
C TRP B 441 -10.03 -20.69 35.65
N PHE B 442 -10.98 -19.79 35.93
CA PHE B 442 -11.91 -19.35 34.91
C PHE B 442 -11.21 -18.53 33.83
N SER B 443 -10.54 -17.44 34.24
CA SER B 443 -9.85 -16.59 33.27
C SER B 443 -8.71 -17.33 32.58
N TYR B 444 -8.21 -18.42 33.17
CA TYR B 444 -7.16 -19.20 32.52
C TYR B 444 -7.69 -19.89 31.28
N TYR B 445 -8.77 -20.66 31.41
CA TYR B 445 -9.39 -21.29 30.24
C TYR B 445 -10.15 -20.28 29.39
N ALA B 446 -10.43 -19.08 29.91
CA ALA B 446 -11.08 -18.06 29.11
C ALA B 446 -10.15 -17.53 28.02
N GLU B 447 -8.95 -17.11 28.41
CA GLU B 447 -7.96 -16.66 27.44
C GLU B 447 -7.40 -17.82 26.61
N LYS B 448 -7.50 -19.05 27.11
CA LYS B 448 -7.03 -20.20 26.34
C LYS B 448 -7.96 -20.49 25.17
N THR B 449 -9.27 -20.37 25.37
CA THR B 449 -10.22 -20.52 24.27
C THR B 449 -9.98 -19.48 23.20
N LYS B 450 -9.73 -18.23 23.61
CA LYS B 450 -9.44 -17.18 22.64
C LYS B 450 -8.15 -17.43 21.89
N TYR B 451 -7.19 -18.11 22.54
CA TYR B 451 -5.92 -18.42 21.88
C TYR B 451 -6.13 -19.40 20.74
N GLU B 452 -7.00 -20.39 20.92
CA GLU B 452 -7.24 -21.38 19.87
C GLU B 452 -8.13 -20.83 18.75
N TYR B 453 -9.12 -20.00 19.10
CA TYR B 453 -10.01 -19.46 18.08
C TYR B 453 -9.25 -18.57 17.10
N TYR B 454 -8.30 -17.78 17.60
CA TYR B 454 -7.49 -16.96 16.71
C TYR B 454 -6.64 -17.81 15.79
N LYS B 455 -6.20 -18.97 16.26
CA LYS B 455 -5.50 -19.93 15.43
C LYS B 455 -6.50 -20.64 14.52
N GLU B 456 -5.99 -21.17 13.40
CA GLU B 456 -6.85 -21.93 12.50
C GLU B 456 -7.48 -23.14 13.20
N ASN B 457 -6.80 -23.68 14.22
CA ASN B 457 -7.33 -24.81 14.95
C ASN B 457 -8.64 -24.45 15.63
N SER B 458 -9.68 -25.25 15.39
CA SER B 458 -10.97 -25.09 16.04
C SER B 458 -11.34 -26.32 16.86
N ARG B 459 -10.36 -27.18 17.16
CA ARG B 459 -10.59 -28.42 17.87
C ARG B 459 -10.33 -28.29 19.38
N GLU B 460 -9.16 -27.79 19.77
CA GLU B 460 -8.83 -27.67 21.19
C GLU B 460 -9.74 -26.65 21.88
N ALA B 461 -10.28 -25.69 21.13
CA ALA B 461 -11.17 -24.70 21.72
C ALA B 461 -12.47 -25.32 22.23
N LEU B 462 -12.84 -26.50 21.73
CA LEU B 462 -14.10 -27.11 22.16
C LEU B 462 -13.99 -27.64 23.59
N LYS B 463 -12.84 -28.17 23.97
CA LYS B 463 -12.67 -28.73 25.30
C LYS B 463 -12.26 -27.68 26.33
N SER B 464 -11.57 -26.62 25.90
CA SER B 464 -11.19 -25.57 26.83
C SER B 464 -12.40 -24.76 27.28
N ALA B 465 -13.42 -24.64 26.43
CA ALA B 465 -14.66 -23.98 26.81
C ALA B 465 -15.55 -24.84 27.70
N LEU B 466 -15.35 -26.16 27.68
CA LEU B 466 -16.12 -27.05 28.54
C LEU B 466 -15.78 -26.82 30.01
N LYS B 467 -14.50 -27.02 30.37
CA LYS B 467 -14.07 -26.84 31.75
C LYS B 467 -14.14 -25.37 32.19
N GLU B 468 -14.17 -24.44 31.25
CA GLU B 468 -14.43 -23.05 31.60
C GLU B 468 -15.86 -22.89 32.13
N LEU B 469 -16.82 -23.55 31.47
CA LEU B 469 -18.20 -23.51 31.94
C LEU B 469 -18.33 -24.22 33.28
N GLU B 470 -17.50 -25.23 33.55
CA GLU B 470 -17.54 -25.91 34.83
C GLU B 470 -17.28 -24.96 35.99
N ILE B 471 -16.50 -23.90 35.75
CA ILE B 471 -16.22 -22.92 36.79
C ILE B 471 -17.37 -21.93 36.91
N ILE B 472 -17.98 -21.55 35.78
CA ILE B 472 -19.06 -20.57 35.80
C ILE B 472 -20.30 -21.13 36.47
N ARG B 473 -20.52 -22.44 36.39
CA ARG B 473 -21.65 -23.06 37.07
C ARG B 473 -21.49 -23.06 38.59
N LYS B 474 -20.35 -22.60 39.10
CA LYS B 474 -20.10 -22.53 40.54
C LYS B 474 -20.25 -21.12 41.10
N ILE B 475 -19.82 -20.10 40.36
CA ILE B 475 -19.88 -18.73 40.87
C ILE B 475 -21.32 -18.26 40.93
N GLY B 476 -22.07 -18.44 39.84
CA GLY B 476 -23.46 -18.04 39.80
C GLY B 476 -23.75 -16.77 39.02
N ASP B 477 -22.85 -16.34 38.14
CA ASP B 477 -23.07 -15.16 37.33
C ASP B 477 -23.75 -15.54 36.02
N PRO B 478 -24.99 -15.11 35.77
CA PRO B 478 -25.71 -15.58 34.59
C PRO B 478 -25.22 -14.94 33.30
N GLU B 479 -24.67 -13.72 33.42
CA GLU B 479 -24.21 -13.00 32.24
C GLU B 479 -23.07 -13.74 31.56
N LYS B 480 -22.03 -14.09 32.31
CA LYS B 480 -20.88 -14.78 31.72
C LYS B 480 -21.25 -16.20 31.28
N GLU B 481 -22.22 -16.83 31.95
CA GLU B 481 -22.63 -18.17 31.55
C GLU B 481 -23.33 -18.17 30.20
N GLY B 482 -24.08 -17.10 29.89
CA GLY B 482 -24.74 -17.02 28.59
C GLY B 482 -23.79 -16.70 27.45
N LEU B 483 -22.73 -15.92 27.72
CA LEU B 483 -21.78 -15.58 26.67
C LEU B 483 -21.01 -16.80 26.19
N VAL B 484 -20.71 -17.73 27.09
CA VAL B 484 -19.96 -18.92 26.71
C VAL B 484 -20.83 -19.86 25.87
N LEU B 485 -22.09 -20.04 26.27
CA LEU B 485 -23.00 -20.88 25.48
C LEU B 485 -23.17 -20.34 24.08
N LEU B 486 -23.19 -19.01 23.93
CA LEU B 486 -23.30 -18.40 22.61
C LEU B 486 -22.02 -18.55 21.81
N HIS B 487 -20.87 -18.45 22.46
CA HIS B 487 -19.61 -18.49 21.72
C HIS B 487 -19.28 -19.90 21.25
N VAL B 488 -19.57 -20.91 22.08
CA VAL B 488 -19.41 -22.28 21.62
C VAL B 488 -20.36 -22.58 20.48
N GLY B 489 -21.52 -21.92 20.46
CA GLY B 489 -22.45 -22.02 19.35
C GLY B 489 -21.94 -21.32 18.10
N ASP B 490 -20.70 -20.83 18.15
CA ASP B 490 -20.00 -20.28 17.00
C ASP B 490 -18.82 -21.14 16.58
N ILE B 491 -18.11 -21.72 17.54
CA ILE B 491 -16.99 -22.58 17.22
C ILE B 491 -17.46 -23.87 16.56
N TYR B 492 -18.57 -24.43 17.04
CA TYR B 492 -19.10 -25.64 16.44
C TYR B 492 -19.65 -25.40 15.04
N LEU B 493 -20.16 -24.20 14.77
CA LEU B 493 -20.64 -23.90 13.43
C LEU B 493 -19.48 -23.80 12.45
N HIS B 494 -18.34 -23.28 12.89
CA HIS B 494 -17.16 -23.24 12.03
C HIS B 494 -16.54 -24.62 11.84
N MET B 495 -16.82 -25.55 12.75
CA MET B 495 -16.38 -26.93 12.59
C MET B 495 -17.14 -27.67 11.51
N GLY B 496 -18.22 -27.08 10.98
CA GLY B 496 -19.12 -27.78 10.08
C GLY B 496 -20.26 -28.48 10.79
N ASN B 497 -20.26 -28.49 12.11
CA ASN B 497 -21.30 -29.12 12.89
C ASN B 497 -22.45 -28.15 13.12
N TYR B 498 -23.68 -28.65 12.99
CA TYR B 498 -24.88 -27.85 13.18
C TYR B 498 -25.67 -28.20 14.42
N GLU B 499 -25.68 -29.48 14.82
CA GLU B 499 -26.48 -29.88 15.98
C GLU B 499 -25.94 -29.27 17.27
N LYS B 500 -24.61 -29.22 17.43
CA LYS B 500 -24.05 -28.64 18.65
C LYS B 500 -24.30 -27.14 18.72
N GLY B 501 -24.29 -26.46 17.57
CA GLY B 501 -24.53 -25.03 17.58
C GLY B 501 -25.96 -24.66 17.91
N ILE B 502 -26.92 -25.32 17.24
CA ILE B 502 -28.32 -24.96 17.41
C ILE B 502 -28.79 -25.25 18.83
N SER B 503 -28.21 -26.25 19.49
CA SER B 503 -28.64 -26.61 20.84
C SER B 503 -27.98 -25.72 21.89
N TYR B 504 -26.80 -25.17 21.60
CA TYR B 504 -26.08 -24.41 22.62
C TYR B 504 -26.66 -23.00 22.81
N TYR B 505 -26.99 -22.30 21.72
CA TYR B 505 -27.66 -21.02 21.91
C TYR B 505 -29.16 -21.16 22.11
N GLN B 506 -29.70 -22.37 21.98
CA GLN B 506 -31.07 -22.62 22.41
C GLN B 506 -31.12 -22.83 23.92
N GLU B 507 -30.08 -23.46 24.48
CA GLU B 507 -29.95 -23.51 25.93
C GLU B 507 -29.54 -22.15 26.49
N ALA B 508 -28.78 -21.37 25.71
CA ALA B 508 -28.47 -19.99 26.10
C ALA B 508 -29.70 -19.10 26.02
N LEU B 509 -30.58 -19.34 25.04
CA LEU B 509 -31.86 -18.63 25.00
C LEU B 509 -32.71 -18.96 26.21
N LYS B 510 -32.63 -20.21 26.71
CA LYS B 510 -33.28 -20.56 27.97
C LYS B 510 -32.71 -19.76 29.13
N MET B 511 -31.44 -19.37 29.04
CA MET B 511 -30.80 -18.55 30.07
C MET B 511 -31.27 -17.10 29.99
N ALA B 512 -31.28 -16.52 28.78
CA ALA B 512 -31.62 -15.11 28.62
C ALA B 512 -33.09 -14.85 28.94
N LYS B 513 -33.98 -15.73 28.50
CA LYS B 513 -35.41 -15.55 28.81
C LYS B 513 -35.69 -15.73 30.29
N ALA B 514 -34.93 -16.60 30.97
CA ALA B 514 -35.20 -16.86 32.38
C ALA B 514 -34.80 -15.68 33.25
N TYR B 515 -33.64 -15.09 33.01
CA TYR B 515 -33.13 -13.99 33.81
C TYR B 515 -33.52 -12.62 33.26
N GLY B 516 -34.30 -12.56 32.18
CA GLY B 516 -34.78 -11.30 31.67
C GLY B 516 -33.73 -10.39 31.07
N ILE B 517 -32.71 -10.94 30.42
CA ILE B 517 -31.68 -10.16 29.75
C ILE B 517 -32.06 -10.04 28.28
N LYS B 518 -32.52 -8.86 27.87
CA LYS B 518 -32.91 -8.66 26.48
C LYS B 518 -31.73 -8.55 25.54
N PHE B 519 -30.54 -8.17 26.05
CA PHE B 519 -29.37 -8.07 25.19
C PHE B 519 -28.91 -9.45 24.73
N LEU B 520 -28.65 -10.35 25.68
CA LEU B 520 -28.25 -11.71 25.33
C LEU B 520 -29.38 -12.48 24.63
N GLU B 521 -30.63 -12.06 24.83
CA GLU B 521 -31.74 -12.74 24.16
C GLU B 521 -31.70 -12.50 22.66
N HIS B 522 -31.45 -11.26 22.24
CA HIS B 522 -31.40 -10.94 20.82
C HIS B 522 -30.04 -11.22 20.21
N ILE B 523 -29.01 -11.44 21.02
CA ILE B 523 -27.74 -11.94 20.49
C ILE B 523 -27.92 -13.36 19.99
N SER B 524 -28.62 -14.21 20.75
CA SER B 524 -28.90 -15.56 20.32
C SER B 524 -29.83 -15.59 19.11
N TYR B 525 -30.68 -14.57 18.96
CA TYR B 525 -31.56 -14.51 17.79
C TYR B 525 -30.76 -14.40 16.50
N MET B 526 -29.66 -13.64 16.52
CA MET B 526 -28.80 -13.56 15.35
C MET B 526 -28.01 -14.85 15.14
N GLU B 527 -27.66 -15.54 16.23
CA GLU B 527 -27.00 -16.84 16.10
C GLU B 527 -27.97 -17.92 15.66
N LEU B 528 -29.23 -17.82 16.08
CA LEU B 528 -30.24 -18.78 15.66
C LEU B 528 -30.58 -18.62 14.18
N ALA B 529 -30.62 -17.38 13.70
CA ALA B 529 -30.88 -17.15 12.28
C ALA B 529 -29.69 -17.57 11.43
N LYS B 530 -28.47 -17.34 11.93
CA LYS B 530 -27.28 -17.70 11.17
C LYS B 530 -27.15 -19.20 11.01
N GLY B 531 -27.56 -19.97 12.02
CA GLY B 531 -27.47 -21.42 11.92
C GLY B 531 -28.41 -21.98 10.88
N TYR B 532 -29.68 -21.54 10.90
CA TYR B 532 -30.64 -22.01 9.91
C TYR B 532 -30.32 -21.51 8.52
N TYR B 533 -29.54 -20.43 8.41
CA TYR B 533 -29.14 -19.94 7.11
C TYR B 533 -28.07 -20.84 6.50
N GLN B 534 -27.16 -21.37 7.33
CA GLN B 534 -26.16 -22.30 6.83
C GLN B 534 -26.79 -23.61 6.38
N LEU B 535 -27.91 -23.99 6.98
CA LEU B 535 -28.69 -25.14 6.53
C LEU B 535 -29.76 -24.77 5.52
N LYS B 536 -29.74 -23.52 5.03
CA LYS B 536 -30.66 -23.05 3.99
C LYS B 536 -32.12 -23.17 4.42
N LEU B 537 -32.38 -23.14 5.72
CA LEU B 537 -33.74 -23.13 6.25
C LEU B 537 -34.28 -21.71 6.17
N TYR B 538 -34.85 -21.38 5.03
CA TYR B 538 -35.20 -19.98 4.74
C TYR B 538 -36.27 -19.45 5.70
N GLU B 539 -37.27 -20.27 6.01
CA GLU B 539 -38.43 -19.83 6.78
C GLU B 539 -38.04 -19.27 8.14
N LYS B 540 -37.50 -20.11 9.02
CA LYS B 540 -37.21 -19.67 10.39
C LYS B 540 -36.07 -18.67 10.41
N ALA B 541 -35.05 -18.86 9.57
CA ALA B 541 -33.90 -17.95 9.55
C ALA B 541 -34.34 -16.53 9.24
N SER B 542 -35.34 -16.37 8.36
CA SER B 542 -35.85 -15.05 8.03
C SER B 542 -36.72 -14.46 9.13
N GLU B 543 -37.30 -15.31 9.99
CA GLU B 543 -38.14 -14.82 11.08
C GLU B 543 -37.29 -14.30 12.23
N TYR B 544 -36.33 -15.10 12.69
CA TYR B 544 -35.47 -14.68 13.80
C TYR B 544 -34.58 -13.52 13.41
N SER B 545 -34.28 -13.36 12.12
CA SER B 545 -33.51 -12.20 11.69
C SER B 545 -34.34 -10.92 11.75
N GLU B 546 -35.66 -11.02 11.57
CA GLU B 546 -36.51 -9.85 11.66
C GLU B 546 -36.55 -9.31 13.08
N LYS B 547 -36.59 -10.19 14.07
CA LYS B 547 -36.59 -9.76 15.47
C LYS B 547 -35.21 -9.30 15.92
N ALA B 548 -34.15 -9.93 15.39
CA ALA B 548 -32.79 -9.51 15.72
C ALA B 548 -32.49 -8.14 15.11
N ALA B 549 -32.91 -7.91 13.87
CA ALA B 549 -32.74 -6.60 13.26
C ALA B 549 -33.55 -5.55 14.00
N ASN B 550 -34.75 -5.92 14.45
CA ASN B 550 -35.57 -4.99 15.23
C ASN B 550 -34.84 -4.51 16.47
N TYR B 551 -34.04 -5.38 17.09
CA TYR B 551 -33.30 -4.99 18.28
C TYR B 551 -32.14 -4.06 17.92
N PHE B 552 -31.22 -4.53 17.07
CA PHE B 552 -30.00 -3.77 16.80
C PHE B 552 -30.26 -2.49 16.02
N LEU B 553 -31.34 -2.44 15.23
CA LEU B 553 -31.75 -1.17 14.66
C LEU B 553 -32.23 -0.22 15.73
N MET B 554 -32.84 -0.75 16.79
CA MET B 554 -33.26 0.05 17.94
C MET B 554 -32.10 0.37 18.86
N ILE B 555 -31.17 -0.59 19.02
CA ILE B 555 -29.96 -0.35 19.82
C ILE B 555 -28.96 0.51 19.05
N ARG B 556 -29.21 0.74 17.77
CA ARG B 556 -28.37 1.61 16.94
C ARG B 556 -26.96 1.07 16.81
N ASN B 557 -26.83 -0.26 16.83
CA ASN B 557 -25.59 -0.94 16.48
C ASN B 557 -25.71 -1.37 15.03
N TYR B 558 -25.48 -0.40 14.12
CA TYR B 558 -25.70 -0.66 12.71
C TYR B 558 -24.72 -1.68 12.14
N ARG B 559 -23.62 -1.94 12.84
CA ARG B 559 -22.70 -2.99 12.40
C ARG B 559 -23.40 -4.35 12.41
N ARG B 560 -24.00 -4.71 13.55
CA ARG B 560 -24.72 -5.98 13.66
C ARG B 560 -26.13 -5.88 13.09
N ALA B 561 -26.75 -4.70 13.11
CA ALA B 561 -28.06 -4.52 12.48
C ALA B 561 -27.99 -4.79 10.99
N THR B 562 -26.87 -4.43 10.36
CA THR B 562 -26.65 -4.80 8.97
C THR B 562 -26.50 -6.31 8.83
N ASP B 563 -25.71 -6.93 9.71
CA ASP B 563 -25.53 -8.38 9.66
C ASP B 563 -26.84 -9.11 9.83
N ALA B 564 -27.75 -8.56 10.65
CA ALA B 564 -29.07 -9.17 10.80
C ALA B 564 -29.88 -9.03 9.52
N MET B 565 -30.03 -7.80 9.04
CA MET B 565 -30.76 -7.58 7.79
C MET B 565 -30.04 -8.16 6.59
N ALA B 566 -28.78 -8.57 6.73
CA ALA B 566 -28.06 -9.22 5.64
C ALA B 566 -28.58 -10.62 5.42
N TYR B 567 -28.50 -11.46 6.46
CA TYR B 567 -29.02 -12.82 6.35
C TYR B 567 -30.54 -12.83 6.24
N GLY B 568 -31.21 -11.80 6.78
CA GLY B 568 -32.66 -11.79 6.76
C GLY B 568 -33.25 -11.57 5.37
N SER B 569 -32.73 -10.57 4.65
CA SER B 569 -33.25 -10.26 3.33
C SER B 569 -32.97 -11.38 2.31
N VAL B 570 -31.85 -12.07 2.47
CA VAL B 570 -31.52 -13.16 1.54
C VAL B 570 -32.49 -14.32 1.71
N SER B 571 -32.53 -14.88 2.93
CA SER B 571 -33.36 -16.06 3.18
C SER B 571 -34.84 -15.78 3.01
N TYR B 572 -35.27 -14.52 3.10
CA TYR B 572 -36.70 -14.20 3.02
C TYR B 572 -37.23 -14.45 1.61
N ILE B 573 -36.66 -13.76 0.61
CA ILE B 573 -37.15 -13.85 -0.76
C ILE B 573 -37.04 -15.26 -1.35
N ALA B 574 -36.32 -16.17 -0.70
CA ALA B 574 -36.19 -17.52 -1.23
C ALA B 574 -37.55 -18.21 -1.32
N THR B 575 -38.33 -18.15 -0.24
CA THR B 575 -39.64 -18.80 -0.23
C THR B 575 -40.73 -17.91 0.37
N LYS B 576 -40.44 -16.65 0.65
CA LYS B 576 -41.39 -15.75 1.27
C LYS B 576 -41.62 -14.54 0.37
N ASN B 577 -42.33 -13.54 0.91
CA ASN B 577 -42.73 -12.38 0.13
C ASN B 577 -41.52 -11.50 -0.19
N LEU B 578 -41.59 -10.84 -1.34
CA LEU B 578 -40.51 -9.95 -1.77
C LEU B 578 -40.53 -8.62 -1.06
N GLU B 579 -41.68 -8.20 -0.51
CA GLU B 579 -41.80 -6.84 0.00
C GLU B 579 -41.03 -6.67 1.30
N LYS B 580 -41.06 -7.67 2.18
CA LYS B 580 -40.37 -7.55 3.46
C LYS B 580 -38.86 -7.44 3.26
N ALA B 581 -38.28 -8.33 2.45
CA ALA B 581 -36.86 -8.21 2.15
C ALA B 581 -36.56 -6.94 1.36
N GLU B 582 -37.53 -6.47 0.57
CA GLU B 582 -37.37 -5.16 -0.07
C GLU B 582 -37.30 -4.06 0.97
N LYS B 583 -38.12 -4.15 2.02
CA LYS B 583 -38.01 -3.22 3.13
C LYS B 583 -36.66 -3.37 3.83
N PHE B 584 -36.21 -4.60 4.03
CA PHE B 584 -34.90 -4.83 4.67
C PHE B 584 -33.78 -4.25 3.82
N ALA B 585 -33.80 -4.51 2.51
CA ALA B 585 -32.75 -4.00 1.64
C ALA B 585 -32.71 -2.48 1.64
N LYS B 586 -33.89 -1.83 1.63
CA LYS B 586 -33.93 -0.38 1.65
C LYS B 586 -33.47 0.18 2.99
N GLU B 587 -33.70 -0.55 4.08
CA GLU B 587 -33.13 -0.15 5.36
C GLU B 587 -31.62 -0.29 5.37
N MET B 588 -31.10 -1.32 4.70
CA MET B 588 -29.64 -1.44 4.56
C MET B 588 -29.07 -0.29 3.75
N ILE B 589 -29.86 0.27 2.84
CA ILE B 589 -29.44 1.46 2.12
C ILE B 589 -29.50 2.68 3.03
N ARG B 590 -30.52 2.74 3.89
CA ARG B 590 -30.66 3.87 4.81
C ARG B 590 -29.48 3.95 5.77
N ILE B 591 -29.10 2.82 6.35
CA ILE B 591 -27.96 2.81 7.27
C ILE B 591 -26.63 2.86 6.53
N ALA B 592 -26.63 2.57 5.22
CA ALA B 592 -25.43 2.78 4.42
C ALA B 592 -25.16 4.25 4.21
N GLN B 593 -26.20 5.00 3.85
CA GLN B 593 -26.06 6.44 3.61
C GLN B 593 -25.79 7.23 4.88
N SER B 594 -25.73 6.58 6.04
CA SER B 594 -25.46 7.26 7.30
C SER B 594 -24.14 6.87 7.94
N THR B 595 -23.73 5.60 7.82
CA THR B 595 -22.51 5.11 8.45
C THR B 595 -21.45 4.64 7.47
N ASP B 596 -21.79 4.46 6.19
CA ASP B 596 -20.85 3.97 5.19
C ASP B 596 -20.29 2.60 5.58
N TYR B 597 -21.19 1.72 5.99
CA TYR B 597 -20.79 0.36 6.36
C TYR B 597 -20.66 -0.49 5.09
N PRO B 598 -19.60 -1.29 4.98
CA PRO B 598 -19.42 -2.09 3.76
C PRO B 598 -20.56 -3.07 3.50
N LEU B 599 -20.92 -3.88 4.48
CA LEU B 599 -22.00 -4.84 4.29
C LEU B 599 -23.36 -4.18 4.09
N ALA B 600 -23.47 -2.88 4.34
CA ALA B 600 -24.74 -2.18 4.17
C ALA B 600 -25.05 -1.90 2.70
N TRP B 601 -24.04 -1.57 1.90
CA TRP B 601 -24.26 -1.37 0.47
C TRP B 601 -24.57 -2.68 -0.24
N ALA B 602 -24.25 -3.83 0.39
CA ALA B 602 -24.64 -5.11 -0.19
C ALA B 602 -26.15 -5.30 -0.21
N GLY B 603 -26.88 -4.60 0.66
CA GLY B 603 -28.33 -4.62 0.58
C GLY B 603 -28.87 -3.79 -0.57
N TYR B 604 -28.06 -2.87 -1.08
CA TYR B 604 -28.46 -2.05 -2.22
C TYR B 604 -28.63 -2.91 -3.47
N ILE B 605 -27.75 -3.89 -3.67
CA ILE B 605 -27.88 -4.80 -4.81
C ILE B 605 -28.94 -5.86 -4.56
N PHE B 606 -29.21 -6.20 -3.30
CA PHE B 606 -30.31 -7.12 -3.00
C PHE B 606 -31.65 -6.50 -3.34
N LEU B 607 -31.76 -5.17 -3.24
CA LEU B 607 -32.97 -4.49 -3.70
C LEU B 607 -33.17 -4.70 -5.20
N ALA B 608 -32.08 -4.68 -5.97
CA ALA B 608 -32.18 -4.99 -7.39
C ALA B 608 -32.63 -6.42 -7.61
N ALA B 609 -32.17 -7.35 -6.75
CA ALA B 609 -32.65 -8.72 -6.82
C ALA B 609 -34.15 -8.79 -6.56
N VAL B 610 -34.63 -7.98 -5.61
CA VAL B 610 -36.08 -7.93 -5.36
C VAL B 610 -36.79 -7.31 -6.55
N ASP B 611 -36.23 -6.24 -7.11
CA ASP B 611 -36.86 -5.57 -8.25
C ASP B 611 -36.92 -6.50 -9.47
N PHE B 612 -35.83 -7.22 -9.73
CA PHE B 612 -35.83 -8.16 -10.85
C PHE B 612 -36.88 -9.26 -10.64
N LEU B 613 -37.06 -9.69 -9.40
CA LEU B 613 -38.08 -10.68 -9.08
C LEU B 613 -39.46 -10.07 -8.89
N LYS B 614 -39.57 -8.73 -8.83
CA LYS B 614 -40.84 -8.04 -8.72
C LYS B 614 -41.32 -7.48 -10.05
N GLY B 615 -40.86 -8.05 -11.16
CA GLY B 615 -41.28 -7.60 -12.48
C GLY B 615 -40.80 -6.22 -12.85
N ASP B 616 -39.79 -5.71 -12.16
CA ASP B 616 -39.23 -4.40 -12.49
C ASP B 616 -38.06 -4.56 -13.45
N ASP B 617 -37.84 -3.54 -14.25
CA ASP B 617 -36.84 -3.60 -15.31
C ASP B 617 -35.43 -3.56 -14.74
N TRP B 618 -34.45 -3.55 -15.64
CA TRP B 618 -33.06 -3.44 -15.23
C TRP B 618 -32.68 -2.03 -14.80
N ARG B 619 -33.55 -1.04 -15.01
CA ARG B 619 -33.33 0.27 -14.40
C ARG B 619 -33.52 0.20 -12.90
N GLU B 620 -34.51 -0.57 -12.44
CA GLU B 620 -34.62 -0.89 -11.02
C GLU B 620 -33.63 -1.97 -10.62
N ASP B 621 -33.20 -2.81 -11.55
CA ASP B 621 -32.09 -3.73 -11.33
C ASP B 621 -30.73 -3.06 -11.49
N TYR B 622 -30.69 -1.78 -11.86
CA TYR B 622 -29.42 -1.06 -11.92
C TYR B 622 -28.78 -0.93 -10.55
N ASN B 623 -29.54 -1.09 -9.46
CA ASN B 623 -28.97 -1.06 -8.12
C ASN B 623 -27.78 -1.99 -7.98
N LEU B 624 -27.67 -3.01 -8.84
CA LEU B 624 -26.42 -3.76 -8.96
C LEU B 624 -25.26 -2.81 -9.28
N GLY B 625 -25.38 -2.08 -10.38
CA GLY B 625 -24.34 -1.13 -10.73
C GLY B 625 -24.26 0.05 -9.79
N LYS B 626 -25.38 0.42 -9.17
CA LYS B 626 -25.38 1.56 -8.26
C LYS B 626 -24.52 1.28 -7.04
N ALA B 627 -24.55 0.06 -6.52
CA ALA B 627 -23.82 -0.27 -5.31
C ALA B 627 -22.52 -1.02 -5.57
N HIS B 628 -22.34 -1.59 -6.76
CA HIS B 628 -21.07 -2.25 -7.03
C HIS B 628 -19.95 -1.23 -7.18
N LEU B 629 -20.27 -0.02 -7.64
CA LEU B 629 -19.27 1.06 -7.64
C LEU B 629 -18.98 1.52 -6.22
N LYS B 630 -19.98 1.49 -5.33
CA LYS B 630 -19.70 1.74 -3.93
C LYS B 630 -18.92 0.59 -3.31
N GLU B 631 -19.17 -0.64 -3.76
CA GLU B 631 -18.50 -1.82 -3.25
C GLU B 631 -17.27 -2.21 -4.06
N TYR B 632 -16.81 -1.32 -4.94
CA TYR B 632 -15.60 -1.58 -5.72
C TYR B 632 -14.36 -1.60 -4.84
N PRO B 633 -14.17 -0.65 -3.91
CA PRO B 633 -12.96 -0.71 -3.08
C PRO B 633 -12.88 -1.95 -2.21
N TRP B 634 -13.94 -2.26 -1.47
CA TRP B 634 -13.93 -3.41 -0.57
C TRP B 634 -13.87 -4.71 -1.37
N LEU B 635 -12.78 -5.47 -1.19
CA LEU B 635 -12.66 -6.76 -1.86
C LEU B 635 -13.53 -7.83 -1.22
N PHE B 636 -14.09 -7.58 -0.04
CA PHE B 636 -15.03 -8.52 0.57
C PHE B 636 -16.29 -8.66 -0.28
N GLU B 637 -16.57 -7.71 -1.16
CA GLU B 637 -17.75 -7.80 -2.02
C GLU B 637 -17.68 -9.01 -2.95
N ALA B 638 -16.48 -9.38 -3.39
CA ALA B 638 -16.31 -10.57 -4.21
C ALA B 638 -16.66 -11.85 -3.47
N VAL B 639 -16.87 -11.78 -2.15
CA VAL B 639 -17.19 -12.95 -1.35
C VAL B 639 -18.69 -13.05 -1.07
N LEU B 640 -19.37 -11.92 -0.86
CA LEU B 640 -20.78 -11.94 -0.52
C LEU B 640 -21.67 -12.42 -1.68
N ASP B 641 -21.14 -12.39 -2.91
CA ASP B 641 -21.92 -12.84 -4.05
C ASP B 641 -22.16 -14.34 -4.05
N GLU B 642 -21.35 -15.12 -3.31
CA GLU B 642 -21.54 -16.56 -3.24
C GLU B 642 -22.84 -16.95 -2.56
N LEU B 643 -23.43 -16.04 -1.77
CA LEU B 643 -24.65 -16.37 -1.03
C LEU B 643 -25.91 -16.14 -1.84
N LYS B 644 -25.94 -15.08 -2.66
CA LYS B 644 -27.17 -14.73 -3.37
C LYS B 644 -27.45 -15.68 -4.54
N LYS B 645 -26.42 -16.05 -5.30
CA LYS B 645 -26.64 -16.92 -6.45
C LYS B 645 -26.90 -18.37 -6.06
N VAL B 646 -26.48 -18.78 -4.87
CA VAL B 646 -26.68 -20.17 -4.45
C VAL B 646 -28.12 -20.39 -4.05
N PHE B 647 -28.67 -19.52 -3.20
CA PHE B 647 -30.06 -19.70 -2.78
C PHE B 647 -31.03 -19.38 -3.91
N ASP B 648 -30.67 -18.44 -4.77
CA ASP B 648 -31.55 -18.05 -5.86
C ASP B 648 -30.71 -17.56 -7.04
N ALA C 2 -9.59 38.49 -6.58
CA ALA C 2 -9.05 39.57 -5.76
C ALA C 2 -8.58 39.04 -4.41
N PRO C 3 -7.52 39.64 -3.86
CA PRO C 3 -7.02 39.18 -2.56
C PRO C 3 -8.02 39.43 -1.44
N ILE C 4 -8.04 38.50 -0.48
CA ILE C 4 -8.92 38.56 0.68
C ILE C 4 -10.37 38.72 0.24
N GLU C 5 -10.95 37.64 -0.31
CA GLU C 5 -12.34 37.63 -0.72
C GLU C 5 -12.90 36.23 -0.53
N TRP C 6 -14.20 36.11 -0.73
CA TRP C 6 -14.87 34.83 -0.56
C TRP C 6 -14.46 33.85 -1.67
N GLU C 7 -14.54 32.56 -1.36
CA GLU C 7 -14.22 31.51 -2.32
C GLU C 7 -15.45 31.03 -3.07
N SER C 8 -16.35 31.95 -3.41
CA SER C 8 -17.59 31.62 -4.11
C SER C 8 -17.29 31.07 -5.50
N SER C 9 -17.46 29.77 -5.67
CA SER C 9 -17.20 29.14 -6.96
C SER C 9 -18.38 29.36 -7.89
N PRO C 10 -18.15 29.77 -9.14
CA PRO C 10 -19.26 29.92 -10.09
C PRO C 10 -19.87 28.57 -10.45
N ARG C 11 -21.18 28.59 -10.68
CA ARG C 11 -21.89 27.36 -10.98
C ARG C 11 -21.53 26.85 -12.38
N VAL C 12 -22.03 25.66 -12.69
CA VAL C 12 -21.85 25.11 -14.02
C VAL C 12 -22.68 25.93 -15.00
N GLU C 13 -22.22 26.03 -16.25
CA GLU C 13 -22.95 26.77 -17.26
C GLU C 13 -24.34 26.17 -17.49
N VAL C 14 -24.40 24.88 -17.74
CA VAL C 14 -25.67 24.19 -17.95
C VAL C 14 -26.21 23.73 -16.61
N PHE C 15 -27.52 23.91 -16.40
CA PHE C 15 -28.15 23.47 -15.17
C PHE C 15 -29.66 23.39 -15.38
N VAL C 16 -30.24 22.25 -15.04
CA VAL C 16 -31.68 22.09 -14.99
C VAL C 16 -32.04 21.64 -13.59
N GLY C 17 -32.13 22.61 -12.67
CA GLY C 17 -32.28 22.30 -11.27
C GLY C 17 -33.61 21.66 -10.95
N ARG C 18 -33.62 20.93 -9.82
CA ARG C 18 -34.83 20.33 -9.27
C ARG C 18 -35.51 21.39 -8.41
N LYS C 19 -36.55 22.02 -8.97
CA LYS C 19 -37.10 23.22 -8.36
C LYS C 19 -37.71 22.95 -7.00
N ARG C 20 -38.23 21.74 -6.76
CA ARG C 20 -38.77 21.42 -5.45
C ARG C 20 -37.68 21.40 -4.38
N GLU C 21 -36.53 20.81 -4.71
CA GLU C 21 -35.42 20.78 -3.77
C GLU C 21 -34.74 22.12 -3.63
N LEU C 22 -34.93 23.03 -4.59
CA LEU C 22 -34.41 24.39 -4.45
C LEU C 22 -35.24 25.22 -3.48
N SER C 23 -36.58 25.14 -3.60
CA SER C 23 -37.44 25.82 -2.65
C SER C 23 -37.26 25.29 -1.23
N ILE C 24 -36.98 23.99 -1.10
CA ILE C 24 -36.66 23.43 0.22
C ILE C 24 -35.46 24.14 0.81
N ILE C 25 -34.36 24.20 0.07
CA ILE C 25 -33.12 24.77 0.59
C ILE C 25 -33.27 26.26 0.86
N ARG C 26 -33.89 26.99 -0.06
CA ARG C 26 -34.03 28.43 0.11
C ARG C 26 -34.97 28.76 1.27
N ASN C 27 -36.04 27.98 1.43
CA ASN C 27 -37.00 28.19 2.50
C ASN C 27 -36.79 27.23 3.66
N ALA C 28 -35.57 26.70 3.82
CA ALA C 28 -35.29 25.77 4.90
C ALA C 28 -35.10 26.51 6.22
N LYS C 29 -35.30 25.78 7.31
CA LYS C 29 -35.07 26.28 8.65
C LYS C 29 -33.82 25.63 9.22
N GLY C 30 -32.96 26.45 9.82
CA GLY C 30 -31.74 25.97 10.46
C GLY C 30 -30.63 25.60 9.51
N VAL C 31 -30.29 24.32 9.47
CA VAL C 31 -29.17 23.81 8.68
C VAL C 31 -29.70 22.98 7.53
N VAL C 32 -29.15 23.21 6.34
CA VAL C 32 -29.51 22.43 5.16
C VAL C 32 -28.42 21.40 4.92
N VAL C 33 -28.80 20.13 4.89
CA VAL C 33 -27.88 19.02 4.65
C VAL C 33 -28.19 18.44 3.27
N ILE C 34 -27.25 18.56 2.35
CA ILE C 34 -27.38 17.99 1.00
C ILE C 34 -26.46 16.79 0.94
N TYR C 35 -27.03 15.59 0.98
CA TYR C 35 -26.23 14.37 0.91
C TYR C 35 -26.61 13.59 -0.33
N GLY C 36 -25.60 13.19 -1.09
CA GLY C 36 -25.80 12.40 -2.28
C GLY C 36 -24.52 11.68 -2.61
N ILE C 37 -24.42 11.24 -3.86
CA ILE C 37 -23.21 10.55 -4.31
C ILE C 37 -22.29 11.54 -5.01
N ALA C 38 -21.13 11.07 -5.44
CA ALA C 38 -20.15 11.93 -6.08
C ALA C 38 -20.68 12.42 -7.43
N GLY C 39 -20.57 13.74 -7.65
CA GLY C 39 -21.00 14.32 -8.90
C GLY C 39 -22.49 14.28 -9.16
N ILE C 40 -23.30 13.99 -8.14
CA ILE C 40 -24.74 13.95 -8.35
C ILE C 40 -25.32 15.35 -8.48
N GLY C 41 -24.56 16.37 -8.08
CA GLY C 41 -25.01 17.74 -8.23
C GLY C 41 -25.23 18.49 -6.95
N LYS C 42 -24.71 17.99 -5.83
CA LYS C 42 -24.93 18.66 -4.55
C LYS C 42 -24.21 19.99 -4.49
N THR C 43 -22.90 19.99 -4.75
CA THR C 43 -22.12 21.24 -4.74
C THR C 43 -22.69 22.25 -5.72
N SER C 44 -23.06 21.80 -6.92
CA SER C 44 -23.65 22.70 -7.91
C SER C 44 -25.03 23.19 -7.47
N LEU C 45 -25.78 22.37 -6.72
CA LEU C 45 -27.09 22.80 -6.25
C LEU C 45 -26.97 23.88 -5.19
N ALA C 46 -25.98 23.76 -4.30
CA ALA C 46 -25.80 24.75 -3.25
C ALA C 46 -25.53 26.13 -3.84
N ALA C 47 -24.73 26.19 -4.90
CA ALA C 47 -24.52 27.47 -5.58
C ALA C 47 -25.78 27.98 -6.25
N LYS C 48 -26.65 27.08 -6.73
CA LYS C 48 -27.92 27.51 -7.31
C LYS C 48 -28.85 28.08 -6.25
N ALA C 49 -28.69 27.65 -5.00
CA ALA C 49 -29.53 28.15 -3.91
C ALA C 49 -29.26 29.63 -3.67
N PHE C 50 -28.06 29.94 -3.17
CA PHE C 50 -27.68 31.32 -2.86
C PHE C 50 -26.31 31.61 -3.47
N PRO C 51 -26.19 32.57 -4.38
CA PRO C 51 -24.92 32.78 -5.08
C PRO C 51 -23.83 33.42 -4.22
N ASN C 52 -24.16 34.53 -3.55
CA ASN C 52 -23.18 35.28 -2.78
C ASN C 52 -22.91 34.69 -1.41
N ALA C 53 -23.21 33.41 -1.22
CA ALA C 53 -22.93 32.76 0.06
C ALA C 53 -21.42 32.55 0.23
N TYR C 54 -20.96 32.67 1.47
CA TYR C 54 -19.57 32.39 1.77
C TYR C 54 -19.29 30.90 1.62
N TRP C 55 -18.37 30.56 0.74
CA TRP C 55 -18.00 29.17 0.46
C TRP C 55 -16.74 28.81 1.21
N TYR C 56 -16.71 27.59 1.75
CA TYR C 56 -15.49 27.01 2.32
C TYR C 56 -15.36 25.58 1.82
N ASN C 57 -14.50 25.37 0.82
CA ASN C 57 -14.17 24.02 0.38
C ASN C 57 -13.16 23.42 1.34
N VAL C 58 -13.55 22.34 2.00
CA VAL C 58 -12.66 21.69 2.97
C VAL C 58 -11.73 20.73 2.23
N THR C 59 -10.53 20.58 2.77
CA THR C 59 -9.51 19.68 2.22
C THR C 59 -9.21 18.59 3.26
N GLY C 60 -8.14 17.85 3.02
CA GLY C 60 -7.71 16.84 3.98
C GLY C 60 -7.35 17.47 5.31
N LEU C 61 -6.25 18.20 5.33
CA LEU C 61 -5.79 18.87 6.55
C LEU C 61 -6.81 19.93 6.93
N GLU C 62 -7.52 19.70 8.04
CA GLU C 62 -8.51 20.65 8.54
C GLU C 62 -8.50 20.61 10.06
N ASP C 63 -7.95 21.66 10.68
CA ASP C 63 -8.10 21.85 12.11
C ASP C 63 -9.35 22.68 12.33
N PHE C 64 -10.14 22.30 13.35
CA PHE C 64 -11.36 23.04 13.63
C PHE C 64 -11.06 24.50 13.90
N LYS C 65 -9.93 24.80 14.54
CA LYS C 65 -9.58 26.20 14.80
C LYS C 65 -9.20 26.94 13.53
N TYR C 66 -8.56 26.25 12.57
CA TYR C 66 -8.21 26.91 11.31
C TYR C 66 -9.46 27.27 10.52
N PHE C 67 -10.42 26.34 10.41
CA PHE C 67 -11.66 26.66 9.73
C PHE C 67 -12.38 27.82 10.41
N ALA C 68 -12.50 27.75 11.74
CA ALA C 68 -13.10 28.85 12.48
C ALA C 68 -12.30 30.13 12.33
N TRP C 69 -10.98 30.01 12.16
CA TRP C 69 -10.17 31.19 11.88
C TRP C 69 -10.56 31.79 10.54
N GLN C 70 -10.56 30.97 9.48
CA GLN C 70 -11.03 31.44 8.18
C GLN C 70 -12.49 31.86 8.23
N LEU C 71 -13.30 31.13 9.01
CA LEU C 71 -14.68 31.56 9.23
C LEU C 71 -14.74 32.89 9.97
N GLY C 72 -13.76 33.15 10.85
CA GLY C 72 -13.70 34.43 11.52
C GLY C 72 -13.28 35.56 10.60
N LEU C 73 -12.42 35.26 9.61
CA LEU C 73 -12.05 36.27 8.62
C LEU C 73 -13.27 36.77 7.86
N PHE C 74 -14.22 35.88 7.59
CA PHE C 74 -15.45 36.29 6.90
C PHE C 74 -16.30 37.19 7.79
N LEU C 75 -16.58 36.74 9.02
CA LEU C 75 -17.34 37.56 9.96
C LEU C 75 -16.60 38.86 10.28
N SER C 76 -15.27 38.84 10.20
CA SER C 76 -14.51 40.08 10.38
C SER C 76 -14.64 40.98 9.16
N SER C 77 -14.72 40.39 7.96
CA SER C 77 -14.88 41.18 6.76
C SER C 77 -16.27 41.80 6.67
N ILE C 78 -17.28 41.14 7.25
CA ILE C 78 -18.63 41.71 7.23
C ILE C 78 -18.72 42.90 8.17
N GLY C 79 -18.04 42.82 9.32
CA GLY C 79 -17.95 43.94 10.23
C GLY C 79 -18.75 43.82 11.52
N PHE C 80 -19.60 42.81 11.65
CA PHE C 80 -20.37 42.64 12.89
C PHE C 80 -19.60 41.85 13.95
N GLU C 81 -18.80 40.88 13.54
CA GLU C 81 -17.95 40.13 14.46
C GLU C 81 -16.48 40.48 14.29
N ASP C 82 -16.19 41.61 13.64
CA ASP C 82 -14.81 42.06 13.49
C ASP C 82 -14.15 42.27 14.84
N LEU C 83 -14.81 42.98 15.74
CA LEU C 83 -14.24 43.27 17.05
C LEU C 83 -14.35 42.08 18.00
N LEU C 84 -15.31 41.18 17.77
CA LEU C 84 -15.59 40.08 18.69
C LEU C 84 -14.92 38.78 18.25
N GLU C 85 -15.25 38.30 17.06
CA GLU C 85 -14.86 36.94 16.67
C GLU C 85 -13.36 36.84 16.38
N TYR C 86 -12.88 37.56 15.37
CA TYR C 86 -11.49 37.39 14.94
C TYR C 86 -10.52 37.78 16.03
N LEU C 87 -10.78 38.90 16.72
CA LEU C 87 -9.85 39.35 17.75
C LEU C 87 -9.71 38.34 18.88
N ARG C 88 -10.73 37.51 19.11
CA ARG C 88 -10.56 36.44 20.08
C ARG C 88 -9.78 35.27 19.51
N GLY C 89 -9.83 35.08 18.19
CA GLY C 89 -8.98 34.08 17.56
C GLY C 89 -7.52 34.31 17.87
N GLY C 90 -7.07 35.57 17.80
CA GLY C 90 -5.73 35.91 18.25
C GLY C 90 -5.54 35.84 19.75
N GLY C 91 -6.64 35.78 20.51
CA GLY C 91 -6.56 35.66 21.95
C GLY C 91 -6.34 34.24 22.43
N ASN C 92 -7.35 33.39 22.31
CA ASN C 92 -7.29 32.01 22.77
C ASN C 92 -8.41 31.23 22.07
N ASN C 93 -8.77 30.07 22.64
CA ASN C 93 -9.76 29.20 22.03
C ASN C 93 -10.57 28.52 23.13
N GLU C 94 -11.78 28.06 22.75
CA GLU C 94 -12.71 27.42 23.66
C GLU C 94 -13.89 26.93 22.82
N ASN C 95 -14.81 26.21 23.47
CA ASN C 95 -16.10 25.92 22.85
C ASN C 95 -17.03 27.13 22.86
N ASP C 96 -16.67 28.20 23.56
CA ASP C 96 -17.41 29.45 23.45
C ASP C 96 -17.33 30.02 22.04
N ILE C 97 -16.39 29.53 21.22
CA ILE C 97 -16.37 29.85 19.79
C ILE C 97 -17.69 29.45 19.15
N PHE C 98 -18.33 28.39 19.66
CA PHE C 98 -19.64 28.00 19.16
C PHE C 98 -20.63 29.16 19.27
N LYS C 99 -20.66 29.80 20.43
CA LYS C 99 -21.59 30.91 20.65
C LYS C 99 -21.14 32.20 19.97
N LEU C 100 -19.86 32.30 19.59
CA LEU C 100 -19.40 33.46 18.84
C LEU C 100 -19.91 33.43 17.40
N ILE C 101 -19.70 32.29 16.72
CA ILE C 101 -20.16 32.16 15.34
C ILE C 101 -21.69 32.08 15.27
N THR C 102 -22.31 31.47 16.29
CA THR C 102 -23.76 31.50 16.38
C THR C 102 -24.28 32.93 16.41
N GLU C 103 -23.74 33.74 17.33
CA GLU C 103 -24.00 35.17 17.32
C GLU C 103 -23.44 35.84 16.07
N GLY C 104 -22.49 35.18 15.40
CA GLY C 104 -21.94 35.71 14.15
C GLY C 104 -22.99 35.87 13.08
N ILE C 105 -23.58 34.76 12.63
CA ILE C 105 -24.64 34.82 11.63
C ILE C 105 -25.99 35.17 12.22
N GLU C 106 -26.08 35.30 13.55
CA GLU C 106 -27.28 35.89 14.12
C GLU C 106 -27.29 37.40 13.94
N LYS C 107 -26.12 38.02 13.85
CA LYS C 107 -26.01 39.44 13.56
C LYS C 107 -25.85 39.70 12.06
N THR C 108 -24.88 39.03 11.42
CA THR C 108 -24.65 39.23 9.99
C THR C 108 -25.79 38.66 9.16
N GLY C 109 -26.27 37.46 9.51
CA GLY C 109 -27.34 36.84 8.75
C GLY C 109 -26.95 36.29 7.42
N ALA C 110 -25.66 36.31 7.07
CA ALA C 110 -25.21 35.80 5.79
C ALA C 110 -25.36 34.28 5.75
N ILE C 111 -25.69 33.77 4.57
CA ILE C 111 -25.79 32.35 4.34
C ILE C 111 -24.41 31.81 3.95
N ILE C 112 -24.03 30.68 4.54
CA ILE C 112 -22.71 30.09 4.35
C ILE C 112 -22.88 28.70 3.76
N ILE C 113 -21.95 28.33 2.87
CA ILE C 113 -21.98 27.03 2.21
C ILE C 113 -20.65 26.33 2.45
N ILE C 114 -20.71 25.08 2.90
CA ILE C 114 -19.53 24.26 3.17
C ILE C 114 -19.56 23.06 2.23
N ASP C 115 -18.45 22.81 1.55
CA ASP C 115 -18.35 21.74 0.57
C ASP C 115 -17.58 20.57 1.15
N ASP C 116 -18.12 19.36 1.00
CA ASP C 116 -17.50 18.10 1.41
C ASP C 116 -17.37 17.98 2.93
N PHE C 117 -16.53 17.06 3.39
CA PHE C 117 -16.37 16.79 4.81
C PHE C 117 -14.95 16.29 5.05
N HIS C 118 -14.46 16.51 6.27
CA HIS C 118 -13.03 16.42 6.53
C HIS C 118 -12.70 15.59 7.77
N LYS C 119 -11.43 15.58 8.15
CA LYS C 119 -10.99 14.90 9.34
C LYS C 119 -11.55 15.58 10.59
N PHE C 120 -11.43 14.89 11.72
CA PHE C 120 -11.93 15.39 13.00
C PHE C 120 -13.37 15.88 12.87
N GLN C 121 -14.18 15.09 12.15
CA GLN C 121 -15.53 15.53 11.81
C GLN C 121 -16.39 15.76 13.04
N ASP C 122 -16.07 15.10 14.16
CA ASP C 122 -16.83 15.30 15.38
C ASP C 122 -16.73 16.74 15.87
N GLU C 123 -15.55 17.34 15.75
CA GLU C 123 -15.37 18.73 16.17
C GLU C 123 -16.29 19.67 15.38
N LYS C 124 -16.34 19.50 14.06
CA LYS C 124 -17.20 20.34 13.24
C LYS C 124 -18.67 19.95 13.41
N VAL C 125 -18.96 18.65 13.50
CA VAL C 125 -20.33 18.19 13.71
C VAL C 125 -20.87 18.73 15.04
N ASN C 126 -20.02 18.78 16.07
CA ASN C 126 -20.45 19.30 17.36
C ASN C 126 -20.85 20.76 17.27
N TYR C 127 -20.17 21.55 16.41
CA TYR C 127 -20.62 22.91 16.18
C TYR C 127 -21.90 22.93 15.34
N LEU C 128 -21.97 22.07 14.32
CA LEU C 128 -23.13 22.07 13.44
C LEU C 128 -24.41 21.81 14.23
N LEU C 129 -24.35 20.90 15.21
CA LEU C 129 -25.51 20.61 16.05
C LEU C 129 -25.75 21.68 17.11
N SER C 130 -24.80 22.59 17.33
CA SER C 130 -24.98 23.72 18.23
C SER C 130 -25.60 24.92 17.53
N TYR C 131 -25.90 24.82 16.24
CA TYR C 131 -26.51 25.91 15.47
C TYR C 131 -27.85 25.57 14.85
N LEU C 132 -28.06 24.31 14.46
CA LEU C 132 -29.31 23.93 13.79
C LEU C 132 -30.52 24.04 14.73
N ALA C 133 -30.31 23.82 16.03
CA ALA C 133 -31.45 23.81 16.95
C ALA C 133 -31.99 25.21 17.25
N PRO C 134 -31.17 26.22 17.57
CA PRO C 134 -31.75 27.54 17.87
C PRO C 134 -32.49 28.17 16.71
N ARG C 135 -32.22 27.74 15.47
CA ARG C 135 -32.86 28.30 14.27
C ARG C 135 -32.65 29.81 14.24
N ILE C 136 -31.48 30.25 13.78
CA ILE C 136 -31.21 31.68 13.70
C ILE C 136 -32.07 32.28 12.59
N LYS C 137 -32.80 33.35 12.93
CA LYS C 137 -33.78 33.90 12.00
C LYS C 137 -33.12 34.47 10.74
N LYS C 138 -31.82 34.76 10.79
CA LYS C 138 -31.14 35.43 9.70
C LYS C 138 -30.11 34.56 8.99
N GLY C 139 -29.23 33.91 9.73
CA GLY C 139 -28.21 33.09 9.13
C GLY C 139 -28.73 31.76 8.61
N LYS C 140 -27.89 31.12 7.79
CA LYS C 140 -28.18 29.79 7.29
C LYS C 140 -26.86 29.16 6.84
N VAL C 141 -26.73 27.86 7.05
CA VAL C 141 -25.53 27.12 6.65
C VAL C 141 -25.94 25.90 5.86
N ILE C 142 -25.39 25.75 4.66
CA ILE C 142 -25.69 24.63 3.78
C ILE C 142 -24.41 23.84 3.58
N ILE C 143 -24.53 22.51 3.60
CA ILE C 143 -23.40 21.62 3.45
C ILE C 143 -23.70 20.63 2.32
N THR C 144 -22.63 20.06 1.76
CA THR C 144 -22.72 18.99 0.79
C THR C 144 -21.89 17.82 1.30
N THR C 145 -22.55 16.70 1.58
CA THR C 145 -21.89 15.54 2.17
C THR C 145 -22.24 14.30 1.35
N ARG C 146 -21.38 13.29 1.44
CA ARG C 146 -21.66 12.00 0.80
C ARG C 146 -22.59 11.14 1.64
N ILE C 147 -22.61 11.35 2.96
CA ILE C 147 -23.36 10.52 3.88
C ILE C 147 -24.21 11.41 4.78
N ARG C 148 -25.19 10.79 5.43
CA ARG C 148 -26.03 11.49 6.39
C ARG C 148 -25.22 11.79 7.65
N PRO C 149 -24.98 13.06 7.98
CA PRO C 149 -24.10 13.38 9.12
C PRO C 149 -24.68 13.02 10.48
N ASN C 150 -25.90 12.47 10.54
CA ASN C 150 -26.54 12.06 11.80
C ASN C 150 -26.64 13.25 12.76
N LEU C 151 -27.21 14.34 12.26
CA LEU C 151 -27.36 15.58 13.03
C LEU C 151 -28.74 15.71 13.67
N GLY C 152 -29.58 14.68 13.59
CA GLY C 152 -30.94 14.78 14.06
C GLY C 152 -31.85 15.46 13.07
N ASN C 153 -33.14 15.46 13.39
CA ASN C 153 -34.16 16.05 12.53
C ASN C 153 -34.76 17.33 13.11
N GLU C 154 -34.14 17.90 14.13
CA GLU C 154 -34.62 19.14 14.74
C GLU C 154 -33.93 20.31 14.08
N GLY C 155 -34.67 21.06 13.27
CA GLY C 155 -34.08 22.19 12.58
C GLY C 155 -33.17 21.81 11.44
N VAL C 156 -33.24 20.57 10.95
CA VAL C 156 -32.39 20.10 9.86
C VAL C 156 -33.28 19.68 8.71
N THR C 157 -32.90 20.06 7.51
CA THR C 157 -33.59 19.66 6.29
C THR C 157 -32.64 18.75 5.51
N TYR C 158 -32.92 17.45 5.54
CA TYR C 158 -32.12 16.47 4.81
C TYR C 158 -32.57 16.44 3.36
N VAL C 159 -31.64 16.65 2.44
CA VAL C 159 -31.93 16.71 1.00
C VAL C 159 -31.13 15.60 0.34
N ASN C 160 -31.81 14.52 -0.04
CA ASN C 160 -31.21 13.39 -0.74
C ASN C 160 -31.40 13.59 -2.23
N LEU C 161 -30.30 13.88 -2.93
CA LEU C 161 -30.37 14.13 -4.37
C LEU C 161 -30.45 12.81 -5.13
N LYS C 162 -31.46 12.70 -5.99
CA LYS C 162 -31.70 11.49 -6.76
C LYS C 162 -31.31 11.64 -8.23
N GLY C 163 -30.33 12.49 -8.51
CA GLY C 163 -29.90 12.68 -9.88
C GLY C 163 -30.78 13.66 -10.62
N LEU C 164 -31.26 13.27 -11.79
CA LEU C 164 -32.08 14.13 -12.61
C LEU C 164 -33.28 13.37 -13.14
N ASN C 165 -34.40 14.07 -13.27
CA ASN C 165 -35.59 13.48 -13.86
C ASN C 165 -35.38 13.23 -15.35
N PRO C 166 -36.02 12.19 -15.91
CA PRO C 166 -35.88 11.95 -17.36
C PRO C 166 -36.26 13.15 -18.21
N GLU C 167 -37.36 13.83 -17.88
CA GLU C 167 -37.76 15.01 -18.63
C GLU C 167 -36.72 16.12 -18.50
N GLU C 168 -36.16 16.29 -17.30
CA GLU C 168 -35.13 17.30 -17.08
C GLU C 168 -33.83 16.96 -17.80
N ALA C 169 -33.52 15.66 -17.91
CA ALA C 169 -32.28 15.25 -18.56
C ALA C 169 -32.34 15.48 -20.06
N TYR C 170 -33.48 15.18 -20.69
CA TYR C 170 -33.62 15.45 -22.12
C TYR C 170 -33.48 16.93 -22.40
N SER C 171 -34.01 17.78 -21.54
CA SER C 171 -33.86 19.22 -21.70
C SER C 171 -32.39 19.62 -21.61
N LEU C 172 -31.63 18.96 -20.72
CA LEU C 172 -30.22 19.31 -20.55
C LEU C 172 -29.42 19.05 -21.82
N ALA C 173 -29.62 17.89 -22.45
CA ALA C 173 -28.92 17.60 -23.70
C ALA C 173 -29.41 18.47 -24.85
N ARG C 174 -30.70 18.81 -24.86
CA ARG C 174 -31.23 19.65 -25.94
C ARG C 174 -30.79 21.11 -25.79
N GLU C 175 -30.59 21.56 -24.55
CA GLU C 175 -30.04 22.90 -24.33
C GLU C 175 -28.54 22.97 -24.60
N LYS C 176 -27.90 21.84 -24.93
CA LYS C 176 -26.55 21.82 -25.44
C LYS C 176 -26.50 21.45 -26.91
N GLU C 177 -27.25 20.42 -27.33
CA GLU C 177 -27.38 20.03 -28.74
C GLU C 177 -28.84 19.66 -28.97
N LYS C 178 -29.64 20.63 -29.40
CA LYS C 178 -31.06 20.40 -29.63
C LYS C 178 -31.29 19.55 -30.88
N SER C 179 -30.51 19.79 -31.94
CA SER C 179 -30.68 19.11 -33.21
C SER C 179 -30.45 17.61 -33.12
N MET C 180 -29.89 17.11 -32.01
CA MET C 180 -29.67 15.67 -31.87
C MET C 180 -31.00 14.95 -31.68
N THR C 181 -31.07 13.74 -32.24
CA THR C 181 -32.32 13.00 -32.30
C THR C 181 -32.87 12.76 -30.91
N PRO C 182 -34.14 13.13 -30.65
CA PRO C 182 -34.73 12.90 -29.32
C PRO C 182 -34.87 11.43 -28.95
N GLU C 183 -34.66 10.52 -29.90
CA GLU C 183 -34.72 9.10 -29.58
C GLU C 183 -33.46 8.64 -28.84
N GLU C 184 -32.30 9.20 -29.22
CA GLU C 184 -31.05 8.81 -28.58
C GLU C 184 -31.04 9.16 -27.10
N PHE C 185 -31.71 10.27 -26.73
CA PHE C 185 -31.73 10.69 -25.33
C PHE C 185 -32.46 9.68 -24.46
N ALA C 186 -33.42 8.95 -25.03
CA ALA C 186 -34.09 7.89 -24.28
C ALA C 186 -33.11 6.78 -23.88
N LYS C 187 -32.06 6.58 -24.69
CA LYS C 187 -31.04 5.59 -24.34
C LYS C 187 -30.01 6.16 -23.38
N LEU C 188 -29.81 7.48 -23.37
CA LEU C 188 -28.87 8.07 -22.41
C LEU C 188 -29.30 7.80 -20.98
N TYR C 189 -30.61 7.85 -20.72
CA TYR C 189 -31.10 7.56 -19.38
C TYR C 189 -30.89 6.10 -19.00
N LYS C 190 -30.70 5.22 -19.99
CA LYS C 190 -30.33 3.84 -19.70
C LYS C 190 -28.89 3.70 -19.24
N LEU C 191 -28.08 4.75 -19.36
CA LEU C 191 -26.67 4.70 -19.02
C LEU C 191 -26.35 5.50 -17.77
N THR C 192 -26.70 6.78 -17.73
CA THR C 192 -26.38 7.63 -16.60
C THR C 192 -27.44 7.60 -15.50
N PHE C 193 -28.70 7.31 -15.85
CA PHE C 193 -29.80 7.23 -14.88
C PHE C 193 -29.99 8.55 -14.14
N GLY C 194 -29.81 9.66 -14.86
CA GLY C 194 -30.00 10.98 -14.30
C GLY C 194 -28.76 11.62 -13.71
N HIS C 195 -27.64 10.90 -13.66
CA HIS C 195 -26.40 11.42 -13.09
C HIS C 195 -25.93 12.61 -13.92
N PRO C 196 -25.92 13.83 -13.36
CA PRO C 196 -25.63 15.00 -14.20
C PRO C 196 -24.21 15.06 -14.72
N LEU C 197 -23.21 14.72 -13.90
CA LEU C 197 -21.83 14.78 -14.35
C LEU C 197 -21.54 13.71 -15.40
N MET C 198 -21.90 12.45 -15.12
CA MET C 198 -21.69 11.38 -16.08
C MET C 198 -22.47 11.61 -17.37
N LEU C 199 -23.54 12.40 -17.32
CA LEU C 199 -24.24 12.77 -18.54
C LEU C 199 -23.42 13.76 -19.36
N ASN C 200 -22.81 14.75 -18.69
CA ASN C 200 -21.94 15.68 -19.39
C ASN C 200 -20.75 14.98 -20.03
N LEU C 201 -20.24 13.92 -19.38
CA LEU C 201 -19.15 13.15 -19.96
C LEU C 201 -19.55 12.55 -21.29
N ILE C 202 -20.79 12.06 -21.38
CA ILE C 202 -21.25 11.45 -22.63
C ILE C 202 -21.60 12.51 -23.65
N LEU C 203 -22.11 13.66 -23.21
CA LEU C 203 -22.44 14.74 -24.14
C LEU C 203 -21.18 15.35 -24.76
N GLU C 204 -20.06 15.34 -24.04
CA GLU C 204 -18.81 15.89 -24.53
C GLU C 204 -17.90 14.84 -25.16
N SER C 205 -18.37 13.62 -25.36
CA SER C 205 -17.58 12.56 -25.96
C SER C 205 -18.35 12.00 -27.15
N SER C 206 -18.00 10.78 -27.56
CA SER C 206 -18.64 10.13 -28.69
C SER C 206 -18.78 8.64 -28.40
N GLU C 207 -19.39 7.92 -29.34
CA GLU C 207 -19.66 6.47 -29.21
C GLU C 207 -20.39 6.14 -27.92
N ASP C 214 -22.41 -0.08 -25.58
CA ASP C 214 -22.78 -0.32 -24.18
C ASP C 214 -21.60 -0.83 -23.37
N THR C 215 -21.38 -0.23 -22.21
CA THR C 215 -20.32 -0.64 -21.30
C THR C 215 -20.85 -0.61 -19.87
N VAL C 216 -20.18 -1.35 -18.99
CA VAL C 216 -20.58 -1.33 -17.59
C VAL C 216 -20.14 -0.03 -16.94
N PHE C 217 -20.77 0.28 -15.80
CA PHE C 217 -20.57 1.56 -15.11
C PHE C 217 -19.09 1.84 -14.86
N ASN C 218 -18.34 0.83 -14.39
CA ASN C 218 -16.91 1.01 -14.16
C ASN C 218 -16.16 1.18 -15.47
N PHE C 219 -16.44 0.31 -16.44
CA PHE C 219 -15.85 0.46 -17.77
C PHE C 219 -16.33 1.72 -18.47
N LEU C 220 -17.53 2.21 -18.11
CA LEU C 220 -18.05 3.43 -18.73
C LEU C 220 -17.08 4.58 -18.57
N PHE C 221 -16.55 4.79 -17.37
CA PHE C 221 -15.52 5.81 -17.19
C PHE C 221 -14.17 5.34 -17.74
N GLU C 222 -13.88 4.04 -17.64
CA GLU C 222 -12.57 3.55 -18.09
C GLU C 222 -12.47 3.62 -19.61
N GLU C 223 -13.55 3.28 -20.31
CA GLU C 223 -13.55 3.42 -21.77
C GLU C 223 -13.73 4.86 -22.20
N VAL C 224 -14.20 5.74 -21.32
CA VAL C 224 -14.18 7.18 -21.60
C VAL C 224 -12.80 7.75 -21.31
N TYR C 225 -12.09 7.21 -20.31
CA TYR C 225 -10.74 7.70 -20.02
C TYR C 225 -9.78 7.45 -21.18
N GLN C 226 -10.05 6.43 -22.01
CA GLN C 226 -9.20 6.17 -23.17
C GLN C 226 -9.56 7.05 -24.36
N MET C 227 -10.77 7.61 -24.39
CA MET C 227 -11.12 8.55 -25.44
C MET C 227 -10.38 9.87 -25.30
N LEU C 228 -9.81 10.13 -24.12
CA LEU C 228 -9.08 11.37 -23.90
C LEU C 228 -7.80 11.37 -24.74
N ASN C 229 -7.16 12.53 -24.84
CA ASN C 229 -5.96 12.66 -25.65
C ASN C 229 -4.75 12.33 -24.78
N GLU C 230 -3.55 12.53 -25.34
CA GLU C 230 -2.32 12.22 -24.61
C GLU C 230 -2.16 13.12 -23.39
N GLU C 231 -2.15 14.43 -23.61
CA GLU C 231 -1.97 15.38 -22.52
C GLU C 231 -3.13 15.35 -21.54
N GLU C 232 -4.31 14.92 -21.98
CA GLU C 232 -5.47 14.87 -21.10
C GLU C 232 -5.32 13.79 -20.04
N LYS C 233 -4.80 12.62 -20.42
CA LYS C 233 -4.62 11.53 -19.46
C LYS C 233 -3.54 11.87 -18.43
N ASP C 234 -2.44 12.48 -18.88
CA ASP C 234 -1.35 12.82 -17.97
C ASP C 234 -1.78 13.90 -16.99
N LEU C 235 -2.48 14.93 -17.46
CA LEU C 235 -2.89 16.01 -16.58
C LEU C 235 -3.82 15.50 -15.48
N LEU C 236 -4.77 14.64 -15.84
CA LEU C 236 -5.62 14.02 -14.84
C LEU C 236 -4.80 13.13 -13.90
N SER C 237 -3.95 12.28 -14.47
CA SER C 237 -3.15 11.35 -13.67
C SER C 237 -2.13 12.04 -12.79
N ILE C 238 -2.00 13.36 -12.86
CA ILE C 238 -1.14 14.13 -11.98
C ILE C 238 -1.95 14.98 -10.99
N LEU C 239 -2.97 15.67 -11.50
CA LEU C 239 -3.81 16.48 -10.61
C LEU C 239 -4.65 15.62 -9.67
N SER C 240 -4.87 14.35 -9.99
CA SER C 240 -5.57 13.46 -9.07
C SER C 240 -4.74 13.12 -7.83
N LEU C 241 -3.43 13.41 -7.85
CA LEU C 241 -2.58 13.22 -6.69
C LEU C 241 -2.67 14.36 -5.70
N PHE C 242 -3.49 15.37 -5.96
CA PHE C 242 -3.61 16.55 -5.10
C PHE C 242 -5.04 16.64 -4.60
N ASP C 243 -5.20 16.65 -3.28
CA ASP C 243 -6.50 16.74 -2.63
C ASP C 243 -6.95 18.18 -2.40
N GLU C 244 -6.26 19.15 -2.98
CA GLU C 244 -6.55 20.56 -2.77
C GLU C 244 -6.53 21.30 -4.10
N PRO C 245 -7.31 22.37 -4.21
CA PRO C 245 -7.29 23.15 -5.47
C PRO C 245 -5.97 23.90 -5.63
N ILE C 246 -5.59 24.09 -6.90
CA ILE C 246 -4.29 24.64 -7.24
C ILE C 246 -4.48 25.81 -8.20
N GLU C 247 -3.60 26.82 -8.07
CA GLU C 247 -3.60 27.93 -9.00
C GLU C 247 -3.18 27.47 -10.39
N TYR C 248 -3.26 28.40 -11.35
CA TYR C 248 -2.86 28.07 -12.71
C TYR C 248 -1.35 28.06 -12.87
N GLU C 249 -0.68 29.12 -12.39
CA GLU C 249 0.78 29.14 -12.41
C GLU C 249 1.36 28.02 -11.56
N GLY C 250 0.65 27.61 -10.51
CA GLY C 250 1.05 26.43 -9.77
C GLY C 250 0.94 25.16 -10.60
N ILE C 251 -0.04 25.11 -11.49
CA ILE C 251 -0.16 23.96 -12.40
C ILE C 251 0.90 24.02 -13.48
N LYS C 252 1.13 25.22 -14.04
CA LYS C 252 2.13 25.35 -15.11
C LYS C 252 3.52 24.99 -14.62
N PHE C 253 3.87 25.40 -13.40
CA PHE C 253 5.14 24.98 -12.81
C PHE C 253 5.09 23.52 -12.36
N LEU C 254 3.90 22.96 -12.18
CA LEU C 254 3.79 21.55 -11.78
C LEU C 254 4.16 20.62 -12.91
N TYR C 255 4.02 21.06 -14.16
CA TYR C 255 4.26 20.23 -15.33
C TYR C 255 5.52 20.62 -16.10
N ASP C 256 6.06 21.82 -15.88
CA ASP C 256 7.11 22.36 -16.74
C ASP C 256 6.67 22.33 -18.20
N ARG C 257 5.40 22.66 -18.42
CA ARG C 257 4.75 22.52 -19.72
C ARG C 257 3.43 23.25 -19.68
N ASN C 258 3.03 23.79 -20.83
CA ASN C 258 1.82 24.61 -20.94
C ASN C 258 0.57 23.76 -20.71
N PRO C 259 -0.25 24.05 -19.70
CA PRO C 259 -1.40 23.19 -19.42
C PRO C 259 -2.74 23.79 -19.81
N PHE C 260 -2.76 24.79 -20.70
CA PHE C 260 -4.00 25.51 -20.96
C PHE C 260 -4.99 24.67 -21.77
N VAL C 261 -4.57 24.19 -22.93
CA VAL C 261 -5.47 23.51 -23.85
C VAL C 261 -6.05 22.22 -23.26
N PRO C 262 -5.32 21.44 -22.45
CA PRO C 262 -5.98 20.32 -21.77
C PRO C 262 -6.79 20.74 -20.57
N LEU C 263 -6.53 21.92 -20.01
CA LEU C 263 -7.30 22.38 -18.86
C LEU C 263 -8.74 22.68 -19.25
N TYR C 264 -8.92 23.55 -20.25
CA TYR C 264 -10.27 23.93 -20.65
C TYR C 264 -11.02 22.77 -21.31
N SER C 265 -10.29 21.87 -21.98
CA SER C 265 -10.95 20.73 -22.60
C SER C 265 -11.57 19.81 -21.55
N LEU C 266 -10.78 19.40 -20.56
CA LEU C 266 -11.32 18.60 -19.46
C LEU C 266 -12.33 19.39 -18.65
N MET C 267 -12.23 20.71 -18.66
CA MET C 267 -13.22 21.54 -17.98
C MET C 267 -14.55 21.52 -18.71
N LYS C 268 -14.51 21.56 -20.05
CA LYS C 268 -15.73 21.45 -20.84
C LYS C 268 -16.44 20.14 -20.57
N LYS C 269 -15.69 19.07 -20.34
CA LYS C 269 -16.26 17.76 -20.06
C LYS C 269 -16.62 17.58 -18.59
N GLY C 270 -16.40 18.60 -17.76
CA GLY C 270 -16.68 18.51 -16.35
C GLY C 270 -15.68 17.72 -15.54
N LEU C 271 -14.57 17.29 -16.14
CA LEU C 271 -13.57 16.51 -15.43
C LEU C 271 -12.73 17.35 -14.48
N ILE C 272 -12.55 18.64 -14.80
CA ILE C 272 -11.87 19.58 -13.94
C ILE C 272 -12.85 20.70 -13.60
N GLU C 273 -12.85 21.11 -12.33
CA GLU C 273 -13.73 22.17 -11.86
C GLU C 273 -12.90 23.33 -11.33
N LYS C 274 -13.34 24.55 -11.63
CA LYS C 274 -12.66 25.77 -11.22
C LYS C 274 -13.50 26.47 -10.16
N LYS C 275 -12.89 26.68 -8.99
CA LYS C 275 -13.53 27.46 -7.92
C LYS C 275 -12.99 28.88 -7.92
N GLY C 276 -13.40 29.63 -8.94
CA GLY C 276 -12.92 30.98 -9.13
C GLY C 276 -11.55 31.02 -9.80
N GLU C 277 -10.49 31.03 -8.99
CA GLU C 277 -9.12 31.05 -9.50
C GLU C 277 -8.48 29.68 -9.57
N LYS C 278 -8.75 28.81 -8.59
CA LYS C 278 -8.06 27.54 -8.49
C LYS C 278 -8.74 26.46 -9.34
N TYR C 279 -8.03 25.35 -9.51
CA TYR C 279 -8.49 24.20 -10.27
C TYR C 279 -8.12 22.93 -9.51
N PHE C 280 -8.98 21.92 -9.61
CA PHE C 280 -8.65 20.59 -9.12
C PHE C 280 -9.67 19.60 -9.68
N VAL C 281 -9.23 18.34 -9.80
CA VAL C 281 -10.06 17.33 -10.45
C VAL C 281 -11.24 16.98 -9.55
N HIS C 282 -12.28 16.44 -10.18
CA HIS C 282 -13.47 16.05 -9.44
C HIS C 282 -13.16 14.85 -8.54
N ASP C 283 -13.94 14.72 -7.47
CA ASP C 283 -13.70 13.64 -6.50
C ASP C 283 -13.96 12.27 -7.12
N MET C 284 -14.90 12.18 -8.07
CA MET C 284 -15.14 10.91 -8.74
C MET C 284 -14.05 10.58 -9.75
N VAL C 285 -13.52 11.61 -10.43
CA VAL C 285 -12.43 11.39 -11.37
C VAL C 285 -11.15 11.02 -10.62
N ARG C 286 -10.94 11.59 -9.44
CA ARG C 286 -9.69 11.36 -8.70
C ARG C 286 -9.54 9.91 -8.25
N GLU C 287 -10.65 9.25 -7.90
CA GLU C 287 -10.58 7.87 -7.43
C GLU C 287 -10.35 6.85 -8.54
N PHE C 288 -10.35 7.28 -9.80
CA PHE C 288 -10.22 6.37 -10.93
C PHE C 288 -8.92 6.55 -11.73
N VAL C 289 -8.29 7.71 -11.67
CA VAL C 289 -7.08 7.98 -12.44
C VAL C 289 -5.86 8.18 -11.55
N ARG C 290 -6.00 8.05 -10.24
CA ARG C 290 -4.86 8.17 -9.35
C ARG C 290 -3.92 6.97 -9.42
N GLU C 291 -4.29 5.93 -10.19
CA GLU C 291 -3.49 4.72 -10.30
C GLU C 291 -2.84 4.57 -11.68
N VAL C 292 -3.10 5.49 -12.61
CA VAL C 292 -2.54 5.37 -13.94
C VAL C 292 -1.05 5.67 -13.92
N SER C 293 -0.61 6.54 -13.00
CA SER C 293 0.81 6.87 -12.88
C SER C 293 1.07 7.30 -11.45
N ASN C 294 1.72 6.44 -10.66
CA ASN C 294 2.11 6.74 -9.29
C ASN C 294 3.61 6.65 -9.10
N GLN C 295 4.38 6.66 -10.18
CA GLN C 295 5.82 6.50 -10.11
C GLN C 295 6.56 7.81 -9.87
N GLU C 296 6.13 8.89 -10.52
CA GLU C 296 6.79 10.19 -10.45
C GLU C 296 6.17 11.10 -9.40
N GLU C 297 5.57 10.52 -8.35
CA GLU C 297 4.97 11.33 -7.30
C GLU C 297 6.03 12.16 -6.59
N LYS C 298 7.21 11.59 -6.37
CA LYS C 298 8.26 12.30 -5.64
C LYS C 298 8.71 13.55 -6.38
N GLU C 299 8.93 13.43 -7.70
CA GLU C 299 9.38 14.59 -8.47
C GLU C 299 8.29 15.64 -8.58
N VAL C 300 7.05 15.21 -8.85
CA VAL C 300 5.96 16.16 -9.04
C VAL C 300 5.64 16.88 -7.74
N TYR C 301 5.54 16.13 -6.63
CA TYR C 301 5.29 16.76 -5.33
C TYR C 301 6.39 17.75 -4.97
N LEU C 302 7.64 17.45 -5.34
CA LEU C 302 8.75 18.32 -5.01
C LEU C 302 8.59 19.71 -5.64
N ARG C 303 8.16 19.75 -6.90
CA ARG C 303 7.95 21.04 -7.55
C ARG C 303 6.84 21.83 -6.87
N HIS C 304 5.73 21.16 -6.54
CA HIS C 304 4.63 21.87 -5.90
C HIS C 304 5.00 22.34 -4.50
N VAL C 305 5.87 21.59 -3.81
CA VAL C 305 6.37 22.03 -2.52
C VAL C 305 7.12 23.36 -2.68
N ASN C 306 7.99 23.43 -3.69
CA ASN C 306 8.76 24.65 -3.92
C ASN C 306 7.85 25.80 -4.34
N PHE C 307 6.77 25.52 -5.06
CA PHE C 307 5.85 26.58 -5.47
C PHE C 307 5.16 27.20 -4.27
N LEU C 308 4.61 26.36 -3.38
CA LEU C 308 3.96 26.86 -2.18
C LEU C 308 4.94 27.55 -1.25
N LEU C 309 6.21 27.15 -1.29
CA LEU C 309 7.24 27.85 -0.52
C LEU C 309 7.44 29.27 -1.03
N LYS C 310 7.18 29.51 -2.32
CA LYS C 310 7.23 30.85 -2.88
C LYS C 310 6.00 31.68 -2.54
N SER C 311 4.89 31.03 -2.14
CA SER C 311 3.69 31.76 -1.76
C SER C 311 3.89 32.52 -0.45
N LYS C 312 4.46 31.86 0.56
CA LYS C 312 4.81 32.47 1.83
C LYS C 312 3.57 32.96 2.58
N THR C 313 2.64 32.04 2.81
CA THR C 313 1.44 32.27 3.58
C THR C 313 1.17 31.05 4.46
N PRO C 314 0.64 31.25 5.67
CA PRO C 314 0.50 30.12 6.62
C PRO C 314 -0.26 28.92 6.09
N ILE C 315 -1.30 29.12 5.25
CA ILE C 315 -2.03 27.98 4.72
C ILE C 315 -1.22 27.27 3.64
N ASN C 316 -0.62 28.04 2.72
CA ASN C 316 0.27 27.43 1.73
C ASN C 316 1.50 26.84 2.40
N PHE C 317 1.91 27.39 3.54
CA PHE C 317 2.94 26.76 4.36
C PHE C 317 2.54 25.34 4.72
N LEU C 318 1.29 25.17 5.19
CA LEU C 318 0.82 23.87 5.63
C LEU C 318 0.58 22.92 4.45
N ARG C 319 0.08 23.45 3.33
CA ARG C 319 -0.13 22.61 2.15
C ARG C 319 1.19 22.01 1.67
N ALA C 320 2.27 22.78 1.73
CA ALA C 320 3.58 22.27 1.36
C ALA C 320 4.09 21.20 2.32
N PHE C 321 3.59 21.19 3.55
CA PHE C 321 4.04 20.19 4.52
C PHE C 321 3.45 18.82 4.23
N LYS C 322 2.19 18.78 3.76
CA LYS C 322 1.54 17.50 3.50
C LYS C 322 2.22 16.74 2.37
N TYR C 323 2.62 17.45 1.31
CA TYR C 323 3.25 16.79 0.18
C TYR C 323 4.73 16.55 0.39
N ALA C 324 5.36 17.27 1.32
CA ALA C 324 6.73 16.96 1.71
C ALA C 324 6.83 15.67 2.50
N ILE C 325 5.71 15.11 2.95
CA ILE C 325 5.73 13.80 3.60
C ILE C 325 5.70 12.70 2.55
N LYS C 326 4.97 12.91 1.45
CA LYS C 326 4.84 11.89 0.43
C LYS C 326 6.10 11.70 -0.40
N VAL C 327 7.07 12.63 -0.31
CA VAL C 327 8.32 12.47 -1.04
C VAL C 327 9.30 11.58 -0.28
N GLY C 328 9.16 11.46 1.04
CA GLY C 328 10.02 10.56 1.80
C GLY C 328 11.45 11.02 1.97
N SER C 329 11.69 12.33 2.05
CA SER C 329 13.02 12.89 2.22
C SER C 329 13.07 13.61 3.56
N SER C 330 13.82 13.05 4.52
CA SER C 330 14.02 13.73 5.80
C SER C 330 14.84 14.99 5.65
N GLU C 331 15.55 15.14 4.53
CA GLU C 331 16.27 16.39 4.28
C GLU C 331 15.33 17.52 3.92
N LEU C 332 14.22 17.22 3.23
CA LEU C 332 13.24 18.26 2.96
C LEU C 332 12.57 18.72 4.24
N ILE C 333 12.32 17.79 5.17
CA ILE C 333 11.75 18.16 6.47
C ILE C 333 12.77 18.92 7.31
N ARG C 334 14.06 18.71 7.06
CA ARG C 334 15.10 19.48 7.75
C ARG C 334 15.00 20.96 7.40
N ASN C 335 15.12 21.28 6.10
CA ASN C 335 15.08 22.68 5.68
C ASN C 335 13.71 23.31 5.93
N LEU C 336 12.65 22.52 5.89
CA LEU C 336 11.30 23.07 6.07
C LEU C 336 11.07 23.51 7.51
N VAL C 337 11.45 22.67 8.47
CA VAL C 337 11.25 23.02 9.87
C VAL C 337 12.07 24.24 10.25
N GLU C 338 13.14 24.53 9.50
CA GLU C 338 13.85 25.79 9.68
C GLU C 338 12.97 26.98 9.30
N LEU C 339 12.31 26.88 8.14
CA LEU C 339 11.37 27.93 7.73
C LEU C 339 10.12 27.95 8.61
N ARG C 340 9.83 26.86 9.31
CA ARG C 340 8.73 26.87 10.27
C ARG C 340 9.06 27.74 11.48
N VAL C 341 10.34 27.82 11.86
CA VAL C 341 10.74 28.75 12.91
C VAL C 341 10.85 30.17 12.37
N LYS C 342 10.90 30.34 11.05
CA LYS C 342 11.00 31.67 10.45
C LYS C 342 9.66 32.39 10.44
N GLU C 343 8.62 31.74 9.92
CA GLU C 343 7.32 32.41 9.78
C GLU C 343 6.18 31.60 10.39
N PHE C 344 6.27 30.27 10.36
CA PHE C 344 5.28 29.48 11.06
C PHE C 344 5.42 29.59 12.57
N TYR C 345 6.53 30.17 13.06
CA TYR C 345 6.74 30.35 14.50
C TYR C 345 5.61 31.13 15.15
N ARG C 346 5.01 32.08 14.43
CA ARG C 346 4.00 32.95 15.02
C ARG C 346 2.64 32.28 15.17
N ILE C 347 2.37 31.22 14.42
CA ILE C 347 1.04 30.62 14.41
C ILE C 347 1.12 29.14 14.72
N ILE C 348 2.23 28.71 15.32
CA ILE C 348 2.30 27.33 15.82
C ILE C 348 1.39 27.16 17.03
N VAL C 349 1.21 28.24 17.81
CA VAL C 349 0.25 28.20 18.91
C VAL C 349 -1.17 28.42 18.41
N ASP C 350 -1.32 28.94 17.18
CA ASP C 350 -2.64 29.19 16.64
C ASP C 350 -3.27 27.93 16.06
N PHE C 351 -2.49 27.14 15.31
CA PHE C 351 -2.98 25.91 14.68
C PHE C 351 -2.17 24.72 15.17
N PRO C 352 -2.37 24.31 16.43
CA PRO C 352 -1.58 23.19 16.97
C PRO C 352 -2.06 21.83 16.46
N ARG C 353 -3.38 21.62 16.47
CA ARG C 353 -3.93 20.31 16.15
C ARG C 353 -3.68 19.94 14.69
N MET C 354 -3.76 20.94 13.80
CA MET C 354 -3.42 20.71 12.39
C MET C 354 -1.96 20.29 12.25
N TYR C 355 -1.06 21.09 12.80
CA TYR C 355 0.37 20.79 12.75
C TYR C 355 0.69 19.48 13.45
N GLN C 356 -0.09 19.11 14.47
CA GLN C 356 0.14 17.84 15.17
C GLN C 356 -0.08 16.65 14.25
N ARG C 357 -1.18 16.69 13.49
CA ARG C 357 -1.49 15.56 12.61
C ARG C 357 -0.46 15.42 11.48
N LEU C 358 0.06 16.54 10.98
CA LEU C 358 1.08 16.46 9.94
C LEU C 358 2.41 15.94 10.49
N LEU C 359 2.75 16.31 11.72
CA LEU C 359 3.99 15.84 12.34
C LEU C 359 3.89 14.37 12.72
N MET C 360 2.80 13.99 13.37
CA MET C 360 2.61 12.60 13.78
C MET C 360 2.58 11.66 12.58
N GLU C 361 2.29 12.18 11.39
CA GLU C 361 2.41 11.39 10.17
C GLU C 361 3.83 10.88 9.99
N VAL C 362 4.82 11.63 10.49
CA VAL C 362 6.21 11.21 10.48
C VAL C 362 6.75 11.24 11.90
N GLU C 363 6.16 10.40 12.77
CA GLU C 363 6.60 10.34 14.16
C GLU C 363 8.06 9.95 14.28
N ASP C 364 8.56 9.11 13.37
CA ASP C 364 9.95 8.67 13.44
C ASP C 364 10.95 9.78 13.11
N ASN C 365 10.52 10.84 12.43
CA ASN C 365 11.45 11.92 12.09
C ASN C 365 11.91 12.63 13.37
N PRO C 366 13.22 12.85 13.53
CA PRO C 366 13.68 13.52 14.76
C PRO C 366 13.22 14.96 14.87
N TYR C 367 13.26 15.72 13.77
CA TYR C 367 12.79 17.10 13.82
C TYR C 367 11.31 17.18 14.12
N ALA C 368 10.53 16.18 13.68
CA ALA C 368 9.13 16.13 14.06
C ALA C 368 8.98 15.88 15.56
N LYS C 369 9.86 15.03 16.12
CA LYS C 369 9.84 14.81 17.56
C LYS C 369 10.08 16.11 18.32
N ILE C 370 10.81 17.05 17.73
CA ILE C 370 11.06 18.33 18.38
C ILE C 370 9.78 19.16 18.44
N GLU C 371 9.16 19.39 17.29
CA GLU C 371 7.94 20.20 17.25
C GLU C 371 6.79 19.53 18.00
N ILE C 372 6.76 18.19 18.02
CA ILE C 372 5.79 17.49 18.86
C ILE C 372 6.04 17.80 20.33
N ALA C 373 7.32 17.82 20.74
CA ALA C 373 7.65 18.20 22.11
C ALA C 373 7.28 19.65 22.39
N ILE C 374 7.40 20.53 21.40
CA ILE C 374 7.00 21.92 21.59
C ILE C 374 5.50 22.03 21.79
N ILE C 375 4.74 21.22 21.06
CA ILE C 375 3.29 21.20 21.23
C ILE C 375 2.92 20.76 22.63
N GLU C 376 3.54 19.66 23.09
CA GLU C 376 3.29 19.18 24.45
C GLU C 376 3.85 20.11 25.52
N VAL C 377 4.72 21.05 25.15
CA VAL C 377 5.13 22.09 26.08
C VAL C 377 3.97 23.05 26.32
N GLN C 378 3.31 23.48 25.25
CA GLN C 378 2.18 24.39 25.38
C GLN C 378 0.94 23.69 25.93
N ARG C 379 0.81 22.38 25.70
CA ARG C 379 -0.34 21.64 26.19
C ARG C 379 -0.19 21.19 27.64
N GLY C 380 0.97 21.40 28.25
CA GLY C 380 1.17 21.10 29.65
C GLY C 380 1.85 19.78 29.94
N LEU C 381 1.89 18.87 28.97
CA LEU C 381 2.53 17.57 29.17
C LEU C 381 4.04 17.74 28.97
N PHE C 382 4.71 18.19 30.03
CA PHE C 382 6.15 18.43 29.96
C PHE C 382 6.97 17.15 29.99
N GLU C 383 6.41 16.05 30.51
CA GLU C 383 7.16 14.80 30.57
C GLU C 383 7.39 14.23 29.18
N LYS C 384 6.33 14.16 28.37
CA LYS C 384 6.48 13.66 27.01
C LYS C 384 7.39 14.56 26.19
N ALA C 385 7.36 15.87 26.44
CA ALA C 385 8.20 16.80 25.69
C ALA C 385 9.68 16.52 25.91
N ILE C 386 10.10 16.49 27.18
CA ILE C 386 11.51 16.25 27.49
C ILE C 386 11.95 14.86 27.01
N LYS C 387 11.05 13.88 27.10
CA LYS C 387 11.39 12.54 26.64
C LYS C 387 11.73 12.54 25.16
N LEU C 388 10.88 13.17 24.34
CA LEU C 388 11.14 13.25 22.92
C LEU C 388 12.36 14.13 22.63
N LEU C 389 12.61 15.13 23.47
CA LEU C 389 13.79 15.98 23.28
C LEU C 389 15.08 15.23 23.55
N LYS C 390 15.03 14.10 24.27
CA LYS C 390 16.20 13.27 24.48
C LYS C 390 16.36 12.20 23.43
N GLU C 391 15.27 11.68 22.87
CA GLU C 391 15.36 10.63 21.86
C GLU C 391 15.91 11.18 20.55
N ALA C 392 15.41 12.33 20.11
CA ALA C 392 15.84 12.96 18.86
C ALA C 392 17.03 13.89 19.05
N GLU C 393 17.82 13.69 20.10
CA GLU C 393 18.94 14.60 20.36
C GLU C 393 20.09 14.44 19.38
N PRO C 394 20.58 13.23 19.08
CA PRO C 394 21.82 13.14 18.28
C PRO C 394 21.66 13.52 16.81
N TYR C 395 20.51 13.20 16.19
CA TYR C 395 20.38 13.36 14.75
C TYR C 395 20.39 14.82 14.32
N VAL C 396 19.98 15.73 15.21
CA VAL C 396 19.80 17.13 14.80
C VAL C 396 21.15 17.78 14.53
N ASP C 397 21.12 18.86 13.76
CA ASP C 397 22.31 19.63 13.44
C ASP C 397 22.68 20.54 14.62
N GLU C 398 23.74 21.33 14.43
CA GLU C 398 24.18 22.24 15.48
C GLU C 398 23.19 23.37 15.69
N PHE C 399 22.45 23.73 14.63
CA PHE C 399 21.42 24.76 14.77
C PHE C 399 20.25 24.25 15.61
N PHE C 400 19.73 23.06 15.27
CA PHE C 400 18.64 22.50 16.04
C PHE C 400 19.08 22.08 17.43
N LYS C 401 20.37 21.74 17.59
CA LYS C 401 20.90 21.39 18.90
C LYS C 401 20.74 22.54 19.88
N CYS C 402 20.88 23.77 19.40
CA CYS C 402 20.71 24.94 20.27
C CYS C 402 19.26 25.11 20.70
N GLU C 403 18.32 25.00 19.76
CA GLU C 403 16.92 25.18 20.09
C GLU C 403 16.38 24.04 20.94
N ILE C 404 16.99 22.85 20.86
CA ILE C 404 16.61 21.75 21.75
C ILE C 404 16.89 22.13 23.19
N TYR C 405 18.11 22.59 23.48
CA TYR C 405 18.47 22.95 24.84
C TYR C 405 17.76 24.21 25.30
N SER C 406 17.38 25.09 24.36
CA SER C 406 16.61 26.27 24.74
C SER C 406 15.20 25.89 25.17
N TRP C 407 14.55 25.00 24.42
CA TRP C 407 13.25 24.48 24.84
C TRP C 407 13.37 23.55 26.03
N LEU C 408 14.48 22.82 26.14
CA LEU C 408 14.73 22.02 27.33
C LEU C 408 14.88 22.93 28.55
N ALA C 409 15.48 24.11 28.37
CA ALA C 409 15.56 25.07 29.46
C ALA C 409 14.18 25.60 29.84
N ASP C 410 13.33 25.85 28.84
CA ASP C 410 11.96 26.26 29.13
C ASP C 410 11.16 25.14 29.78
N ALA C 411 11.48 23.88 29.45
CA ALA C 411 10.78 22.76 30.06
C ALA C 411 11.12 22.64 31.55
N TYR C 412 12.42 22.68 31.88
CA TYR C 412 12.82 22.64 33.29
C TYR C 412 12.49 23.94 34.02
N MET C 413 12.20 25.02 33.28
CA MET C 413 11.83 26.27 33.93
C MET C 413 10.48 26.16 34.62
N GLU C 414 9.49 25.57 33.93
CA GLU C 414 8.17 25.38 34.49
C GLU C 414 8.12 24.22 35.49
N LEU C 415 9.26 23.59 35.76
CA LEU C 415 9.36 22.56 36.79
C LEU C 415 10.14 23.06 38.00
N GLU C 416 10.35 24.37 38.11
CA GLU C 416 11.11 24.99 39.20
C GLU C 416 12.50 24.37 39.33
N ASN C 417 13.17 24.19 38.20
CA ASN C 417 14.49 23.57 38.13
C ASN C 417 15.44 24.52 37.39
N LEU C 418 15.80 25.61 38.05
CA LEU C 418 16.66 26.61 37.42
C LEU C 418 18.12 26.16 37.34
N GLU C 419 18.54 25.26 38.23
CA GLU C 419 19.93 24.82 38.23
C GLU C 419 20.24 23.94 37.01
N LYS C 420 19.37 22.97 36.73
CA LYS C 420 19.56 22.14 35.54
C LYS C 420 19.25 22.91 34.27
N ALA C 421 18.34 23.88 34.34
CA ALA C 421 18.06 24.73 33.18
C ALA C 421 19.25 25.63 32.85
N GLU C 422 20.03 26.02 33.85
CA GLU C 422 21.20 26.85 33.60
C GLU C 422 22.29 26.08 32.87
N ARG C 423 22.53 24.84 33.27
CA ARG C 423 23.54 24.03 32.60
C ARG C 423 23.10 23.60 31.21
N TYR C 424 21.78 23.59 30.95
CA TYR C 424 21.29 23.29 29.62
C TYR C 424 21.35 24.52 28.70
N LEU C 425 21.10 25.70 29.26
CA LEU C 425 21.37 26.93 28.51
C LEU C 425 22.86 27.25 28.49
N LYS C 426 23.64 26.63 29.37
CA LYS C 426 25.10 26.77 29.30
C LYS C 426 25.66 26.05 28.07
N LYS C 427 24.98 25.00 27.61
CA LYS C 427 25.40 24.32 26.39
C LYS C 427 25.23 25.18 25.16
N THR C 428 24.32 26.16 25.20
CA THR C 428 24.06 27.05 24.08
C THR C 428 24.87 28.34 24.14
N LYS C 429 25.63 28.56 25.22
CA LYS C 429 26.47 29.75 25.30
C LYS C 429 27.55 29.77 24.23
N GLU C 430 27.91 28.62 23.68
CA GLU C 430 28.96 28.54 22.67
C GLU C 430 28.45 28.26 21.27
N ILE C 431 27.17 27.90 21.12
CA ILE C 431 26.62 27.54 19.82
C ILE C 431 26.15 28.76 19.05
N VAL C 432 25.39 29.64 19.69
CA VAL C 432 24.88 30.83 19.00
C VAL C 432 26.03 31.77 18.63
N GLU C 433 27.12 31.73 19.39
CA GLU C 433 28.26 32.61 19.11
C GLU C 433 29.17 32.05 18.03
N LYS C 434 29.19 30.72 17.84
CA LYS C 434 30.06 30.10 16.86
C LYS C 434 29.43 30.07 15.47
N ILE C 435 28.11 29.84 15.39
CA ILE C 435 27.43 29.85 14.10
C ILE C 435 26.90 31.23 13.74
N ASN C 436 26.71 32.11 14.72
CA ASN C 436 26.23 33.48 14.50
C ASN C 436 24.92 33.49 13.72
N ASP C 437 24.05 32.54 14.03
CA ASP C 437 22.73 32.48 13.41
C ASP C 437 21.80 33.50 14.06
N MET C 438 20.94 34.12 13.25
CA MET C 438 20.03 35.13 13.77
C MET C 438 18.92 34.50 14.59
N TYR C 439 18.23 33.50 14.03
CA TYR C 439 17.12 32.89 14.73
C TYR C 439 17.58 32.15 15.98
N ALA C 440 18.73 31.48 15.92
CA ALA C 440 19.26 30.79 17.09
C ALA C 440 19.64 31.77 18.19
N TRP C 441 20.20 32.92 17.82
CA TRP C 441 20.53 33.94 18.81
C TRP C 441 19.28 34.51 19.46
N PHE C 442 18.16 34.54 18.73
CA PHE C 442 16.91 35.05 19.28
C PHE C 442 16.40 34.13 20.39
N SER C 443 16.18 32.85 20.07
CA SER C 443 15.68 31.91 21.06
C SER C 443 16.66 31.67 22.20
N TYR C 444 17.94 31.99 22.01
CA TYR C 444 18.93 31.82 23.07
C TYR C 444 18.68 32.80 24.21
N TYR C 445 18.64 34.10 23.89
CA TYR C 445 18.35 35.11 24.90
C TYR C 445 16.89 35.14 25.31
N ALA C 446 16.00 34.50 24.53
CA ALA C 446 14.60 34.44 24.92
C ALA C 446 14.41 33.57 26.15
N GLU C 447 14.94 32.35 26.13
CA GLU C 447 14.88 31.49 27.31
C GLU C 447 15.81 31.98 28.41
N LYS C 448 16.82 32.79 28.07
CA LYS C 448 17.68 33.36 29.09
C LYS C 448 16.95 34.43 29.90
N THR C 449 16.16 35.25 29.22
CA THR C 449 15.35 36.25 29.92
C THR C 449 14.34 35.58 30.84
N LYS C 450 13.68 34.52 30.37
CA LYS C 450 12.72 33.81 31.21
C LYS C 450 13.40 33.10 32.37
N TYR C 451 14.65 32.67 32.18
CA TYR C 451 15.38 32.02 33.27
C TYR C 451 15.63 32.98 34.42
N GLU C 452 16.02 34.22 34.11
CA GLU C 452 16.26 35.22 35.15
C GLU C 452 14.96 35.77 35.72
N TYR C 453 13.94 35.90 34.88
CA TYR C 453 12.65 36.41 35.35
C TYR C 453 12.04 35.45 36.37
N TYR C 454 12.23 34.15 36.18
CA TYR C 454 11.75 33.18 37.17
C TYR C 454 12.50 33.29 38.48
N LYS C 455 13.79 33.65 38.42
CA LYS C 455 14.59 33.88 39.62
C LYS C 455 14.24 35.24 40.23
N GLU C 456 14.54 35.38 41.53
CA GLU C 456 14.35 36.66 42.20
C GLU C 456 15.14 37.78 41.53
N ASN C 457 16.27 37.45 40.92
CA ASN C 457 17.07 38.46 40.21
C ASN C 457 16.28 39.04 39.04
N SER C 458 16.18 40.36 39.00
CA SER C 458 15.49 41.06 37.92
C SER C 458 16.43 41.97 37.14
N ARG C 459 17.74 41.74 37.24
CA ARG C 459 18.74 42.56 36.59
C ARG C 459 19.20 41.99 35.25
N GLU C 460 19.60 40.71 35.23
CA GLU C 460 20.10 40.11 33.99
C GLU C 460 19.01 40.04 32.94
N ALA C 461 17.74 39.98 33.35
CA ALA C 461 16.65 39.98 32.38
C ALA C 461 16.55 41.29 31.62
N LEU C 462 17.06 42.39 32.19
CA LEU C 462 16.98 43.69 31.52
C LEU C 462 17.97 43.78 30.36
N LYS C 463 19.16 43.21 30.52
CA LYS C 463 20.18 43.29 29.48
C LYS C 463 20.08 42.15 28.46
N SER C 464 19.56 40.99 28.84
CA SER C 464 19.40 39.90 27.89
C SER C 464 18.27 40.19 26.89
N ALA C 465 17.27 40.97 27.30
CA ALA C 465 16.22 41.39 26.39
C ALA C 465 16.65 42.52 25.48
N LEU C 466 17.70 43.27 25.84
CA LEU C 466 18.21 44.33 24.98
C LEU C 466 18.82 43.76 23.70
N LYS C 467 19.81 42.88 23.84
CA LYS C 467 20.40 42.24 22.67
C LYS C 467 19.42 41.34 21.95
N GLU C 468 18.34 40.92 22.63
CA GLU C 468 17.26 40.23 21.96
C GLU C 468 16.58 41.13 20.94
N LEU C 469 16.37 42.40 21.30
CA LEU C 469 15.78 43.35 20.36
C LEU C 469 16.69 43.59 19.16
N GLU C 470 18.01 43.49 19.35
CA GLU C 470 18.94 43.65 18.23
C GLU C 470 18.69 42.62 17.15
N ILE C 471 18.21 41.43 17.51
CA ILE C 471 17.94 40.40 16.53
C ILE C 471 16.60 40.62 15.84
N ILE C 472 15.58 41.06 16.58
CA ILE C 472 14.26 41.22 16.01
C ILE C 472 14.22 42.40 15.04
N ARG C 473 15.05 43.42 15.26
CA ARG C 473 15.12 44.56 14.35
C ARG C 473 15.70 44.22 12.99
N LYS C 474 16.19 42.99 12.79
CA LYS C 474 16.76 42.55 11.52
C LYS C 474 15.81 41.69 10.70
N ILE C 475 15.05 40.80 11.34
CA ILE C 475 14.18 39.89 10.60
C ILE C 475 13.01 40.66 9.98
N GLY C 476 12.35 41.50 10.75
CA GLY C 476 11.26 42.30 10.25
C GLY C 476 9.86 41.85 10.64
N ASP C 477 9.73 41.05 11.71
CA ASP C 477 8.42 40.64 12.19
C ASP C 477 7.93 41.63 13.23
N PRO C 478 6.82 42.35 13.00
CA PRO C 478 6.42 43.43 13.92
C PRO C 478 5.80 42.93 15.22
N GLU C 479 5.19 41.74 15.19
CA GLU C 479 4.52 41.23 16.38
C GLU C 479 5.49 40.97 17.51
N LYS C 480 6.57 40.23 17.24
CA LYS C 480 7.52 39.90 18.29
C LYS C 480 8.30 41.12 18.77
N GLU C 481 8.49 42.12 17.91
CA GLU C 481 9.18 43.34 18.34
C GLU C 481 8.33 44.11 19.34
N GLY C 482 7.01 44.09 19.17
CA GLY C 482 6.13 44.72 20.15
C GLY C 482 5.97 43.90 21.41
N LEU C 483 6.04 42.57 21.31
CA LEU C 483 5.90 41.72 22.48
C LEU C 483 7.08 41.90 23.44
N VAL C 484 8.28 42.09 22.91
CA VAL C 484 9.45 42.30 23.77
C VAL C 484 9.42 43.67 24.41
N LEU C 485 9.02 44.70 23.65
CA LEU C 485 8.91 46.05 24.19
C LEU C 485 7.94 46.10 25.36
N LEU C 486 6.87 45.30 25.33
CA LEU C 486 5.93 45.28 26.44
C LEU C 486 6.53 44.59 27.65
N HIS C 487 7.34 43.54 27.44
CA HIS C 487 7.88 42.79 28.56
C HIS C 487 8.97 43.58 29.29
N VAL C 488 9.79 44.31 28.54
CA VAL C 488 10.78 45.18 29.19
C VAL C 488 10.07 46.30 29.95
N GLY C 489 8.90 46.74 29.46
CA GLY C 489 8.09 47.69 30.19
C GLY C 489 7.36 47.11 31.38
N ASP C 490 7.59 45.84 31.70
CA ASP C 490 7.05 45.21 32.90
C ASP C 490 8.12 44.81 33.90
N ILE C 491 9.29 44.35 33.44
CA ILE C 491 10.38 44.02 34.34
C ILE C 491 10.91 45.28 35.03
N TYR C 492 10.95 46.39 34.29
CA TYR C 492 11.38 47.66 34.89
C TYR C 492 10.40 48.14 35.95
N LEU C 493 9.11 47.80 35.79
CA LEU C 493 8.12 48.19 36.79
C LEU C 493 8.33 47.42 38.09
N HIS C 494 8.74 46.15 38.00
CA HIS C 494 9.04 45.38 39.20
C HIS C 494 10.34 45.83 39.85
N MET C 495 11.24 46.45 39.09
CA MET C 495 12.46 47.02 39.66
C MET C 495 12.21 48.27 40.48
N GLY C 496 10.99 48.81 40.45
CA GLY C 496 10.70 50.08 41.07
C GLY C 496 10.85 51.27 40.14
N ASN C 497 11.33 51.07 38.92
CA ASN C 497 11.51 52.14 37.95
C ASN C 497 10.21 52.39 37.20
N TYR C 498 9.90 53.67 36.99
CA TYR C 498 8.68 54.06 36.29
C TYR C 498 8.93 54.69 34.93
N GLU C 499 10.03 55.44 34.77
CA GLU C 499 10.27 56.12 33.50
C GLU C 499 10.55 55.13 32.37
N LYS C 500 11.33 54.09 32.65
CA LYS C 500 11.64 53.10 31.63
C LYS C 500 10.41 52.29 31.24
N GLY C 501 9.52 52.03 32.20
CA GLY C 501 8.32 51.27 31.88
C GLY C 501 7.34 52.04 31.03
N ILE C 502 7.02 53.27 31.45
CA ILE C 502 6.00 54.05 30.75
C ILE C 502 6.46 54.40 29.34
N SER C 503 7.77 54.55 29.14
CA SER C 503 8.26 54.92 27.82
C SER C 503 8.41 53.72 26.89
N TYR C 504 8.61 52.52 27.44
CA TYR C 504 8.86 51.36 26.60
C TYR C 504 7.58 50.81 25.98
N TYR C 505 6.48 50.73 26.74
CA TYR C 505 5.23 50.30 26.14
C TYR C 505 4.50 51.42 25.42
N GLN C 506 5.01 52.65 25.51
CA GLN C 506 4.48 53.75 24.71
C GLN C 506 4.98 53.70 23.27
N GLU C 507 6.24 53.28 23.08
CA GLU C 507 6.72 53.02 21.73
C GLU C 507 6.14 51.73 21.16
N ALA C 508 5.80 50.77 22.03
CA ALA C 508 5.14 49.55 21.56
C ALA C 508 3.72 49.84 21.12
N LEU C 509 3.03 50.74 21.81
CA LEU C 509 1.73 51.20 21.33
C LEU C 509 1.88 51.97 20.02
N LYS C 510 2.98 52.71 19.87
CA LYS C 510 3.29 53.33 18.59
C LYS C 510 3.51 52.29 17.52
N MET C 511 3.98 51.10 17.89
CA MET C 511 4.13 49.99 16.95
C MET C 511 2.79 49.34 16.64
N ALA C 512 1.97 49.09 17.66
CA ALA C 512 0.69 48.41 17.46
C ALA C 512 -0.27 49.28 16.66
N LYS C 513 -0.29 50.59 16.92
CA LYS C 513 -1.14 51.48 16.14
C LYS C 513 -0.67 51.61 14.70
N ALA C 514 0.64 51.51 14.46
CA ALA C 514 1.17 51.71 13.11
C ALA C 514 0.80 50.54 12.20
N TYR C 515 0.95 49.32 12.70
CA TYR C 515 0.67 48.13 11.91
C TYR C 515 -0.77 47.64 12.07
N GLY C 516 -1.60 48.37 12.79
CA GLY C 516 -3.00 48.01 12.94
C GLY C 516 -3.25 46.76 13.76
N ILE C 517 -2.44 46.54 14.80
CA ILE C 517 -2.60 45.38 15.66
C ILE C 517 -3.49 45.78 16.84
N LYS C 518 -4.75 45.35 16.81
CA LYS C 518 -5.68 45.65 17.89
C LYS C 518 -5.42 44.80 19.13
N PHE C 519 -4.78 43.64 18.97
CA PHE C 519 -4.44 42.81 20.13
C PHE C 519 -3.40 43.49 21.00
N LEU C 520 -2.25 43.82 20.41
CA LEU C 520 -1.20 44.53 21.14
C LEU C 520 -1.61 45.94 21.56
N GLU C 521 -2.59 46.54 20.88
CA GLU C 521 -3.02 47.88 21.24
C GLU C 521 -3.67 47.92 22.62
N HIS C 522 -4.56 46.95 22.89
CA HIS C 522 -5.25 46.92 24.17
C HIS C 522 -4.43 46.29 25.29
N ILE C 523 -3.34 45.57 24.95
CA ILE C 523 -2.42 45.12 25.97
C ILE C 523 -1.68 46.31 26.59
N SER C 524 -1.22 47.22 25.74
CA SER C 524 -0.55 48.43 26.24
C SER C 524 -1.52 49.33 26.99
N TYR C 525 -2.81 49.31 26.62
CA TYR C 525 -3.79 50.09 27.36
C TYR C 525 -3.90 49.59 28.80
N MET C 526 -3.81 48.27 28.99
CA MET C 526 -3.78 47.71 30.33
C MET C 526 -2.47 47.99 31.03
N GLU C 527 -1.36 48.02 30.29
CA GLU C 527 -0.07 48.35 30.88
C GLU C 527 0.05 49.84 31.19
N LEU C 528 -0.56 50.69 30.37
CA LEU C 528 -0.52 52.12 30.64
C LEU C 528 -1.37 52.48 31.85
N ALA C 529 -2.51 51.80 32.03
CA ALA C 529 -3.36 52.07 33.18
C ALA C 529 -2.72 51.62 34.49
N LYS C 530 -2.04 50.47 34.46
CA LYS C 530 -1.43 49.95 35.68
C LYS C 530 -0.27 50.82 36.15
N GLY C 531 0.48 51.42 35.22
CA GLY C 531 1.60 52.26 35.61
C GLY C 531 1.17 53.51 36.35
N TYR C 532 0.15 54.19 35.86
CA TYR C 532 -0.33 55.40 36.52
C TYR C 532 -0.99 55.12 37.86
N TYR C 533 -1.42 53.88 38.10
CA TYR C 533 -2.01 53.53 39.39
C TYR C 533 -0.93 53.42 40.47
N GLN C 534 0.25 52.89 40.11
CA GLN C 534 1.32 52.79 41.10
C GLN C 534 1.80 54.17 41.53
N LEU C 535 1.69 55.17 40.64
CA LEU C 535 1.95 56.56 40.98
C LEU C 535 0.69 57.25 41.47
N LYS C 536 -0.39 56.50 41.68
CA LYS C 536 -1.65 57.01 42.22
C LYS C 536 -2.22 58.12 41.35
N LEU C 537 -1.89 58.11 40.05
CA LEU C 537 -2.48 59.03 39.09
C LEU C 537 -3.83 58.44 38.67
N TYR C 538 -4.84 58.73 39.50
CA TYR C 538 -6.13 58.05 39.38
C TYR C 538 -6.82 58.34 38.06
N GLU C 539 -6.72 59.59 37.58
CA GLU C 539 -7.46 60.02 36.40
C GLU C 539 -7.16 59.17 35.18
N LYS C 540 -5.91 59.22 34.71
CA LYS C 540 -5.57 58.52 33.47
C LYS C 540 -5.61 57.00 33.65
N ALA C 541 -5.17 56.51 34.82
CA ALA C 541 -5.16 55.07 35.06
C ALA C 541 -6.55 54.46 34.96
N SER C 542 -7.57 55.18 35.42
CA SER C 542 -8.95 54.67 35.35
C SER C 542 -9.54 54.76 33.95
N GLU C 543 -9.05 55.68 33.12
CA GLU C 543 -9.59 55.82 31.76
C GLU C 543 -9.08 54.70 30.85
N TYR C 544 -7.76 54.49 30.83
CA TYR C 544 -7.21 53.40 30.03
C TYR C 544 -7.68 52.05 30.55
N SER C 545 -8.09 51.97 31.81
CA SER C 545 -8.69 50.76 32.33
C SER C 545 -10.10 50.55 31.78
N GLU C 546 -10.79 51.65 31.46
CA GLU C 546 -12.14 51.53 30.90
C GLU C 546 -12.12 50.92 29.51
N LYS C 547 -11.15 51.29 28.69
CA LYS C 547 -11.05 50.77 27.33
C LYS C 547 -10.51 49.34 27.31
N ALA C 548 -9.58 49.00 28.20
CA ALA C 548 -9.06 47.64 28.26
C ALA C 548 -10.12 46.67 28.77
N ALA C 549 -10.86 47.05 29.80
CA ALA C 549 -11.92 46.18 30.31
C ALA C 549 -13.02 45.99 29.27
N ASN C 550 -13.37 47.06 28.55
CA ASN C 550 -14.36 46.94 27.49
C ASN C 550 -13.89 45.97 26.40
N TYR C 551 -12.59 45.91 26.15
CA TYR C 551 -12.07 45.00 25.14
C TYR C 551 -12.17 43.55 25.60
N PHE C 552 -11.54 43.23 26.74
CA PHE C 552 -11.49 41.84 27.18
C PHE C 552 -12.86 41.31 27.60
N LEU C 553 -13.77 42.20 28.02
CA LEU C 553 -15.16 41.78 28.20
C LEU C 553 -15.80 41.42 26.87
N MET C 554 -15.41 42.11 25.79
CA MET C 554 -15.91 41.79 24.46
C MET C 554 -15.16 40.59 23.88
N ILE C 555 -13.86 40.48 24.16
CA ILE C 555 -13.08 39.31 23.75
C ILE C 555 -13.33 38.12 24.66
N ARG C 556 -14.04 38.32 25.78
CA ARG C 556 -14.38 37.26 26.72
C ARG C 556 -13.16 36.64 27.37
N ASN C 557 -12.11 37.45 27.56
CA ASN C 557 -10.96 37.08 28.39
C ASN C 557 -11.19 37.69 29.76
N TYR C 558 -12.07 37.05 30.53
CA TYR C 558 -12.48 37.59 31.82
C TYR C 558 -11.35 37.59 32.84
N ARG C 559 -10.29 36.81 32.60
CA ARG C 559 -9.15 36.81 33.51
C ARG C 559 -8.50 38.18 33.58
N ARG C 560 -8.12 38.73 32.43
CA ARG C 560 -7.51 40.06 32.39
C ARG C 560 -8.55 41.18 32.47
N ALA C 561 -9.77 40.93 32.00
CA ALA C 561 -10.84 41.92 32.14
C ALA C 561 -11.14 42.19 33.61
N THR C 562 -11.05 41.17 34.46
CA THR C 562 -11.24 41.36 35.89
C THR C 562 -10.14 42.26 36.46
N ASP C 563 -8.89 41.99 36.11
CA ASP C 563 -7.79 42.82 36.58
C ASP C 563 -7.94 44.27 36.11
N ALA C 564 -8.57 44.48 34.95
CA ALA C 564 -8.83 45.83 34.47
C ALA C 564 -9.88 46.52 35.34
N MET C 565 -11.04 45.88 35.52
CA MET C 565 -12.09 46.46 36.34
C MET C 565 -11.74 46.50 37.83
N ALA C 566 -10.68 45.79 38.25
CA ALA C 566 -10.27 45.83 39.64
C ALA C 566 -9.55 47.13 39.98
N TYR C 567 -8.42 47.40 39.32
CA TYR C 567 -7.74 48.67 39.50
C TYR C 567 -8.55 49.83 38.95
N GLY C 568 -9.42 49.56 37.97
CA GLY C 568 -10.23 50.61 37.39
C GLY C 568 -11.25 51.15 38.38
N SER C 569 -11.96 50.24 39.06
CA SER C 569 -12.95 50.67 40.05
C SER C 569 -12.28 51.33 41.25
N VAL C 570 -11.05 50.92 41.58
CA VAL C 570 -10.32 51.53 42.68
C VAL C 570 -9.90 52.95 42.31
N SER C 571 -9.10 53.08 41.25
CA SER C 571 -8.59 54.40 40.88
C SER C 571 -9.70 55.35 40.47
N TYR C 572 -10.85 54.85 40.02
CA TYR C 572 -11.92 55.73 39.58
C TYR C 572 -12.52 56.48 40.77
N ILE C 573 -13.05 55.73 41.75
CA ILE C 573 -13.69 56.36 42.90
C ILE C 573 -12.74 57.22 43.71
N ALA C 574 -11.43 57.13 43.45
CA ALA C 574 -10.47 57.96 44.17
C ALA C 574 -10.74 59.44 43.92
N THR C 575 -10.89 59.82 42.64
CA THR C 575 -11.10 61.21 42.29
C THR C 575 -12.22 61.41 41.26
N LYS C 576 -12.95 60.35 40.90
CA LYS C 576 -14.00 60.45 39.90
C LYS C 576 -15.33 60.00 40.51
N ASN C 577 -16.34 59.89 39.66
CA ASN C 577 -17.69 59.55 40.09
C ASN C 577 -17.78 58.10 40.53
N LEU C 578 -18.70 57.84 41.47
CA LEU C 578 -18.88 56.49 41.99
C LEU C 578 -19.66 55.58 41.05
N GLU C 579 -20.46 56.14 40.14
CA GLU C 579 -21.38 55.32 39.35
C GLU C 579 -20.66 54.49 38.30
N LYS C 580 -19.65 55.06 37.65
CA LYS C 580 -18.93 54.32 36.61
C LYS C 580 -18.18 53.14 37.22
N ALA C 581 -17.46 53.38 38.32
CA ALA C 581 -16.81 52.28 39.02
C ALA C 581 -17.82 51.33 39.64
N GLU C 582 -19.00 51.84 40.01
CA GLU C 582 -20.07 50.96 40.47
C GLU C 582 -20.51 50.00 39.35
N LYS C 583 -20.58 50.50 38.11
CA LYS C 583 -20.84 49.61 36.98
C LYS C 583 -19.75 48.58 36.84
N PHE C 584 -18.49 48.99 37.01
CA PHE C 584 -17.38 48.04 36.92
C PHE C 584 -17.48 46.99 38.02
N ALA C 585 -17.74 47.43 39.25
CA ALA C 585 -17.84 46.49 40.37
C ALA C 585 -18.99 45.50 40.17
N LYS C 586 -20.13 45.97 39.67
CA LYS C 586 -21.26 45.07 39.44
C LYS C 586 -20.98 44.08 38.31
N GLU C 587 -20.24 44.50 37.28
CA GLU C 587 -19.83 43.57 36.24
C GLU C 587 -18.83 42.55 36.78
N MET C 588 -17.98 42.96 37.71
CA MET C 588 -17.07 42.01 38.35
C MET C 588 -17.84 40.95 39.13
N ILE C 589 -19.05 41.26 39.58
CA ILE C 589 -19.88 40.25 40.23
C ILE C 589 -20.42 39.26 39.20
N ARG C 590 -20.81 39.76 38.03
CA ARG C 590 -21.35 38.89 36.99
C ARG C 590 -20.31 37.86 36.52
N ILE C 591 -19.08 38.32 36.28
CA ILE C 591 -18.03 37.38 35.87
C ILE C 591 -17.46 36.63 37.05
N ALA C 592 -17.72 37.07 38.28
CA ALA C 592 -17.34 36.27 39.45
C ALA C 592 -18.27 35.07 39.61
N GLN C 593 -19.57 35.31 39.55
CA GLN C 593 -20.56 34.24 39.68
C GLN C 593 -20.63 33.35 38.45
N SER C 594 -19.84 33.63 37.40
CA SER C 594 -19.82 32.82 36.19
C SER C 594 -18.50 32.10 35.97
N THR C 595 -17.37 32.69 36.37
CA THR C 595 -16.07 32.11 36.16
C THR C 595 -15.34 31.75 37.45
N ASP C 596 -15.81 32.21 38.60
CA ASP C 596 -15.19 31.95 39.90
C ASP C 596 -13.74 32.43 39.94
N TYR C 597 -13.50 33.63 39.45
CA TYR C 597 -12.15 34.16 39.57
C TYR C 597 -12.00 34.84 40.93
N PRO C 598 -10.88 34.61 41.62
CA PRO C 598 -10.73 35.21 42.96
C PRO C 598 -10.80 36.72 42.96
N LEU C 599 -10.03 37.39 42.11
CA LEU C 599 -10.06 38.85 42.04
C LEU C 599 -11.40 39.39 41.56
N ALA C 600 -12.27 38.54 41.02
CA ALA C 600 -13.57 38.99 40.54
C ALA C 600 -14.53 39.26 41.69
N TRP C 601 -14.49 38.43 42.74
CA TRP C 601 -15.26 38.71 43.93
C TRP C 601 -14.72 39.91 44.70
N ALA C 602 -13.48 40.31 44.43
CA ALA C 602 -12.93 41.53 45.00
C ALA C 602 -13.65 42.78 44.51
N GLY C 603 -14.33 42.68 43.36
CA GLY C 603 -15.19 43.78 42.92
C GLY C 603 -16.49 43.87 43.67
N TYR C 604 -16.94 42.77 44.28
CA TYR C 604 -18.16 42.80 45.09
C TYR C 604 -17.96 43.68 46.32
N ILE C 605 -16.79 43.60 46.95
CA ILE C 605 -16.53 44.48 48.09
C ILE C 605 -16.24 45.90 47.59
N PHE C 606 -15.76 46.05 46.36
CA PHE C 606 -15.64 47.39 45.78
C PHE C 606 -17.02 48.02 45.60
N LEU C 607 -18.03 47.18 45.33
CA LEU C 607 -19.41 47.66 45.31
C LEU C 607 -19.84 48.16 46.70
N ALA C 608 -19.42 47.45 47.75
CA ALA C 608 -19.68 47.92 49.09
C ALA C 608 -18.97 49.24 49.36
N ALA C 609 -17.77 49.41 48.81
CA ALA C 609 -17.07 50.68 48.92
C ALA C 609 -17.85 51.80 48.22
N VAL C 610 -18.44 51.49 47.07
CA VAL C 610 -19.28 52.48 46.39
C VAL C 610 -20.54 52.76 47.20
N ASP C 611 -21.16 51.71 47.74
CA ASP C 611 -22.41 51.90 48.49
C ASP C 611 -22.19 52.77 49.72
N PHE C 612 -21.09 52.53 50.46
CA PHE C 612 -20.80 53.35 51.62
C PHE C 612 -20.56 54.80 51.22
N LEU C 613 -19.95 55.02 50.07
CA LEU C 613 -19.71 56.37 49.57
C LEU C 613 -20.92 56.97 48.86
N LYS C 614 -21.94 56.16 48.57
CA LYS C 614 -23.16 56.64 47.92
C LYS C 614 -24.31 56.85 48.90
N GLY C 615 -23.99 57.06 50.18
CA GLY C 615 -25.03 57.28 51.16
C GLY C 615 -25.91 56.08 51.43
N ASP C 616 -25.45 54.89 51.04
CA ASP C 616 -26.20 53.66 51.30
C ASP C 616 -25.76 53.06 52.62
N ASP C 617 -26.68 52.32 53.24
CA ASP C 617 -26.46 51.80 54.59
C ASP C 617 -25.44 50.66 54.55
N TRP C 618 -25.17 50.09 55.74
CA TRP C 618 -24.26 48.96 55.84
C TRP C 618 -24.89 47.67 55.34
N ARG C 619 -26.20 47.66 55.06
CA ARG C 619 -26.80 46.55 54.34
C ARG C 619 -26.35 46.53 52.88
N GLU C 620 -26.19 47.72 52.28
CA GLU C 620 -25.54 47.79 50.98
C GLU C 620 -24.03 47.67 51.10
N ASP C 621 -23.47 48.04 52.25
CA ASP C 621 -22.08 47.78 52.56
C ASP C 621 -21.84 46.34 53.02
N TYR C 622 -22.90 45.54 53.17
CA TYR C 622 -22.73 44.13 53.49
C TYR C 622 -22.01 43.38 52.38
N ASN C 623 -21.99 43.93 51.16
CA ASN C 623 -21.22 43.32 50.07
C ASN C 623 -19.78 43.04 50.47
N LEU C 624 -19.26 43.76 51.47
CA LEU C 624 -18.01 43.37 52.12
C LEU C 624 -18.11 41.94 52.66
N GLY C 625 -19.06 41.70 53.56
CA GLY C 625 -19.24 40.36 54.11
C GLY C 625 -19.76 39.37 53.09
N LYS C 626 -20.49 39.86 52.09
CA LYS C 626 -21.02 38.96 51.06
C LYS C 626 -19.89 38.30 50.28
N ALA C 627 -18.82 39.03 50.02
CA ALA C 627 -17.71 38.51 49.24
C ALA C 627 -16.50 38.12 50.08
N HIS C 628 -16.43 38.57 51.33
CA HIS C 628 -15.27 38.21 52.17
C HIS C 628 -15.31 36.74 52.56
N LEU C 629 -16.52 36.18 52.72
CA LEU C 629 -16.62 34.74 52.96
C LEU C 629 -16.30 33.94 51.70
N LYS C 630 -16.56 34.52 50.52
CA LYS C 630 -16.16 33.87 49.28
C LYS C 630 -14.64 33.84 49.14
N GLU C 631 -13.96 34.88 49.60
CA GLU C 631 -12.51 34.99 49.50
C GLU C 631 -11.78 34.53 50.75
N TYR C 632 -12.47 33.83 51.66
CA TYR C 632 -11.86 33.34 52.89
C TYR C 632 -10.83 32.24 52.62
N PRO C 633 -11.11 31.25 51.75
CA PRO C 633 -10.05 30.25 51.47
C PRO C 633 -8.81 30.85 50.84
N TRP C 634 -8.97 31.67 49.80
CA TRP C 634 -7.83 32.25 49.10
C TRP C 634 -7.12 33.26 50.01
N LEU C 635 -5.87 32.95 50.35
CA LEU C 635 -5.06 33.83 51.19
C LEU C 635 -4.58 35.06 50.44
N PHE C 636 -4.71 35.09 49.11
CA PHE C 636 -4.34 36.28 48.34
C PHE C 636 -5.20 37.48 48.71
N GLU C 637 -6.38 37.25 49.30
CA GLU C 637 -7.24 38.36 49.70
C GLU C 637 -6.57 39.21 50.78
N ALA C 638 -5.77 38.59 51.65
CA ALA C 638 -5.04 39.34 52.67
C ALA C 638 -4.03 40.31 52.08
N VAL C 639 -3.77 40.23 50.78
CA VAL C 639 -2.81 41.11 50.12
C VAL C 639 -3.50 42.27 49.40
N LEU C 640 -4.65 42.00 48.77
CA LEU C 640 -5.33 43.04 47.99
C LEU C 640 -5.88 44.16 48.87
N ASP C 641 -5.96 43.94 50.18
CA ASP C 641 -6.45 44.98 51.09
C ASP C 641 -5.51 46.17 51.15
N GLU C 642 -4.25 46.00 50.74
CA GLU C 642 -3.29 47.08 50.74
C GLU C 642 -3.66 48.19 49.76
N LEU C 643 -4.52 47.91 48.79
CA LEU C 643 -4.88 48.88 47.77
C LEU C 643 -6.07 49.75 48.16
N LYS C 644 -7.08 49.16 48.80
CA LYS C 644 -8.32 49.89 49.06
C LYS C 644 -8.20 50.83 50.26
N LYS C 645 -7.55 50.38 51.34
CA LYS C 645 -7.46 51.21 52.54
C LYS C 645 -6.46 52.34 52.36
N VAL C 646 -5.50 52.19 51.43
CA VAL C 646 -4.48 53.22 51.26
C VAL C 646 -4.97 54.38 50.39
N PHE C 647 -5.53 54.08 49.21
CA PHE C 647 -5.95 55.14 48.30
C PHE C 647 -7.16 55.90 48.83
N ASP C 648 -8.04 55.23 49.57
CA ASP C 648 -9.21 55.87 50.17
C ASP C 648 -9.58 55.18 51.48
N ALA D 2 19.66 12.22 -46.53
CA ALA D 2 20.85 12.52 -45.76
C ALA D 2 21.31 11.30 -44.97
N PRO D 3 22.62 11.16 -44.81
CA PRO D 3 23.15 10.01 -44.05
C PRO D 3 22.76 10.05 -42.58
N ILE D 4 22.52 8.86 -42.04
CA ILE D 4 22.18 8.64 -40.63
C ILE D 4 20.96 9.46 -40.24
N GLU D 5 19.78 9.04 -40.73
CA GLU D 5 18.52 9.65 -40.33
C GLU D 5 17.43 8.59 -40.39
N TRP D 6 16.24 8.99 -39.93
CA TRP D 6 15.13 8.05 -39.83
C TRP D 6 14.64 7.63 -41.22
N GLU D 7 14.08 6.42 -41.29
CA GLU D 7 13.51 5.86 -42.51
C GLU D 7 12.01 6.06 -42.57
N SER D 8 11.52 7.22 -42.13
CA SER D 8 10.08 7.50 -42.10
C SER D 8 9.49 7.49 -43.50
N SER D 9 8.70 6.46 -43.81
CA SER D 9 8.10 6.34 -45.12
C SER D 9 6.89 7.25 -45.23
N PRO D 10 6.79 8.06 -46.29
CA PRO D 10 5.60 8.90 -46.46
C PRO D 10 4.37 8.07 -46.79
N ARG D 11 3.22 8.55 -46.33
CA ARG D 11 1.97 7.84 -46.53
C ARG D 11 1.55 7.93 -48.00
N VAL D 12 0.50 7.18 -48.34
CA VAL D 12 -0.05 7.23 -49.69
C VAL D 12 -0.68 8.60 -49.94
N GLU D 13 -0.69 9.02 -51.21
CA GLU D 13 -1.29 10.30 -51.56
C GLU D 13 -2.78 10.33 -51.19
N VAL D 14 -3.53 9.34 -51.67
CA VAL D 14 -4.94 9.23 -51.36
C VAL D 14 -5.11 8.39 -50.09
N PHE D 15 -5.97 8.85 -49.19
CA PHE D 15 -6.25 8.10 -47.97
C PHE D 15 -7.55 8.61 -47.36
N VAL D 16 -8.47 7.70 -47.07
CA VAL D 16 -9.67 8.04 -46.32
C VAL D 16 -9.65 7.20 -45.05
N GLY D 17 -8.91 7.67 -44.06
CA GLY D 17 -8.73 6.91 -42.85
C GLY D 17 -10.02 6.74 -42.07
N ARG D 18 -10.06 5.70 -41.26
CA ARG D 18 -11.18 5.45 -40.36
C ARG D 18 -10.92 6.24 -39.09
N LYS D 19 -11.62 7.38 -38.95
CA LYS D 19 -11.27 8.34 -37.92
C LYS D 19 -11.43 7.76 -36.52
N ARG D 20 -12.35 6.81 -36.34
CA ARG D 20 -12.46 6.15 -35.05
C ARG D 20 -11.22 5.33 -34.73
N GLU D 21 -10.68 4.64 -35.73
CA GLU D 21 -9.46 3.87 -35.54
C GLU D 21 -8.23 4.78 -35.43
N LEU D 22 -8.30 6.01 -35.94
CA LEU D 22 -7.20 6.94 -35.81
C LEU D 22 -7.11 7.51 -34.40
N SER D 23 -8.25 7.92 -33.83
CA SER D 23 -8.24 8.38 -32.45
C SER D 23 -7.85 7.26 -31.50
N ILE D 24 -8.21 6.01 -31.83
CA ILE D 24 -7.75 4.87 -31.04
C ILE D 24 -6.23 4.86 -30.99
N ILE D 25 -5.58 4.92 -32.15
CA ILE D 25 -4.13 4.83 -32.21
C ILE D 25 -3.49 6.06 -31.55
N ARG D 26 -4.00 7.25 -31.87
CA ARG D 26 -3.44 8.47 -31.30
C ARG D 26 -3.66 8.54 -29.80
N ASN D 27 -4.84 8.13 -29.33
CA ASN D 27 -5.20 8.19 -27.93
C ASN D 27 -5.03 6.85 -27.24
N ALA D 28 -4.19 5.96 -27.77
CA ALA D 28 -3.96 4.67 -27.14
C ALA D 28 -2.96 4.79 -26.00
N LYS D 29 -3.01 3.80 -25.12
CA LYS D 29 -2.07 3.70 -24.00
C LYS D 29 -1.07 2.59 -24.29
N GLY D 30 0.20 2.87 -24.04
CA GLY D 30 1.26 1.88 -24.20
C GLY D 30 1.64 1.59 -25.63
N VAL D 31 1.37 0.37 -26.07
CA VAL D 31 1.73 -0.11 -27.41
C VAL D 31 0.45 -0.30 -28.21
N VAL D 32 0.44 0.20 -29.44
CA VAL D 32 -0.69 0.06 -30.34
C VAL D 32 -0.35 -1.05 -31.33
N VAL D 33 -1.20 -2.07 -31.39
CA VAL D 33 -1.00 -3.21 -32.28
C VAL D 33 -2.04 -3.11 -33.40
N ILE D 34 -1.56 -2.97 -34.63
CA ILE D 34 -2.40 -2.88 -35.82
C ILE D 34 -2.24 -4.18 -36.58
N TYR D 35 -3.26 -5.05 -36.53
CA TYR D 35 -3.22 -6.33 -37.20
C TYR D 35 -4.35 -6.43 -38.22
N GLY D 36 -4.00 -6.83 -39.43
CA GLY D 36 -4.95 -7.03 -40.51
C GLY D 36 -4.36 -7.96 -41.54
N ILE D 37 -4.92 -7.91 -42.75
CA ILE D 37 -4.43 -8.76 -43.83
C ILE D 37 -3.46 -7.96 -44.69
N ALA D 38 -2.93 -8.60 -45.73
CA ALA D 38 -1.99 -7.94 -46.62
C ALA D 38 -2.66 -6.79 -47.35
N GLY D 39 -2.01 -5.62 -47.34
CA GLY D 39 -2.57 -4.48 -48.02
C GLY D 39 -3.83 -3.93 -47.40
N ILE D 40 -4.14 -4.32 -46.16
CA ILE D 40 -5.35 -3.85 -45.51
C ILE D 40 -5.23 -2.39 -45.09
N GLY D 41 -4.01 -1.87 -45.04
CA GLY D 41 -3.78 -0.48 -44.69
C GLY D 41 -3.08 -0.24 -43.38
N LYS D 42 -2.47 -1.26 -42.79
CA LYS D 42 -1.84 -1.11 -41.48
C LYS D 42 -0.62 -0.20 -41.54
N THR D 43 0.33 -0.52 -42.43
CA THR D 43 1.54 0.30 -42.56
C THR D 43 1.20 1.74 -42.92
N SER D 44 0.30 1.92 -43.89
CA SER D 44 -0.09 3.26 -44.30
C SER D 44 -0.89 3.99 -43.21
N LEU D 45 -1.66 3.26 -42.41
CA LEU D 45 -2.41 3.91 -41.33
C LEU D 45 -1.47 4.40 -40.23
N ALA D 46 -0.44 3.63 -39.91
CA ALA D 46 0.50 4.03 -38.86
C ALA D 46 1.18 5.35 -39.22
N ALA D 47 1.53 5.53 -40.49
CA ALA D 47 2.11 6.81 -40.90
C ALA D 47 1.10 7.95 -40.78
N LYS D 48 -0.19 7.65 -40.98
CA LYS D 48 -1.23 8.67 -40.83
C LYS D 48 -1.37 9.12 -39.38
N ALA D 49 -1.03 8.25 -38.43
CA ALA D 49 -1.13 8.56 -37.01
C ALA D 49 -0.13 9.63 -36.59
N PHE D 50 1.16 9.29 -36.63
CA PHE D 50 2.22 10.22 -36.22
C PHE D 50 3.28 10.22 -37.32
N PRO D 51 3.55 11.36 -37.95
CA PRO D 51 4.46 11.37 -39.10
C PRO D 51 5.93 11.22 -38.73
N ASN D 52 6.41 12.03 -37.79
CA ASN D 52 7.81 12.06 -37.43
C ASN D 52 8.21 10.94 -36.46
N ALA D 53 7.43 9.87 -36.39
CA ALA D 53 7.80 8.74 -35.55
C ALA D 53 8.98 8.00 -36.15
N TYR D 54 9.83 7.44 -35.29
CA TYR D 54 10.94 6.63 -35.75
C TYR D 54 10.41 5.34 -36.37
N TRP D 55 10.70 5.15 -37.65
CA TRP D 55 10.26 3.98 -38.39
C TRP D 55 11.39 2.96 -38.45
N TYR D 56 11.03 1.69 -38.25
CA TYR D 56 11.96 0.59 -38.49
C TYR D 56 11.22 -0.50 -39.27
N ASN D 57 11.47 -0.55 -40.58
CA ASN D 57 10.94 -1.62 -41.42
C ASN D 57 11.79 -2.86 -41.21
N VAL D 58 11.17 -3.94 -40.73
CA VAL D 58 11.90 -5.16 -40.45
C VAL D 58 12.03 -5.96 -41.74
N THR D 59 13.14 -6.69 -41.86
CA THR D 59 13.42 -7.54 -43.01
C THR D 59 13.52 -8.98 -42.55
N GLY D 60 14.01 -9.85 -43.43
CA GLY D 60 14.24 -11.24 -43.08
C GLY D 60 15.26 -11.38 -41.97
N LEU D 61 16.52 -11.07 -42.29
CA LEU D 61 17.61 -11.14 -41.32
C LEU D 61 17.42 -10.06 -40.28
N GLU D 62 17.14 -10.45 -39.04
CA GLU D 62 16.96 -9.50 -37.94
C GLU D 62 17.48 -10.12 -36.65
N ASP D 63 18.60 -9.62 -36.15
CA ASP D 63 19.06 -9.94 -34.81
C ASP D 63 18.50 -8.93 -33.84
N PHE D 64 18.01 -9.40 -32.69
CA PHE D 64 17.47 -8.48 -31.70
C PHE D 64 18.53 -7.50 -31.22
N LYS D 65 19.79 -7.93 -31.14
CA LYS D 65 20.84 -7.00 -30.74
C LYS D 65 21.07 -5.96 -31.84
N TYR D 66 20.90 -6.35 -33.11
CA TYR D 66 21.00 -5.39 -34.20
C TYR D 66 19.85 -4.39 -34.15
N PHE D 67 18.62 -4.88 -33.95
CA PHE D 67 17.46 -4.00 -33.86
C PHE D 67 17.61 -3.02 -32.70
N ALA D 68 17.92 -3.53 -31.51
CA ALA D 68 18.14 -2.66 -30.36
C ALA D 68 19.33 -1.73 -30.59
N TRP D 69 20.32 -2.19 -31.36
CA TRP D 69 21.44 -1.31 -31.70
C TRP D 69 20.98 -0.13 -32.54
N GLN D 70 20.27 -0.41 -33.64
CA GLN D 70 19.73 0.67 -34.45
C GLN D 70 18.76 1.52 -33.65
N LEU D 71 17.99 0.90 -32.75
CA LEU D 71 17.18 1.65 -31.81
C LEU D 71 18.04 2.42 -30.83
N GLY D 72 19.22 1.90 -30.50
CA GLY D 72 20.14 2.66 -29.68
C GLY D 72 20.77 3.83 -30.40
N LEU D 73 21.03 3.67 -31.70
CA LEU D 73 21.50 4.79 -32.50
C LEU D 73 20.47 5.91 -32.51
N PHE D 74 19.18 5.56 -32.54
CA PHE D 74 18.13 6.56 -32.52
C PHE D 74 18.06 7.26 -31.17
N LEU D 75 18.04 6.48 -30.08
CA LEU D 75 18.02 7.08 -28.75
C LEU D 75 19.27 7.93 -28.51
N SER D 76 20.37 7.61 -29.18
CA SER D 76 21.57 8.44 -29.07
C SER D 76 21.46 9.71 -29.89
N SER D 77 20.78 9.65 -31.05
CA SER D 77 20.61 10.86 -31.87
C SER D 77 19.68 11.86 -31.20
N ILE D 78 18.74 11.38 -30.37
CA ILE D 78 17.86 12.30 -29.66
C ILE D 78 18.64 13.07 -28.61
N GLY D 79 19.62 12.41 -27.97
CA GLY D 79 20.51 13.06 -27.03
C GLY D 79 20.27 12.72 -25.58
N PHE D 80 19.19 12.02 -25.25
CA PHE D 80 18.93 11.62 -23.87
C PHE D 80 19.61 10.30 -23.52
N GLU D 81 19.68 9.37 -24.47
CA GLU D 81 20.36 8.09 -24.29
C GLU D 81 21.64 8.01 -25.09
N ASP D 82 22.16 9.16 -25.54
CA ASP D 82 23.44 9.18 -26.24
C ASP D 82 24.56 8.63 -25.36
N LEU D 83 24.61 9.10 -24.12
CA LEU D 83 25.67 8.66 -23.21
C LEU D 83 25.37 7.30 -22.59
N LEU D 84 24.10 6.90 -22.51
CA LEU D 84 23.71 5.68 -21.81
C LEU D 84 23.52 4.49 -22.74
N GLU D 85 22.59 4.60 -23.68
CA GLU D 85 22.15 3.42 -24.43
C GLU D 85 23.20 2.96 -25.44
N TYR D 86 23.53 3.81 -26.42
CA TYR D 86 24.42 3.38 -27.48
C TYR D 86 25.80 3.04 -26.92
N LEU D 87 26.31 3.85 -26.00
CA LEU D 87 27.64 3.58 -25.46
C LEU D 87 27.67 2.26 -24.71
N ARG D 88 26.53 1.80 -24.18
CA ARG D 88 26.49 0.45 -23.64
C ARG D 88 26.33 -0.60 -24.73
N GLY D 89 25.69 -0.25 -25.85
CA GLY D 89 25.70 -1.14 -27.00
C GLY D 89 27.10 -1.50 -27.42
N GLY D 90 27.98 -0.51 -27.49
CA GLY D 90 29.41 -0.76 -27.65
C GLY D 90 30.06 -1.41 -26.46
N GLY D 91 29.39 -1.43 -25.32
CA GLY D 91 29.89 -2.09 -24.12
C GLY D 91 29.65 -3.58 -24.11
N ASN D 92 28.40 -4.00 -23.92
CA ASN D 92 28.08 -5.42 -23.81
C ASN D 92 26.58 -5.60 -24.08
N ASN D 93 26.03 -6.73 -23.65
CA ASN D 93 24.64 -7.07 -23.93
C ASN D 93 24.05 -7.87 -22.78
N GLU D 94 22.73 -7.83 -22.67
CA GLU D 94 21.94 -8.47 -21.63
C GLU D 94 20.46 -8.24 -21.96
N ASN D 95 19.58 -8.87 -21.17
CA ASN D 95 18.18 -8.46 -21.22
C ASN D 95 17.97 -7.12 -20.54
N ASP D 96 19.00 -6.57 -19.90
CA ASP D 96 18.94 -5.20 -19.40
C ASP D 96 18.75 -4.21 -20.53
N ILE D 97 18.98 -4.62 -21.77
CA ILE D 97 18.63 -3.80 -22.93
C ILE D 97 17.14 -3.46 -22.89
N PHE D 98 16.31 -4.38 -22.39
CA PHE D 98 14.89 -4.08 -22.25
C PHE D 98 14.68 -2.82 -21.41
N LYS D 99 15.33 -2.74 -20.26
CA LYS D 99 15.17 -1.59 -19.37
C LYS D 99 15.94 -0.36 -19.84
N LEU D 100 16.94 -0.53 -20.70
CA LEU D 100 17.62 0.64 -21.26
C LEU D 100 16.69 1.38 -22.22
N ILE D 101 16.09 0.65 -23.17
CA ILE D 101 15.19 1.28 -24.12
C ILE D 101 13.91 1.71 -23.41
N THR D 102 13.50 0.98 -22.37
CA THR D 102 12.37 1.42 -21.56
C THR D 102 12.62 2.81 -21.00
N GLU D 103 13.72 2.98 -20.27
CA GLU D 103 14.11 4.31 -19.85
C GLU D 103 14.50 5.20 -21.03
N GLY D 104 14.79 4.60 -22.18
CA GLY D 104 15.09 5.37 -23.36
C GLY D 104 13.93 6.26 -23.78
N ILE D 105 12.81 5.64 -24.17
CA ILE D 105 11.62 6.41 -24.52
C ILE D 105 10.84 6.85 -23.31
N GLU D 106 11.26 6.48 -22.09
CA GLU D 106 10.70 7.09 -20.90
C GLU D 106 11.28 8.48 -20.69
N LYS D 107 12.50 8.72 -21.17
CA LYS D 107 13.11 10.04 -21.13
C LYS D 107 12.84 10.83 -22.41
N THR D 108 13.10 10.23 -23.58
CA THR D 108 12.87 10.92 -24.84
C THR D 108 11.38 11.12 -25.11
N GLY D 109 10.58 10.09 -24.88
CA GLY D 109 9.16 10.16 -25.16
C GLY D 109 8.79 10.06 -26.61
N ALA D 110 9.74 9.80 -27.49
CA ALA D 110 9.44 9.74 -28.92
C ALA D 110 8.56 8.53 -29.23
N ILE D 111 7.69 8.71 -30.22
CA ILE D 111 6.81 7.65 -30.69
C ILE D 111 7.57 6.85 -31.76
N ILE D 112 7.49 5.52 -31.67
CA ILE D 112 8.23 4.63 -32.55
C ILE D 112 7.24 3.76 -33.31
N ILE D 113 7.57 3.46 -34.56
CA ILE D 113 6.73 2.63 -35.42
C ILE D 113 7.57 1.48 -35.96
N ILE D 114 7.05 0.27 -35.83
CA ILE D 114 7.70 -0.94 -36.32
C ILE D 114 6.81 -1.55 -37.38
N ASP D 115 7.38 -1.83 -38.55
CA ASP D 115 6.64 -2.37 -39.67
C ASP D 115 6.91 -3.86 -39.81
N ASP D 116 5.84 -4.65 -39.96
CA ASP D 116 5.92 -6.09 -40.17
C ASP D 116 6.48 -6.82 -38.96
N PHE D 117 6.98 -8.04 -39.17
CA PHE D 117 7.45 -8.91 -38.11
C PHE D 117 8.52 -9.84 -38.67
N HIS D 118 9.41 -10.31 -37.79
CA HIS D 118 10.65 -10.94 -38.24
C HIS D 118 10.97 -12.24 -37.52
N LYS D 119 12.15 -12.80 -37.80
CA LYS D 119 12.61 -14.01 -37.16
C LYS D 119 12.97 -13.73 -35.70
N PHE D 120 13.16 -14.81 -34.94
CA PHE D 120 13.49 -14.72 -33.51
C PHE D 120 12.57 -13.75 -32.79
N GLN D 121 11.28 -13.81 -33.15
CA GLN D 121 10.30 -12.82 -32.69
C GLN D 121 10.14 -12.83 -31.17
N ASP D 122 10.46 -13.95 -30.51
CA ASP D 122 10.29 -14.02 -29.06
C ASP D 122 11.12 -12.96 -28.35
N GLU D 123 12.36 -12.74 -28.82
CA GLU D 123 13.20 -11.72 -28.21
C GLU D 123 12.57 -10.33 -28.32
N LYS D 124 12.04 -10.01 -29.50
CA LYS D 124 11.37 -8.73 -29.68
C LYS D 124 10.01 -8.71 -28.98
N VAL D 125 9.26 -9.80 -29.08
CA VAL D 125 7.98 -9.88 -28.39
C VAL D 125 8.18 -9.77 -26.89
N ASN D 126 9.22 -10.43 -26.36
CA ASN D 126 9.52 -10.33 -24.93
C ASN D 126 9.91 -8.92 -24.53
N TYR D 127 10.55 -8.17 -25.42
CA TYR D 127 10.78 -6.76 -25.14
C TYR D 127 9.48 -5.96 -25.18
N LEU D 128 8.63 -6.25 -26.16
CA LEU D 128 7.39 -5.50 -26.31
C LEU D 128 6.52 -5.65 -25.06
N LEU D 129 6.48 -6.85 -24.47
CA LEU D 129 5.67 -7.07 -23.28
C LEU D 129 6.32 -6.53 -22.01
N SER D 130 7.61 -6.16 -22.06
CA SER D 130 8.27 -5.54 -20.93
C SER D 130 8.10 -4.03 -20.90
N TYR D 131 7.41 -3.46 -21.88
CA TYR D 131 7.21 -2.03 -21.99
C TYR D 131 5.75 -1.61 -22.02
N LEU D 132 4.85 -2.44 -22.56
CA LEU D 132 3.44 -2.08 -22.62
C LEU D 132 2.81 -2.02 -21.23
N ALA D 133 3.31 -2.81 -20.28
CA ALA D 133 2.68 -2.88 -18.97
C ALA D 133 2.90 -1.62 -18.14
N PRO D 134 4.12 -1.07 -18.02
CA PRO D 134 4.28 0.13 -17.19
C PRO D 134 3.50 1.34 -17.67
N ARG D 135 3.09 1.37 -18.94
CA ARG D 135 2.40 2.51 -19.53
C ARG D 135 3.24 3.76 -19.31
N ILE D 136 4.28 3.93 -20.14
CA ILE D 136 5.16 5.08 -20.00
C ILE D 136 4.42 6.32 -20.47
N LYS D 137 4.41 7.35 -19.62
CA LYS D 137 3.57 8.52 -19.87
C LYS D 137 3.98 9.29 -21.12
N LYS D 138 5.20 9.10 -21.62
CA LYS D 138 5.72 9.93 -22.70
C LYS D 138 5.94 9.18 -24.01
N GLY D 139 6.66 8.05 -23.98
CA GLY D 139 6.94 7.33 -25.19
C GLY D 139 5.76 6.55 -25.71
N LYS D 140 5.90 6.07 -26.95
CA LYS D 140 4.89 5.20 -27.55
C LYS D 140 5.56 4.37 -28.64
N VAL D 141 5.12 3.13 -28.76
CA VAL D 141 5.61 2.21 -29.78
C VAL D 141 4.40 1.61 -30.48
N ILE D 142 4.34 1.76 -31.80
CA ILE D 142 3.25 1.23 -32.60
C ILE D 142 3.83 0.18 -33.55
N ILE D 143 3.10 -0.93 -33.70
CA ILE D 143 3.56 -2.01 -34.56
C ILE D 143 2.47 -2.35 -35.57
N THR D 144 2.90 -2.94 -36.68
CA THR D 144 2.00 -3.45 -37.70
C THR D 144 2.34 -4.93 -37.90
N THR D 145 1.37 -5.80 -37.63
CA THR D 145 1.59 -7.24 -37.72
C THR D 145 0.47 -7.86 -38.54
N ARG D 146 0.77 -9.02 -39.14
CA ARG D 146 -0.25 -9.81 -39.83
C ARG D 146 -1.09 -10.64 -38.87
N ILE D 147 -0.57 -10.93 -37.67
CA ILE D 147 -1.21 -11.79 -36.70
C ILE D 147 -1.27 -11.10 -35.35
N ARG D 148 -2.09 -11.64 -34.47
CA ARG D 148 -2.19 -11.17 -33.09
C ARG D 148 -0.93 -11.57 -32.33
N PRO D 149 -0.09 -10.63 -31.90
CA PRO D 149 1.20 -10.99 -31.31
C PRO D 149 1.12 -11.68 -29.96
N ASN D 150 -0.08 -11.88 -29.41
CA ASN D 150 -0.26 -12.56 -28.12
C ASN D 150 0.53 -11.85 -27.02
N LEU D 151 0.35 -10.53 -26.92
CA LEU D 151 1.03 -9.72 -25.92
C LEU D 151 0.16 -9.46 -24.69
N GLY D 152 -1.02 -10.07 -24.62
CA GLY D 152 -1.95 -9.77 -23.55
C GLY D 152 -2.72 -8.48 -23.83
N ASN D 153 -3.69 -8.21 -22.95
CA ASN D 153 -4.55 -7.04 -23.09
C ASN D 153 -4.27 -5.97 -22.04
N GLU D 154 -3.15 -6.07 -21.32
CA GLU D 154 -2.75 -5.07 -20.34
C GLU D 154 -1.83 -4.06 -21.02
N GLY D 155 -2.34 -2.86 -21.25
CA GLY D 155 -1.56 -1.84 -21.93
C GLY D 155 -1.42 -2.02 -23.42
N VAL D 156 -2.25 -2.86 -24.04
CA VAL D 156 -2.22 -3.10 -25.48
C VAL D 156 -3.57 -2.70 -26.04
N THR D 157 -3.56 -2.03 -27.19
CA THR D 157 -4.77 -1.68 -27.91
C THR D 157 -4.78 -2.47 -29.22
N TYR D 158 -5.62 -3.50 -29.28
CA TYR D 158 -5.75 -4.31 -30.50
C TYR D 158 -6.62 -3.58 -31.50
N VAL D 159 -6.07 -3.31 -32.68
CA VAL D 159 -6.76 -2.58 -33.74
C VAL D 159 -6.81 -3.50 -34.95
N ASN D 160 -7.96 -4.11 -35.20
CA ASN D 160 -8.16 -4.99 -36.35
C ASN D 160 -8.74 -4.17 -37.48
N LEU D 161 -7.93 -3.93 -38.52
CA LEU D 161 -8.37 -3.14 -39.66
C LEU D 161 -9.27 -3.95 -40.57
N LYS D 162 -10.46 -3.43 -40.84
CA LYS D 162 -11.45 -4.12 -41.67
C LYS D 162 -11.54 -3.53 -43.07
N GLY D 163 -10.46 -2.96 -43.56
CA GLY D 163 -10.46 -2.40 -44.92
C GLY D 163 -11.04 -1.01 -44.94
N LEU D 164 -12.04 -0.80 -45.79
CA LEU D 164 -12.65 0.51 -45.97
C LEU D 164 -14.16 0.38 -45.94
N ASN D 165 -14.82 1.40 -45.39
CA ASN D 165 -16.27 1.45 -45.38
C ASN D 165 -16.78 1.69 -46.80
N PRO D 166 -17.97 1.15 -47.13
CA PRO D 166 -18.53 1.43 -48.47
C PRO D 166 -18.67 2.90 -48.79
N GLU D 167 -19.21 3.69 -47.85
CA GLU D 167 -19.34 5.12 -48.08
C GLU D 167 -17.99 5.80 -48.21
N GLU D 168 -17.02 5.37 -47.40
CA GLU D 168 -15.68 5.93 -47.47
C GLU D 168 -14.94 5.47 -48.73
N ALA D 169 -15.23 4.25 -49.21
CA ALA D 169 -14.56 3.72 -50.39
C ALA D 169 -15.01 4.43 -51.66
N TYR D 170 -16.31 4.70 -51.79
CA TYR D 170 -16.80 5.43 -52.96
C TYR D 170 -16.22 6.83 -53.02
N SER D 171 -16.03 7.47 -51.86
CA SER D 171 -15.40 8.79 -51.85
C SER D 171 -13.98 8.72 -52.40
N LEU D 172 -13.26 7.64 -52.10
CA LEU D 172 -11.87 7.53 -52.55
C LEU D 172 -11.78 7.52 -54.07
N ALA D 173 -12.66 6.75 -54.73
CA ALA D 173 -12.68 6.72 -56.19
C ALA D 173 -13.17 8.05 -56.75
N ARG D 174 -14.12 8.70 -56.07
CA ARG D 174 -14.60 9.99 -56.53
C ARG D 174 -13.60 11.10 -56.24
N GLU D 175 -12.79 10.94 -55.19
CA GLU D 175 -11.70 11.86 -54.95
C GLU D 175 -10.52 11.64 -55.90
N LYS D 176 -10.59 10.62 -56.75
CA LYS D 176 -9.63 10.42 -57.84
C LYS D 176 -10.23 10.70 -59.20
N GLU D 177 -11.44 10.20 -59.47
CA GLU D 177 -12.17 10.50 -60.71
C GLU D 177 -13.64 10.69 -60.33
N LYS D 178 -14.02 11.95 -60.09
CA LYS D 178 -15.40 12.23 -59.70
C LYS D 178 -16.37 12.11 -60.87
N SER D 179 -15.94 12.51 -62.07
CA SER D 179 -16.83 12.50 -63.23
C SER D 179 -17.32 11.12 -63.60
N MET D 180 -16.72 10.06 -63.07
CA MET D 180 -17.20 8.71 -63.30
C MET D 180 -18.48 8.46 -62.50
N THR D 181 -19.35 7.64 -63.07
CA THR D 181 -20.67 7.43 -62.48
C THR D 181 -20.56 6.85 -61.07
N PRO D 182 -21.22 7.45 -60.08
CA PRO D 182 -21.15 6.90 -58.71
C PRO D 182 -21.82 5.54 -58.54
N GLU D 183 -22.57 5.07 -59.53
CA GLU D 183 -23.21 3.76 -59.41
C GLU D 183 -22.21 2.63 -59.61
N GLU D 184 -21.25 2.81 -60.52
CA GLU D 184 -20.27 1.76 -60.81
C GLU D 184 -19.43 1.43 -59.58
N PHE D 185 -19.15 2.44 -58.75
CA PHE D 185 -18.35 2.20 -57.55
C PHE D 185 -19.05 1.28 -56.57
N ALA D 186 -20.39 1.27 -56.58
CA ALA D 186 -21.12 0.31 -55.76
C ALA D 186 -20.81 -1.11 -56.16
N LYS D 187 -20.47 -1.34 -57.43
CA LYS D 187 -20.03 -2.65 -57.87
C LYS D 187 -18.55 -2.89 -57.57
N LEU D 188 -17.77 -1.82 -57.39
CA LEU D 188 -16.38 -1.97 -56.99
C LEU D 188 -16.28 -2.64 -55.63
N TYR D 189 -17.19 -2.32 -54.72
CA TYR D 189 -17.18 -2.94 -53.40
C TYR D 189 -17.54 -4.42 -53.45
N LYS D 190 -18.23 -4.87 -54.52
CA LYS D 190 -18.44 -6.30 -54.73
C LYS D 190 -17.17 -7.01 -55.15
N LEU D 191 -16.11 -6.27 -55.44
CA LEU D 191 -14.86 -6.85 -55.91
C LEU D 191 -13.78 -6.78 -54.84
N THR D 192 -13.49 -5.58 -54.33
CA THR D 192 -12.44 -5.40 -53.34
C THR D 192 -12.94 -5.61 -51.92
N PHE D 193 -14.22 -5.34 -51.67
CA PHE D 193 -14.81 -5.48 -50.34
C PHE D 193 -14.10 -4.60 -49.31
N GLY D 194 -13.69 -3.41 -49.74
CA GLY D 194 -13.03 -2.45 -48.88
C GLY D 194 -11.52 -2.54 -48.86
N HIS D 195 -10.92 -3.53 -49.54
CA HIS D 195 -9.48 -3.71 -49.58
C HIS D 195 -8.83 -2.49 -50.21
N PRO D 196 -8.06 -1.71 -49.44
CA PRO D 196 -7.56 -0.44 -49.99
C PRO D 196 -6.53 -0.62 -51.09
N LEU D 197 -5.63 -1.61 -50.96
CA LEU D 197 -4.63 -1.82 -52.01
C LEU D 197 -5.28 -2.32 -53.30
N MET D 198 -6.12 -3.36 -53.21
CA MET D 198 -6.80 -3.86 -54.38
C MET D 198 -7.73 -2.83 -55.00
N LEU D 199 -8.18 -1.85 -54.21
CA LEU D 199 -9.03 -0.79 -54.75
C LEU D 199 -8.24 0.14 -55.67
N ASN D 200 -7.04 0.54 -55.26
CA ASN D 200 -6.21 1.37 -56.14
C ASN D 200 -5.82 0.63 -57.41
N LEU D 201 -5.61 -0.69 -57.33
CA LEU D 201 -5.27 -1.46 -58.52
C LEU D 201 -6.38 -1.40 -59.55
N ILE D 202 -7.63 -1.45 -59.10
CA ILE D 202 -8.75 -1.42 -60.03
C ILE D 202 -9.03 0.01 -60.50
N LEU D 203 -8.79 1.00 -59.63
CA LEU D 203 -8.95 2.39 -60.05
C LEU D 203 -7.90 2.79 -61.08
N GLU D 204 -6.72 2.17 -61.03
CA GLU D 204 -5.65 2.41 -61.99
C GLU D 204 -5.67 1.42 -63.14
N SER D 205 -6.70 0.58 -63.24
CA SER D 205 -6.84 -0.38 -64.32
C SER D 205 -8.23 -0.20 -64.92
N SER D 206 -8.68 -1.20 -65.68
CA SER D 206 -9.98 -1.17 -66.33
C SER D 206 -10.54 -2.59 -66.36
N GLU D 207 -11.73 -2.71 -66.95
CA GLU D 207 -12.43 -3.99 -67.08
C GLU D 207 -12.58 -4.72 -65.75
N ASP D 214 -15.75 -9.82 -64.51
CA ASP D 214 -15.68 -10.46 -63.20
C ASP D 214 -14.67 -11.60 -63.21
N THR D 215 -13.81 -11.61 -62.20
CA THR D 215 -12.81 -12.66 -62.02
C THR D 215 -12.73 -13.01 -60.55
N VAL D 216 -12.21 -14.21 -60.26
CA VAL D 216 -12.05 -14.61 -58.86
C VAL D 216 -10.87 -13.84 -58.25
N PHE D 217 -10.85 -13.82 -56.91
CA PHE D 217 -9.90 -13.03 -56.14
C PHE D 217 -8.46 -13.26 -56.60
N ASN D 218 -8.07 -14.52 -56.79
CA ASN D 218 -6.73 -14.82 -57.27
C ASN D 218 -6.58 -14.41 -58.73
N PHE D 219 -7.57 -14.73 -59.55
CA PHE D 219 -7.56 -14.27 -60.94
C PHE D 219 -7.66 -12.75 -61.01
N LEU D 220 -8.32 -12.13 -60.03
CA LEU D 220 -8.42 -10.67 -59.99
C LEU D 220 -7.04 -10.03 -60.00
N PHE D 221 -6.12 -10.56 -59.19
CA PHE D 221 -4.76 -10.04 -59.20
C PHE D 221 -4.00 -10.51 -60.44
N GLU D 222 -4.25 -11.75 -60.89
CA GLU D 222 -3.50 -12.29 -62.02
C GLU D 222 -3.95 -11.67 -63.33
N GLU D 223 -5.25 -11.39 -63.49
CA GLU D 223 -5.72 -10.73 -64.70
C GLU D 223 -5.40 -9.23 -64.70
N VAL D 224 -5.06 -8.65 -63.55
CA VAL D 224 -4.50 -7.30 -63.55
C VAL D 224 -3.02 -7.34 -63.90
N TYR D 225 -2.32 -8.42 -63.53
CA TYR D 225 -0.91 -8.58 -63.87
C TYR D 225 -0.71 -8.65 -65.38
N GLN D 226 -1.71 -9.09 -66.13
CA GLN D 226 -1.59 -9.16 -67.58
C GLN D 226 -1.84 -7.82 -68.26
N MET D 227 -2.49 -6.88 -67.58
CA MET D 227 -2.67 -5.54 -68.14
C MET D 227 -1.35 -4.80 -68.26
N LEU D 228 -0.32 -5.25 -67.57
CA LEU D 228 0.97 -4.59 -67.55
C LEU D 228 1.67 -4.73 -68.91
N ASN D 229 2.75 -3.96 -69.06
CA ASN D 229 3.54 -3.98 -70.29
C ASN D 229 4.65 -5.03 -70.14
N GLU D 230 5.56 -5.08 -71.11
CA GLU D 230 6.65 -6.05 -71.06
C GLU D 230 7.59 -5.76 -69.90
N GLU D 231 8.17 -4.56 -69.86
CA GLU D 231 9.09 -4.19 -68.80
C GLU D 231 8.41 -4.14 -67.44
N GLU D 232 7.10 -3.94 -67.39
CA GLU D 232 6.38 -3.91 -66.12
C GLU D 232 6.32 -5.29 -65.49
N LYS D 233 6.03 -6.33 -66.28
CA LYS D 233 5.97 -7.68 -65.74
C LYS D 233 7.34 -8.17 -65.31
N ASP D 234 8.38 -7.86 -66.08
CA ASP D 234 9.73 -8.28 -65.72
C ASP D 234 10.19 -7.58 -64.45
N LEU D 235 9.93 -6.28 -64.34
CA LEU D 235 10.36 -5.53 -63.16
C LEU D 235 9.69 -6.07 -61.90
N LEU D 236 8.40 -6.40 -61.99
CA LEU D 236 7.71 -7.01 -60.86
C LEU D 236 8.32 -8.37 -60.53
N SER D 237 8.47 -9.23 -61.53
CA SER D 237 8.98 -10.58 -61.32
C SER D 237 10.44 -10.61 -60.88
N ILE D 238 11.11 -9.47 -60.84
CA ILE D 238 12.47 -9.36 -60.34
C ILE D 238 12.52 -8.69 -58.98
N LEU D 239 11.78 -7.59 -58.81
CA LEU D 239 11.75 -6.92 -57.51
C LEU D 239 11.07 -7.79 -56.44
N SER D 240 10.24 -8.74 -56.85
CA SER D 240 9.67 -9.69 -55.90
C SER D 240 10.71 -10.68 -55.39
N LEU D 241 11.86 -10.76 -56.03
CA LEU D 241 12.94 -11.61 -55.55
C LEU D 241 13.74 -10.96 -54.43
N PHE D 242 13.38 -9.75 -54.03
CA PHE D 242 14.09 -9.02 -52.99
C PHE D 242 13.12 -8.73 -51.86
N ASP D 243 13.48 -9.17 -50.65
CA ASP D 243 12.66 -8.95 -49.46
C ASP D 243 12.99 -7.63 -48.76
N GLU D 244 13.77 -6.77 -49.40
CA GLU D 244 14.23 -5.53 -48.81
C GLU D 244 14.10 -4.40 -49.83
N PRO D 245 13.93 -3.16 -49.35
CA PRO D 245 13.83 -2.02 -50.28
C PRO D 245 15.16 -1.74 -50.96
N ILE D 246 15.08 -1.16 -52.16
CA ILE D 246 16.23 -0.96 -53.03
C ILE D 246 16.31 0.52 -53.45
N GLU D 247 17.53 1.02 -53.60
CA GLU D 247 17.76 2.36 -54.14
C GLU D 247 17.37 2.40 -55.62
N TYR D 248 17.45 3.59 -56.21
CA TYR D 248 17.18 3.73 -57.63
C TYR D 248 18.37 3.27 -58.46
N GLU D 249 19.57 3.74 -58.11
CA GLU D 249 20.78 3.27 -58.80
C GLU D 249 20.98 1.78 -58.60
N GLY D 250 20.55 1.25 -57.45
CA GLY D 250 20.56 -0.19 -57.27
C GLY D 250 19.62 -0.91 -58.21
N ILE D 251 18.48 -0.28 -58.52
CA ILE D 251 17.54 -0.86 -59.48
C ILE D 251 18.07 -0.71 -60.90
N LYS D 252 18.59 0.47 -61.23
CA LYS D 252 19.10 0.69 -62.58
C LYS D 252 20.29 -0.19 -62.87
N PHE D 253 21.18 -0.38 -61.89
CA PHE D 253 22.28 -1.33 -62.05
C PHE D 253 21.79 -2.77 -61.99
N LEU D 254 20.60 -3.00 -61.44
CA LEU D 254 20.07 -4.36 -61.35
C LEU D 254 19.62 -4.89 -62.70
N TYR D 255 19.27 -3.98 -63.64
CA TYR D 255 18.71 -4.39 -64.91
C TYR D 255 19.62 -4.15 -66.11
N ASP D 256 20.66 -3.34 -65.96
CA ASP D 256 21.49 -2.90 -67.08
C ASP D 256 20.63 -2.28 -68.20
N ARG D 257 19.64 -1.50 -67.79
CA ARG D 257 18.66 -0.92 -68.70
C ARG D 257 17.88 0.12 -67.93
N ASN D 258 17.40 1.14 -68.65
CA ASN D 258 16.72 2.27 -68.02
C ASN D 258 15.41 1.82 -67.39
N PRO D 259 15.23 1.95 -66.08
CA PRO D 259 14.02 1.42 -65.44
C PRO D 259 13.02 2.49 -65.06
N PHE D 260 13.14 3.67 -65.67
CA PHE D 260 12.34 4.81 -65.23
C PHE D 260 10.87 4.65 -65.59
N VAL D 261 10.57 4.39 -66.86
CA VAL D 261 9.20 4.38 -67.36
C VAL D 261 8.33 3.30 -66.71
N PRO D 262 8.85 2.11 -66.36
CA PRO D 262 8.00 1.17 -65.59
C PRO D 262 7.92 1.46 -64.12
N LEU D 263 8.89 2.21 -63.55
CA LEU D 263 8.92 2.43 -62.12
C LEU D 263 7.74 3.28 -61.65
N TYR D 264 7.61 4.49 -62.20
CA TYR D 264 6.54 5.38 -61.76
C TYR D 264 5.18 4.90 -62.21
N SER D 265 5.11 4.18 -63.33
CA SER D 265 3.83 3.66 -63.80
C SER D 265 3.23 2.68 -62.81
N LEU D 266 4.01 1.67 -62.41
CA LEU D 266 3.54 0.73 -61.39
C LEU D 266 3.35 1.41 -60.04
N MET D 267 4.04 2.53 -59.80
CA MET D 267 3.87 3.24 -58.55
C MET D 267 2.52 3.94 -58.47
N LYS D 268 2.08 4.54 -59.58
CA LYS D 268 0.75 5.13 -59.62
C LYS D 268 -0.33 4.09 -59.35
N LYS D 269 -0.10 2.86 -59.79
CA LYS D 269 -1.06 1.77 -59.62
C LYS D 269 -0.97 1.10 -58.27
N GLY D 270 -0.07 1.56 -57.39
CA GLY D 270 0.07 0.97 -56.08
C GLY D 270 0.82 -0.34 -56.03
N LEU D 271 1.36 -0.80 -57.16
CA LEU D 271 2.06 -2.07 -57.18
C LEU D 271 3.44 -1.98 -56.55
N ILE D 272 4.05 -0.80 -56.59
CA ILE D 272 5.35 -0.57 -55.97
C ILE D 272 5.19 0.51 -54.91
N GLU D 273 5.83 0.31 -53.77
CA GLU D 273 5.80 1.26 -52.66
C GLU D 273 7.21 1.74 -52.36
N LYS D 274 7.34 3.04 -52.12
CA LYS D 274 8.61 3.66 -51.81
C LYS D 274 8.61 4.14 -50.37
N LYS D 275 9.65 3.76 -49.62
CA LYS D 275 9.83 4.27 -48.26
C LYS D 275 10.79 5.45 -48.32
N GLY D 276 10.30 6.55 -48.88
CA GLY D 276 11.11 7.73 -49.05
C GLY D 276 12.05 7.65 -50.23
N GLU D 277 13.25 7.12 -49.99
CA GLU D 277 14.29 7.02 -51.01
C GLU D 277 14.27 5.70 -51.75
N LYS D 278 13.99 4.60 -51.05
CA LYS D 278 14.08 3.26 -51.59
C LYS D 278 12.76 2.83 -52.23
N TYR D 279 12.81 1.72 -52.95
CA TYR D 279 11.64 1.14 -53.61
C TYR D 279 11.65 -0.37 -53.40
N PHE D 280 10.46 -0.96 -53.25
CA PHE D 280 10.31 -2.41 -53.26
C PHE D 280 8.83 -2.75 -53.39
N VAL D 281 8.55 -3.94 -53.95
CA VAL D 281 7.17 -4.34 -54.19
C VAL D 281 6.49 -4.75 -52.88
N HIS D 282 5.17 -4.68 -52.88
CA HIS D 282 4.40 -5.09 -51.72
C HIS D 282 4.50 -6.59 -51.51
N ASP D 283 4.32 -7.01 -50.24
CA ASP D 283 4.47 -8.42 -49.91
C ASP D 283 3.39 -9.28 -50.57
N MET D 284 2.19 -8.73 -50.78
CA MET D 284 1.15 -9.51 -51.45
C MET D 284 1.42 -9.64 -52.93
N VAL D 285 2.02 -8.62 -53.55
CA VAL D 285 2.43 -8.76 -54.94
C VAL D 285 3.54 -9.79 -55.06
N ARG D 286 4.41 -9.88 -54.04
CA ARG D 286 5.52 -10.81 -54.07
C ARG D 286 5.05 -12.26 -54.01
N GLU D 287 3.95 -12.54 -53.32
CA GLU D 287 3.46 -13.90 -53.20
C GLU D 287 2.79 -14.42 -54.47
N PHE D 288 2.58 -13.56 -55.46
CA PHE D 288 1.89 -13.94 -56.68
C PHE D 288 2.77 -13.91 -57.93
N VAL D 289 3.87 -13.14 -57.91
CA VAL D 289 4.75 -13.03 -59.07
C VAL D 289 6.13 -13.60 -58.81
N ARG D 290 6.36 -14.20 -57.64
CA ARG D 290 7.64 -14.83 -57.34
C ARG D 290 7.86 -16.13 -58.11
N GLU D 291 6.86 -16.60 -58.84
CA GLU D 291 6.94 -17.86 -59.58
C GLU D 291 6.99 -17.65 -61.09
N VAL D 292 6.89 -16.41 -61.56
CA VAL D 292 6.85 -16.18 -63.02
C VAL D 292 8.24 -16.37 -63.65
N SER D 293 9.30 -16.11 -62.90
CA SER D 293 10.66 -16.27 -63.44
C SER D 293 11.61 -16.52 -62.29
N ASN D 294 12.09 -17.77 -62.18
CA ASN D 294 13.05 -18.16 -61.15
C ASN D 294 14.35 -18.71 -61.75
N GLN D 295 14.60 -18.46 -63.03
CA GLN D 295 15.78 -19.00 -63.69
C GLN D 295 16.99 -18.09 -63.56
N GLU D 296 16.80 -16.78 -63.68
CA GLU D 296 17.88 -15.81 -63.66
C GLU D 296 18.12 -15.23 -62.28
N GLU D 297 17.76 -15.96 -61.22
CA GLU D 297 18.03 -15.49 -59.87
C GLU D 297 19.52 -15.37 -59.63
N LYS D 298 20.30 -16.31 -60.17
CA LYS D 298 21.73 -16.32 -59.95
C LYS D 298 22.38 -15.08 -60.55
N GLU D 299 22.01 -14.73 -61.79
CA GLU D 299 22.60 -13.57 -62.45
C GLU D 299 22.17 -12.26 -61.78
N VAL D 300 20.88 -12.14 -61.47
CA VAL D 300 20.36 -10.90 -60.90
C VAL D 300 20.94 -10.65 -59.52
N TYR D 301 20.94 -11.67 -58.67
CA TYR D 301 21.52 -11.53 -57.34
C TYR D 301 23.01 -11.21 -57.43
N LEU D 302 23.70 -11.78 -58.43
CA LEU D 302 25.13 -11.55 -58.58
C LEU D 302 25.44 -10.08 -58.83
N ARG D 303 24.64 -9.42 -59.66
CA ARG D 303 24.84 -8.00 -59.90
C ARG D 303 24.58 -7.20 -58.63
N HIS D 304 23.52 -7.54 -57.89
CA HIS D 304 23.16 -6.78 -56.70
C HIS D 304 24.16 -6.98 -55.57
N VAL D 305 24.79 -8.16 -55.48
CA VAL D 305 25.84 -8.37 -54.49
C VAL D 305 27.00 -7.41 -54.71
N ASN D 306 27.41 -7.25 -55.97
CA ASN D 306 28.49 -6.33 -56.29
C ASN D 306 28.10 -4.89 -56.02
N PHE D 307 26.82 -4.55 -56.15
CA PHE D 307 26.35 -3.21 -55.85
C PHE D 307 26.46 -2.91 -54.36
N LEU D 308 25.96 -3.82 -53.53
CA LEU D 308 26.08 -3.62 -52.09
C LEU D 308 27.53 -3.66 -51.64
N LEU D 309 28.38 -4.40 -52.36
CA LEU D 309 29.80 -4.38 -52.07
C LEU D 309 30.39 -2.98 -52.28
N LYS D 310 29.84 -2.23 -53.22
CA LYS D 310 30.27 -0.85 -53.42
C LYS D 310 29.64 0.11 -52.41
N SER D 311 28.57 -0.32 -51.74
CA SER D 311 28.01 0.50 -50.66
C SER D 311 28.94 0.50 -49.45
N LYS D 312 29.38 -0.68 -49.03
CA LYS D 312 30.42 -0.84 -48.00
C LYS D 312 29.99 -0.26 -46.66
N THR D 313 28.88 -0.77 -46.14
CA THR D 313 28.38 -0.43 -44.82
C THR D 313 27.92 -1.72 -44.14
N PRO D 314 28.09 -1.82 -42.81
CA PRO D 314 27.83 -3.11 -42.13
C PRO D 314 26.47 -3.72 -42.41
N ILE D 315 25.43 -2.91 -42.64
CA ILE D 315 24.13 -3.48 -42.98
C ILE D 315 24.13 -3.98 -44.41
N ASN D 316 24.70 -3.21 -45.35
CA ASN D 316 24.86 -3.68 -46.72
C ASN D 316 25.79 -4.87 -46.79
N PHE D 317 26.74 -4.96 -45.85
CA PHE D 317 27.61 -6.13 -45.75
C PHE D 317 26.78 -7.41 -45.62
N LEU D 318 25.85 -7.43 -44.66
CA LEU D 318 25.09 -8.65 -44.40
C LEU D 318 24.06 -8.91 -45.48
N ARG D 319 23.39 -7.86 -45.97
CA ARG D 319 22.40 -8.03 -47.02
C ARG D 319 23.01 -8.66 -48.26
N ALA D 320 24.23 -8.24 -48.61
CA ALA D 320 24.91 -8.82 -49.76
C ALA D 320 25.23 -10.30 -49.54
N PHE D 321 25.37 -10.72 -48.28
CA PHE D 321 25.66 -12.11 -47.98
C PHE D 321 24.42 -12.99 -48.14
N LYS D 322 23.24 -12.47 -47.78
CA LYS D 322 22.03 -13.27 -47.89
C LYS D 322 21.77 -13.66 -49.34
N TYR D 323 22.00 -12.73 -50.26
CA TYR D 323 21.83 -13.00 -51.68
C TYR D 323 23.02 -13.72 -52.29
N ALA D 324 24.19 -13.65 -51.64
CA ALA D 324 25.32 -14.49 -52.04
C ALA D 324 25.11 -15.96 -51.70
N ILE D 325 24.13 -16.27 -50.85
CA ILE D 325 23.77 -17.66 -50.61
C ILE D 325 22.85 -18.18 -51.70
N LYS D 326 21.97 -17.32 -52.20
CA LYS D 326 20.98 -17.71 -53.20
C LYS D 326 21.60 -17.97 -54.58
N VAL D 327 22.84 -17.55 -54.81
CA VAL D 327 23.50 -17.85 -56.08
C VAL D 327 24.19 -19.21 -56.05
N GLY D 328 24.50 -19.74 -54.87
CA GLY D 328 25.09 -21.07 -54.79
C GLY D 328 26.52 -21.16 -55.24
N SER D 329 27.31 -20.10 -55.03
CA SER D 329 28.72 -20.08 -55.44
C SER D 329 29.58 -19.99 -54.18
N SER D 330 30.31 -21.07 -53.88
CA SER D 330 31.27 -21.03 -52.79
C SER D 330 32.46 -20.13 -53.12
N GLU D 331 32.65 -19.80 -54.40
CA GLU D 331 33.67 -18.82 -54.76
C GLU D 331 33.26 -17.42 -54.34
N LEU D 332 31.97 -17.11 -54.44
CA LEU D 332 31.49 -15.81 -53.98
C LEU D 332 31.59 -15.70 -52.46
N ILE D 333 31.27 -16.79 -51.75
CA ILE D 333 31.41 -16.77 -50.30
C ILE D 333 32.87 -16.73 -49.91
N ARG D 334 33.76 -17.21 -50.78
CA ARG D 334 35.20 -17.12 -50.53
C ARG D 334 35.64 -15.66 -50.44
N ASN D 335 35.42 -14.90 -51.53
CA ASN D 335 35.83 -13.50 -51.55
C ASN D 335 35.06 -12.68 -50.53
N LEU D 336 33.83 -13.09 -50.21
CA LEU D 336 33.03 -12.35 -49.25
C LEU D 336 33.61 -12.48 -47.85
N VAL D 337 33.96 -13.70 -47.43
CA VAL D 337 34.52 -13.89 -46.10
C VAL D 337 35.88 -13.20 -45.98
N GLU D 338 36.57 -12.96 -47.09
CA GLU D 338 37.77 -12.13 -47.04
C GLU D 338 37.42 -10.69 -46.68
N LEU D 339 36.37 -10.14 -47.32
CA LEU D 339 35.91 -8.80 -46.98
C LEU D 339 35.31 -8.73 -45.58
N ARG D 340 34.89 -9.87 -45.02
CA ARG D 340 34.43 -9.87 -43.64
C ARG D 340 35.59 -9.64 -42.67
N VAL D 341 36.79 -10.07 -43.05
CA VAL D 341 37.97 -9.76 -42.25
C VAL D 341 38.44 -8.33 -42.48
N LYS D 342 38.00 -7.68 -43.55
CA LYS D 342 38.42 -6.31 -43.83
C LYS D 342 37.68 -5.29 -42.95
N GLU D 343 36.35 -5.34 -42.97
CA GLU D 343 35.58 -4.32 -42.26
C GLU D 343 34.54 -4.93 -41.33
N PHE D 344 33.97 -6.08 -41.69
CA PHE D 344 33.09 -6.77 -40.75
C PHE D 344 33.86 -7.30 -39.55
N TYR D 345 35.20 -7.30 -39.63
CA TYR D 345 36.03 -7.77 -38.54
C TYR D 345 35.70 -7.08 -37.22
N ARG D 346 35.28 -5.81 -37.28
CA ARG D 346 35.03 -5.04 -36.06
C ARG D 346 33.66 -5.30 -35.46
N ILE D 347 32.70 -5.83 -36.22
CA ILE D 347 31.33 -5.92 -35.71
C ILE D 347 30.77 -7.34 -35.84
N ILE D 348 31.64 -8.34 -36.00
CA ILE D 348 31.15 -9.71 -35.92
C ILE D 348 30.78 -10.05 -34.48
N VAL D 349 31.43 -9.40 -33.51
CA VAL D 349 31.05 -9.55 -32.10
C VAL D 349 29.78 -8.78 -31.77
N ASP D 350 29.39 -7.84 -32.63
CA ASP D 350 28.17 -7.07 -32.36
C ASP D 350 26.93 -7.85 -32.75
N PHE D 351 26.92 -8.49 -33.93
CA PHE D 351 25.76 -9.18 -34.45
C PHE D 351 26.09 -10.64 -34.73
N PRO D 352 26.28 -11.45 -33.68
CA PRO D 352 26.65 -12.86 -33.90
C PRO D 352 25.47 -13.70 -34.38
N ARG D 353 24.31 -13.57 -33.73
CA ARG D 353 23.17 -14.41 -34.07
C ARG D 353 22.66 -14.10 -35.48
N MET D 354 22.70 -12.84 -35.88
CA MET D 354 22.40 -12.48 -37.26
C MET D 354 23.37 -13.15 -38.22
N TYR D 355 24.67 -12.91 -38.01
CA TYR D 355 25.69 -13.51 -38.84
C TYR D 355 25.67 -15.03 -38.73
N GLN D 356 25.27 -15.57 -37.57
CA GLN D 356 25.20 -17.02 -37.40
C GLN D 356 24.16 -17.63 -38.34
N ARG D 357 22.98 -17.01 -38.45
CA ARG D 357 21.94 -17.58 -39.29
C ARG D 357 22.31 -17.53 -40.77
N LEU D 358 23.04 -16.52 -41.20
CA LEU D 358 23.49 -16.48 -42.60
C LEU D 358 24.56 -17.54 -42.85
N LEU D 359 25.45 -17.75 -41.87
CA LEU D 359 26.49 -18.76 -42.02
C LEU D 359 25.91 -20.16 -41.93
N MET D 360 25.08 -20.42 -40.92
CA MET D 360 24.43 -21.71 -40.79
C MET D 360 23.54 -22.03 -41.97
N GLU D 361 23.14 -21.00 -42.74
CA GLU D 361 22.47 -21.24 -44.01
C GLU D 361 23.35 -22.02 -44.96
N VAL D 362 24.67 -21.88 -44.84
CA VAL D 362 25.62 -22.66 -45.61
C VAL D 362 26.57 -23.35 -44.64
N GLU D 363 26.02 -24.22 -43.78
CA GLU D 363 26.84 -24.95 -42.82
C GLU D 363 27.90 -25.80 -43.52
N ASP D 364 27.60 -26.32 -44.70
CA ASP D 364 28.54 -27.16 -45.44
C ASP D 364 29.72 -26.38 -45.99
N ASN D 365 29.58 -25.07 -46.15
CA ASN D 365 30.66 -24.26 -46.71
C ASN D 365 31.86 -24.28 -45.77
N PRO D 366 33.07 -24.54 -46.27
CA PRO D 366 34.24 -24.56 -45.38
C PRO D 366 34.56 -23.20 -44.79
N TYR D 367 34.49 -22.14 -45.59
CA TYR D 367 34.73 -20.80 -45.08
C TYR D 367 33.67 -20.38 -44.08
N ALA D 368 32.43 -20.86 -44.26
CA ALA D 368 31.40 -20.64 -43.25
C ALA D 368 31.73 -21.39 -41.97
N LYS D 369 32.26 -22.60 -42.09
CA LYS D 369 32.70 -23.35 -40.91
C LYS D 369 33.75 -22.59 -40.12
N ILE D 370 34.52 -21.72 -40.79
CA ILE D 370 35.53 -20.92 -40.11
C ILE D 370 34.86 -19.87 -39.24
N GLU D 371 34.01 -19.04 -39.86
CA GLU D 371 33.35 -17.98 -39.12
C GLU D 371 32.40 -18.54 -38.08
N ILE D 372 31.79 -19.70 -38.35
CA ILE D 372 30.98 -20.36 -37.34
C ILE D 372 31.86 -20.80 -36.17
N ALA D 373 33.05 -21.33 -36.47
CA ALA D 373 34.00 -21.67 -35.41
C ALA D 373 34.46 -20.43 -34.67
N ILE D 374 34.58 -19.31 -35.37
CA ILE D 374 34.94 -18.06 -34.69
C ILE D 374 33.80 -17.57 -33.81
N ILE D 375 32.55 -17.75 -34.26
CA ILE D 375 31.39 -17.35 -33.45
C ILE D 375 31.34 -18.16 -32.17
N GLU D 376 31.48 -19.48 -32.28
CA GLU D 376 31.47 -20.36 -31.11
C GLU D 376 32.70 -20.17 -30.22
N VAL D 377 33.72 -19.45 -30.69
CA VAL D 377 34.81 -19.06 -29.81
C VAL D 377 34.35 -18.01 -28.81
N GLN D 378 33.57 -17.02 -29.28
CA GLN D 378 33.11 -15.97 -28.38
C GLN D 378 32.08 -16.49 -27.38
N ARG D 379 31.34 -17.55 -27.75
CA ARG D 379 30.29 -18.11 -26.91
C ARG D 379 30.82 -19.06 -25.84
N GLY D 380 32.12 -19.35 -25.83
CA GLY D 380 32.74 -20.14 -24.80
C GLY D 380 32.93 -21.61 -25.14
N LEU D 381 32.25 -22.11 -26.17
CA LEU D 381 32.37 -23.51 -26.58
C LEU D 381 33.60 -23.65 -27.46
N PHE D 382 34.75 -23.80 -26.80
CA PHE D 382 36.03 -23.92 -27.49
C PHE D 382 36.20 -25.27 -28.16
N GLU D 383 35.49 -26.30 -27.69
CA GLU D 383 35.60 -27.63 -28.30
C GLU D 383 35.01 -27.65 -29.70
N LYS D 384 33.80 -27.12 -29.86
CA LYS D 384 33.16 -27.08 -31.17
C LYS D 384 33.99 -26.26 -32.15
N ALA D 385 34.63 -25.19 -31.67
CA ALA D 385 35.43 -24.33 -32.54
C ALA D 385 36.59 -25.11 -33.15
N ILE D 386 37.39 -25.76 -32.30
CA ILE D 386 38.53 -26.54 -32.79
C ILE D 386 38.06 -27.66 -33.71
N LYS D 387 36.93 -28.29 -33.36
CA LYS D 387 36.40 -29.37 -34.20
C LYS D 387 36.06 -28.86 -35.60
N LEU D 388 35.35 -27.74 -35.68
CA LEU D 388 35.04 -27.15 -36.97
C LEU D 388 36.28 -26.62 -37.67
N LEU D 389 37.28 -26.17 -36.90
CA LEU D 389 38.53 -25.70 -37.49
C LEU D 389 39.35 -26.83 -38.09
N LYS D 390 39.10 -28.08 -37.70
CA LYS D 390 39.78 -29.21 -38.29
C LYS D 390 39.06 -29.73 -39.53
N GLU D 391 37.73 -29.61 -39.57
CA GLU D 391 36.97 -30.09 -40.71
C GLU D 391 37.23 -29.24 -41.95
N ALA D 392 37.20 -27.91 -41.78
CA ALA D 392 37.45 -26.98 -42.87
C ALA D 392 38.93 -26.63 -43.02
N GLU D 393 39.82 -27.48 -42.51
CA GLU D 393 41.24 -27.17 -42.62
C GLU D 393 41.78 -27.38 -44.03
N PRO D 394 41.54 -28.50 -44.71
CA PRO D 394 42.23 -28.72 -45.99
C PRO D 394 41.71 -27.86 -47.14
N TYR D 395 40.40 -27.61 -47.19
CA TYR D 395 39.84 -26.95 -48.37
C TYR D 395 40.30 -25.50 -48.50
N VAL D 396 40.62 -24.84 -47.39
CA VAL D 396 40.89 -23.41 -47.45
C VAL D 396 42.21 -23.16 -48.16
N ASP D 397 42.36 -21.93 -48.64
CA ASP D 397 43.57 -21.49 -49.33
C ASP D 397 44.67 -21.19 -48.31
N GLU D 398 45.82 -20.73 -48.82
CA GLU D 398 46.95 -20.45 -47.95
C GLU D 398 46.68 -19.25 -47.03
N PHE D 399 45.84 -18.31 -47.45
CA PHE D 399 45.50 -17.19 -46.58
C PHE D 399 44.65 -17.65 -45.41
N PHE D 400 43.57 -18.38 -45.67
CA PHE D 400 42.71 -18.86 -44.60
C PHE D 400 43.41 -19.93 -43.76
N LYS D 401 44.31 -20.70 -44.38
CA LYS D 401 45.05 -21.71 -43.63
C LYS D 401 45.88 -21.08 -42.53
N CYS D 402 46.44 -19.89 -42.77
CA CYS D 402 47.19 -19.19 -41.75
C CYS D 402 46.27 -18.72 -40.63
N GLU D 403 45.13 -18.15 -40.99
CA GLU D 403 44.20 -17.64 -39.99
C GLU D 403 43.54 -18.76 -39.20
N ILE D 404 43.44 -19.96 -39.78
CA ILE D 404 42.92 -21.10 -39.03
C ILE D 404 43.85 -21.42 -37.86
N TYR D 405 45.15 -21.59 -38.16
CA TYR D 405 46.10 -21.95 -37.11
C TYR D 405 46.30 -20.82 -36.11
N SER D 406 46.07 -19.57 -36.53
CA SER D 406 46.13 -18.47 -35.58
C SER D 406 44.97 -18.53 -34.60
N TRP D 407 43.75 -18.79 -35.11
CA TRP D 407 42.61 -18.94 -34.22
C TRP D 407 42.69 -20.25 -33.43
N LEU D 408 43.26 -21.30 -34.02
CA LEU D 408 43.51 -22.51 -33.25
C LEU D 408 44.49 -22.25 -32.12
N ALA D 409 45.46 -21.37 -32.36
CA ALA D 409 46.36 -20.95 -31.28
C ALA D 409 45.61 -20.17 -30.21
N ASP D 410 44.68 -19.31 -30.61
CA ASP D 410 43.85 -18.61 -29.63
C ASP D 410 42.96 -19.58 -28.87
N ALA D 411 42.52 -20.66 -29.52
CA ALA D 411 41.64 -21.63 -28.86
C ALA D 411 42.38 -22.35 -27.73
N TYR D 412 43.59 -22.84 -28.01
CA TYR D 412 44.37 -23.52 -26.99
C TYR D 412 44.88 -22.58 -25.91
N MET D 413 44.84 -21.27 -26.14
CA MET D 413 45.29 -20.32 -25.12
C MET D 413 44.34 -20.34 -23.92
N GLU D 414 43.04 -20.29 -24.18
CA GLU D 414 42.05 -20.35 -23.10
C GLU D 414 41.90 -21.75 -22.52
N LEU D 415 42.67 -22.71 -23.02
CA LEU D 415 42.71 -24.06 -22.47
C LEU D 415 44.02 -24.34 -21.73
N GLU D 416 44.80 -23.31 -21.45
CA GLU D 416 46.10 -23.43 -20.78
C GLU D 416 46.99 -24.44 -21.50
N ASN D 417 47.05 -24.31 -22.83
CA ASN D 417 47.79 -25.23 -23.69
C ASN D 417 48.75 -24.41 -24.56
N LEU D 418 49.80 -23.87 -23.93
CA LEU D 418 50.74 -23.02 -24.66
C LEU D 418 51.65 -23.82 -25.57
N GLU D 419 51.89 -25.09 -25.26
CA GLU D 419 52.80 -25.90 -26.07
C GLU D 419 52.18 -26.25 -27.41
N LYS D 420 50.92 -26.71 -27.41
CA LYS D 420 50.25 -26.99 -28.68
C LYS D 420 49.88 -25.71 -29.41
N ALA D 421 49.64 -24.63 -28.67
CA ALA D 421 49.41 -23.34 -29.32
C ALA D 421 50.69 -22.81 -29.95
N GLU D 422 51.85 -23.15 -29.39
CA GLU D 422 53.11 -22.71 -29.97
C GLU D 422 53.37 -23.39 -31.30
N ARG D 423 53.08 -24.69 -31.40
CA ARG D 423 53.29 -25.40 -32.65
C ARG D 423 52.28 -25.03 -33.72
N TYR D 424 51.10 -24.52 -33.33
CA TYR D 424 50.12 -24.07 -34.32
C TYR D 424 50.42 -22.66 -34.80
N LEU D 425 50.96 -21.80 -33.93
CA LEU D 425 51.51 -20.54 -34.41
C LEU D 425 52.87 -20.73 -35.08
N LYS D 426 53.51 -21.89 -34.88
CA LYS D 426 54.74 -22.20 -35.59
C LYS D 426 54.47 -22.48 -37.07
N LYS D 427 53.30 -23.03 -37.39
CA LYS D 427 52.94 -23.29 -38.77
C LYS D 427 52.69 -22.01 -39.56
N THR D 428 52.34 -20.92 -38.88
CA THR D 428 52.09 -19.64 -39.54
C THR D 428 53.30 -18.75 -39.60
N LYS D 429 54.42 -19.14 -38.96
CA LYS D 429 55.64 -18.36 -39.05
C LYS D 429 56.16 -18.26 -40.47
N GLU D 430 55.76 -19.19 -41.34
CA GLU D 430 56.24 -19.24 -42.71
C GLU D 430 55.21 -18.77 -43.73
N ILE D 431 53.95 -18.62 -43.34
CA ILE D 431 52.90 -18.25 -44.28
C ILE D 431 52.82 -16.74 -44.45
N VAL D 432 52.84 -15.99 -43.34
CA VAL D 432 52.76 -14.54 -43.43
C VAL D 432 54.00 -13.98 -44.10
N GLU D 433 55.14 -14.66 -44.00
CA GLU D 433 56.36 -14.20 -44.62
C GLU D 433 56.44 -14.58 -46.09
N LYS D 434 55.76 -15.66 -46.49
CA LYS D 434 55.81 -16.12 -47.88
C LYS D 434 54.76 -15.46 -48.76
N ILE D 435 53.56 -15.21 -48.22
CA ILE D 435 52.53 -14.51 -48.99
C ILE D 435 52.58 -13.00 -48.76
N ASN D 436 53.17 -12.54 -47.65
CA ASN D 436 53.30 -11.13 -47.34
C ASN D 436 51.93 -10.44 -47.33
N ASP D 437 50.92 -11.13 -46.83
CA ASP D 437 49.60 -10.53 -46.71
C ASP D 437 49.54 -9.61 -45.49
N MET D 438 48.82 -8.51 -45.64
CA MET D 438 48.72 -7.54 -44.55
C MET D 438 47.82 -8.05 -43.43
N TYR D 439 46.61 -8.52 -43.78
CA TYR D 439 45.69 -9.02 -42.77
C TYR D 439 46.22 -10.27 -42.09
N ALA D 440 46.86 -11.16 -42.86
CA ALA D 440 47.44 -12.36 -42.27
C ALA D 440 48.60 -12.00 -41.35
N TRP D 441 49.44 -11.03 -41.75
CA TRP D 441 50.51 -10.57 -40.88
C TRP D 441 49.96 -9.88 -39.64
N PHE D 442 48.79 -9.27 -39.76
CA PHE D 442 48.14 -8.63 -38.62
C PHE D 442 47.72 -9.66 -37.58
N SER D 443 46.90 -10.64 -37.99
CA SER D 443 46.45 -11.68 -37.07
C SER D 443 47.57 -12.55 -36.56
N TYR D 444 48.72 -12.57 -37.26
CA TYR D 444 49.85 -13.39 -36.84
C TYR D 444 50.47 -12.86 -35.55
N TYR D 445 50.88 -11.59 -35.55
CA TYR D 445 51.45 -10.98 -34.35
C TYR D 445 50.40 -10.67 -33.29
N ALA D 446 49.11 -10.69 -33.64
CA ALA D 446 48.07 -10.46 -32.64
C ALA D 446 47.98 -11.62 -31.67
N GLU D 447 47.83 -12.84 -32.20
CA GLU D 447 47.83 -14.02 -31.34
C GLU D 447 49.21 -14.33 -30.77
N LYS D 448 50.27 -13.82 -31.40
CA LYS D 448 51.61 -14.04 -30.87
C LYS D 448 51.87 -13.27 -29.59
N THR D 449 51.38 -12.02 -29.51
CA THR D 449 51.47 -11.25 -28.28
C THR D 449 50.69 -11.94 -27.16
N LYS D 450 49.50 -12.44 -27.47
CA LYS D 450 48.70 -13.14 -26.47
C LYS D 450 49.38 -14.43 -26.01
N TYR D 451 50.17 -15.05 -26.88
CA TYR D 451 50.88 -16.27 -26.51
C TYR D 451 51.94 -15.99 -25.44
N GLU D 452 52.68 -14.88 -25.57
CA GLU D 452 53.70 -14.56 -24.59
C GLU D 452 53.11 -13.95 -23.33
N TYR D 453 52.08 -13.11 -23.47
CA TYR D 453 51.49 -12.47 -22.28
C TYR D 453 50.84 -13.50 -21.36
N TYR D 454 50.26 -14.56 -21.92
CA TYR D 454 49.69 -15.61 -21.08
C TYR D 454 50.78 -16.30 -20.27
N LYS D 455 51.99 -16.40 -20.81
CA LYS D 455 53.14 -16.89 -20.09
C LYS D 455 53.65 -15.81 -19.13
N GLU D 456 54.39 -16.26 -18.10
CA GLU D 456 55.01 -15.32 -17.18
C GLU D 456 55.91 -14.32 -17.89
N ASN D 457 56.50 -14.72 -19.03
CA ASN D 457 57.34 -13.82 -19.79
C ASN D 457 56.55 -12.62 -20.29
N SER D 458 57.06 -11.42 -19.99
CA SER D 458 56.45 -10.17 -20.44
C SER D 458 57.40 -9.38 -21.33
N ARG D 459 58.43 -10.03 -21.88
CA ARG D 459 59.43 -9.36 -22.71
C ARG D 459 59.15 -9.48 -24.19
N GLU D 460 58.94 -10.70 -24.69
CA GLU D 460 58.73 -10.89 -26.13
C GLU D 460 57.44 -10.22 -26.61
N ALA D 461 56.46 -10.06 -25.72
CA ALA D 461 55.22 -9.40 -26.09
C ALA D 461 55.42 -7.93 -26.44
N LEU D 462 56.50 -7.32 -25.96
CA LEU D 462 56.75 -5.90 -26.22
C LEU D 462 57.17 -5.66 -27.66
N LYS D 463 57.92 -6.59 -28.26
CA LYS D 463 58.37 -6.42 -29.64
C LYS D 463 57.38 -6.94 -30.66
N SER D 464 56.58 -7.96 -30.31
CA SER D 464 55.57 -8.45 -31.24
C SER D 464 54.43 -7.46 -31.38
N ALA D 465 54.15 -6.67 -30.35
CA ALA D 465 53.15 -5.61 -30.47
C ALA D 465 53.67 -4.43 -31.26
N LEU D 466 55.00 -4.31 -31.39
CA LEU D 466 55.58 -3.24 -32.19
C LEU D 466 55.25 -3.42 -33.67
N LYS D 467 55.69 -4.54 -34.25
CA LYS D 467 55.40 -4.81 -35.65
C LYS D 467 53.92 -5.03 -35.89
N GLU D 468 53.16 -5.32 -34.83
CA GLU D 468 51.71 -5.33 -34.95
C GLU D 468 51.18 -3.94 -35.27
N LEU D 469 51.69 -2.91 -34.60
CA LEU D 469 51.30 -1.55 -34.91
C LEU D 469 51.77 -1.12 -36.29
N GLU D 470 52.91 -1.64 -36.75
CA GLU D 470 53.41 -1.31 -38.08
C GLU D 470 52.41 -1.73 -39.16
N ILE D 471 51.65 -2.79 -38.90
CA ILE D 471 50.67 -3.25 -39.88
C ILE D 471 49.39 -2.42 -39.79
N ILE D 472 48.96 -2.07 -38.57
CA ILE D 472 47.73 -1.33 -38.40
C ILE D 472 47.88 0.11 -38.89
N ARG D 473 49.09 0.65 -38.82
CA ARG D 473 49.34 1.99 -39.36
C ARG D 473 49.24 2.04 -40.88
N LYS D 474 49.04 0.90 -41.54
CA LYS D 474 48.91 0.83 -43.00
C LYS D 474 47.46 0.70 -43.45
N ILE D 475 46.63 -0.07 -42.75
CA ILE D 475 45.25 -0.25 -43.16
C ILE D 475 44.44 1.02 -42.93
N GLY D 476 44.54 1.60 -41.74
CA GLY D 476 43.82 2.81 -41.41
C GLY D 476 42.62 2.63 -40.52
N ASP D 477 42.54 1.53 -39.76
CA ASP D 477 41.41 1.31 -38.86
C ASP D 477 41.75 1.90 -37.49
N PRO D 478 41.00 2.91 -37.01
CA PRO D 478 41.38 3.59 -35.78
C PRO D 478 41.09 2.80 -34.50
N GLU D 479 40.05 1.95 -34.53
CA GLU D 479 39.69 1.19 -33.35
C GLU D 479 40.81 0.24 -32.94
N LYS D 480 41.29 -0.56 -33.89
CA LYS D 480 42.35 -1.52 -33.59
C LYS D 480 43.67 -0.83 -33.30
N GLU D 481 43.92 0.34 -33.89
CA GLU D 481 45.16 1.06 -33.61
C GLU D 481 45.18 1.57 -32.18
N GLY D 482 44.03 1.96 -31.63
CA GLY D 482 43.99 2.37 -30.24
C GLY D 482 44.03 1.22 -29.25
N LEU D 483 43.47 0.07 -29.63
CA LEU D 483 43.47 -1.09 -28.73
C LEU D 483 44.88 -1.60 -28.47
N VAL D 484 45.76 -1.52 -29.46
CA VAL D 484 47.14 -1.96 -29.27
C VAL D 484 47.89 -0.96 -28.40
N LEU D 485 47.64 0.34 -28.61
CA LEU D 485 48.27 1.36 -27.79
C LEU D 485 47.92 1.21 -26.31
N LEU D 486 46.67 0.80 -26.03
CA LEU D 486 46.27 0.58 -24.65
C LEU D 486 46.91 -0.69 -24.09
N HIS D 487 47.06 -1.71 -24.93
CA HIS D 487 47.57 -2.99 -24.44
C HIS D 487 49.07 -2.91 -24.12
N VAL D 488 49.83 -2.18 -24.93
CA VAL D 488 51.24 -1.95 -24.60
C VAL D 488 51.35 -1.10 -23.34
N GLY D 489 50.39 -0.21 -23.09
CA GLY D 489 50.33 0.61 -21.90
C GLY D 489 49.89 -0.16 -20.66
N ASP D 490 49.73 -1.46 -20.82
CA ASP D 490 49.44 -2.35 -19.72
C ASP D 490 50.56 -3.35 -19.46
N ILE D 491 51.21 -3.84 -20.51
CA ILE D 491 52.32 -4.78 -20.34
C ILE D 491 53.50 -4.09 -19.70
N TYR D 492 53.74 -2.82 -20.06
CA TYR D 492 54.85 -2.08 -19.47
C TYR D 492 54.60 -1.78 -17.99
N LEU D 493 53.34 -1.65 -17.58
CA LEU D 493 53.05 -1.41 -16.17
C LEU D 493 53.36 -2.64 -15.33
N HIS D 494 53.09 -3.83 -15.86
CA HIS D 494 53.44 -5.06 -15.16
C HIS D 494 54.94 -5.31 -15.15
N MET D 495 55.67 -4.71 -16.09
CA MET D 495 57.12 -4.77 -16.10
C MET D 495 57.75 -3.95 -14.99
N GLY D 496 56.95 -3.12 -14.31
CA GLY D 496 57.49 -2.14 -13.39
C GLY D 496 57.80 -0.80 -14.01
N ASN D 497 57.68 -0.69 -15.33
CA ASN D 497 57.97 0.55 -16.05
C ASN D 497 56.74 1.45 -16.05
N TYR D 498 56.98 2.74 -15.83
CA TYR D 498 55.91 3.73 -15.78
C TYR D 498 55.93 4.71 -16.94
N GLU D 499 57.11 5.09 -17.43
CA GLU D 499 57.20 6.11 -18.48
C GLU D 499 56.66 5.59 -19.81
N LYS D 500 56.97 4.34 -20.16
CA LYS D 500 56.46 3.78 -21.41
C LYS D 500 54.95 3.58 -21.36
N GLY D 501 54.41 3.26 -20.18
CA GLY D 501 52.97 3.05 -20.08
C GLY D 501 52.18 4.34 -20.19
N ILE D 502 52.57 5.36 -19.41
CA ILE D 502 51.78 6.59 -19.34
C ILE D 502 51.76 7.33 -20.66
N SER D 503 52.83 7.23 -21.46
CA SER D 503 52.89 7.97 -22.71
C SER D 503 52.16 7.27 -23.84
N TYR D 504 52.02 5.95 -23.78
CA TYR D 504 51.42 5.22 -24.89
C TYR D 504 49.89 5.33 -24.87
N TYR D 505 49.27 5.19 -23.69
CA TYR D 505 47.82 5.37 -23.66
C TYR D 505 47.40 6.83 -23.54
N GLN D 506 48.35 7.75 -23.37
CA GLN D 506 48.01 9.17 -23.51
C GLN D 506 47.96 9.58 -24.98
N GLU D 507 48.80 8.98 -25.81
CA GLU D 507 48.64 9.14 -27.25
C GLU D 507 47.44 8.36 -27.75
N ALA D 508 47.08 7.27 -27.08
CA ALA D 508 45.84 6.58 -27.39
C ALA D 508 44.63 7.39 -26.95
N LEU D 509 44.76 8.14 -25.85
CA LEU D 509 43.73 9.11 -25.50
C LEU D 509 43.66 10.23 -26.53
N LYS D 510 44.80 10.60 -27.10
CA LYS D 510 44.81 11.52 -28.23
C LYS D 510 44.07 10.95 -29.43
N MET D 511 44.06 9.62 -29.57
CA MET D 511 43.32 8.98 -30.66
C MET D 511 41.82 8.98 -30.39
N ALA D 512 41.41 8.61 -29.18
CA ALA D 512 39.99 8.53 -28.86
C ALA D 512 39.33 9.91 -28.91
N LYS D 513 40.04 10.94 -28.45
CA LYS D 513 39.51 12.30 -28.54
C LYS D 513 39.38 12.75 -29.98
N ALA D 514 40.30 12.32 -30.86
CA ALA D 514 40.29 12.79 -32.23
C ALA D 514 39.14 12.19 -33.03
N TYR D 515 38.91 10.89 -32.89
CA TYR D 515 37.87 10.21 -33.66
C TYR D 515 36.53 10.17 -32.96
N GLY D 516 36.42 10.76 -31.76
CA GLY D 516 35.15 10.80 -31.07
C GLY D 516 34.66 9.46 -30.55
N ILE D 517 35.57 8.60 -30.11
CA ILE D 517 35.21 7.30 -29.55
C ILE D 517 35.09 7.47 -28.04
N LYS D 518 33.85 7.48 -27.53
CA LYS D 518 33.63 7.67 -26.11
C LYS D 518 34.00 6.44 -25.29
N PHE D 519 33.99 5.25 -25.91
CA PHE D 519 34.37 4.03 -25.19
C PHE D 519 35.87 4.03 -24.89
N LEU D 520 36.70 4.11 -25.94
CA LEU D 520 38.14 4.15 -25.74
C LEU D 520 38.60 5.40 -25.01
N GLU D 521 37.80 6.47 -25.02
CA GLU D 521 38.18 7.69 -24.34
C GLU D 521 38.25 7.49 -22.84
N HIS D 522 37.25 6.83 -22.26
CA HIS D 522 37.21 6.57 -20.83
C HIS D 522 37.97 5.30 -20.42
N ILE D 523 38.29 4.43 -21.37
CA ILE D 523 39.16 3.29 -21.06
C ILE D 523 40.55 3.77 -20.70
N SER D 524 41.08 4.71 -21.49
CA SER D 524 42.40 5.28 -21.21
C SER D 524 42.41 6.05 -19.90
N TYR D 525 41.26 6.62 -19.50
CA TYR D 525 41.16 7.28 -18.21
C TYR D 525 41.34 6.29 -17.07
N MET D 526 40.84 5.05 -17.23
CA MET D 526 41.03 4.04 -16.20
C MET D 526 42.48 3.59 -16.13
N GLU D 527 43.15 3.51 -17.28
CA GLU D 527 44.57 3.20 -17.29
C GLU D 527 45.41 4.39 -16.85
N LEU D 528 44.94 5.61 -17.14
CA LEU D 528 45.65 6.80 -16.67
C LEU D 528 45.52 6.94 -15.15
N ALA D 529 44.34 6.60 -14.61
CA ALA D 529 44.18 6.63 -13.16
C ALA D 529 44.93 5.48 -12.50
N LYS D 530 44.93 4.30 -13.14
CA LYS D 530 45.64 3.15 -12.59
C LYS D 530 47.14 3.35 -12.62
N GLY D 531 47.65 4.03 -13.65
CA GLY D 531 49.09 4.26 -13.74
C GLY D 531 49.60 5.18 -12.64
N TYR D 532 48.91 6.30 -12.42
CA TYR D 532 49.32 7.22 -11.37
C TYR D 532 49.13 6.64 -9.98
N TYR D 533 48.29 5.62 -9.83
CA TYR D 533 48.10 4.98 -8.53
C TYR D 533 49.30 4.14 -8.14
N GLN D 534 49.94 3.48 -9.11
CA GLN D 534 51.13 2.69 -8.81
C GLN D 534 52.28 3.57 -8.35
N LEU D 535 52.33 4.82 -8.80
CA LEU D 535 53.30 5.78 -8.29
C LEU D 535 52.76 6.56 -7.10
N LYS D 536 51.60 6.17 -6.57
CA LYS D 536 50.99 6.78 -5.39
C LYS D 536 50.76 8.28 -5.57
N LEU D 537 50.58 8.71 -6.82
CA LEU D 537 50.23 10.11 -7.13
C LEU D 537 48.74 10.25 -6.90
N TYR D 538 48.37 10.52 -5.64
CA TYR D 538 46.97 10.44 -5.23
C TYR D 538 46.10 11.44 -5.96
N GLU D 539 46.61 12.65 -6.20
CA GLU D 539 45.80 13.73 -6.76
C GLU D 539 45.17 13.36 -8.09
N LYS D 540 46.00 13.16 -9.12
CA LYS D 540 45.46 12.89 -10.46
C LYS D 540 44.80 11.53 -10.54
N ALA D 541 45.36 10.52 -9.88
CA ALA D 541 44.80 9.17 -9.95
C ALA D 541 43.35 9.15 -9.46
N SER D 542 43.05 9.94 -8.43
CA SER D 542 41.69 10.00 -7.91
C SER D 542 40.76 10.82 -8.80
N GLU D 543 41.31 11.74 -9.60
CA GLU D 543 40.47 12.55 -10.47
C GLU D 543 40.01 11.77 -11.69
N TYR D 544 40.95 11.14 -12.41
CA TYR D 544 40.58 10.34 -13.57
C TYR D 544 39.73 9.14 -13.20
N SER D 545 39.80 8.69 -11.95
CA SER D 545 38.91 7.61 -11.51
C SER D 545 37.48 8.09 -11.35
N GLU D 546 37.29 9.37 -11.01
CA GLU D 546 35.93 9.88 -10.86
C GLU D 546 35.22 9.95 -12.20
N LYS D 547 35.93 10.34 -13.25
CA LYS D 547 35.32 10.41 -14.58
C LYS D 547 35.17 9.03 -15.22
N ALA D 548 36.11 8.11 -14.95
CA ALA D 548 35.97 6.76 -15.46
C ALA D 548 34.83 6.02 -14.75
N ALA D 549 34.74 6.17 -13.42
CA ALA D 549 33.62 5.58 -12.69
C ALA D 549 32.30 6.19 -13.12
N ASN D 550 32.30 7.51 -13.37
CA ASN D 550 31.10 8.16 -13.90
C ASN D 550 30.67 7.53 -15.22
N TYR D 551 31.63 7.08 -16.02
CA TYR D 551 31.30 6.44 -17.28
C TYR D 551 30.68 5.06 -17.04
N PHE D 552 31.42 4.16 -16.38
CA PHE D 552 30.97 2.79 -16.24
C PHE D 552 29.73 2.66 -15.36
N LEU D 553 29.54 3.59 -14.41
CA LEU D 553 28.27 3.64 -13.69
C LEU D 553 27.13 4.02 -14.63
N MET D 554 27.41 4.88 -15.61
CA MET D 554 26.43 5.26 -16.62
C MET D 554 26.30 4.20 -17.70
N ILE D 555 27.42 3.54 -18.05
CA ILE D 555 27.38 2.45 -19.02
C ILE D 555 26.91 1.14 -18.41
N ARG D 556 26.78 1.08 -17.08
CA ARG D 556 26.31 -0.11 -16.38
C ARG D 556 27.27 -1.29 -16.56
N ASN D 557 28.56 -0.99 -16.69
CA ASN D 557 29.62 -1.99 -16.63
C ASN D 557 30.17 -1.96 -15.21
N TYR D 558 29.42 -2.56 -14.28
CA TYR D 558 29.73 -2.47 -12.86
C TYR D 558 31.01 -3.19 -12.47
N ARG D 559 31.48 -4.14 -13.30
CA ARG D 559 32.74 -4.81 -13.01
C ARG D 559 33.90 -3.83 -13.03
N ARG D 560 34.03 -3.05 -14.11
CA ARG D 560 35.10 -2.06 -14.21
C ARG D 560 34.80 -0.82 -13.39
N ALA D 561 33.52 -0.48 -13.21
CA ALA D 561 33.16 0.63 -12.34
C ALA D 561 33.64 0.38 -10.91
N THR D 562 33.61 -0.89 -10.48
CA THR D 562 34.15 -1.23 -9.18
C THR D 562 35.66 -0.98 -9.14
N ASP D 563 36.39 -1.43 -10.16
CA ASP D 563 37.82 -1.17 -10.23
C ASP D 563 38.10 0.32 -10.30
N ALA D 564 37.21 1.09 -10.92
CA ALA D 564 37.38 2.53 -10.99
C ALA D 564 37.21 3.17 -9.62
N MET D 565 36.06 2.92 -8.97
CA MET D 565 35.81 3.48 -7.66
C MET D 565 36.71 2.89 -6.57
N ALA D 566 37.41 1.79 -6.86
CA ALA D 566 38.33 1.20 -5.88
C ALA D 566 39.60 2.01 -5.73
N TYR D 567 40.36 2.17 -6.83
CA TYR D 567 41.58 2.96 -6.78
C TYR D 567 41.28 4.44 -6.56
N GLY D 568 40.09 4.90 -6.97
CA GLY D 568 39.75 6.29 -6.78
C GLY D 568 39.48 6.63 -5.32
N SER D 569 38.70 5.80 -4.63
CA SER D 569 38.42 6.05 -3.23
C SER D 569 39.65 5.91 -2.35
N VAL D 570 40.59 5.04 -2.74
CA VAL D 570 41.82 4.88 -1.97
C VAL D 570 42.68 6.13 -2.08
N SER D 571 43.09 6.46 -3.30
CA SER D 571 43.99 7.60 -3.50
C SER D 571 43.37 8.93 -3.09
N TYR D 572 42.04 9.02 -3.06
CA TYR D 572 41.40 10.29 -2.76
C TYR D 572 41.64 10.70 -1.30
N ILE D 573 41.23 9.86 -0.36
CA ILE D 573 41.37 10.17 1.06
C ILE D 573 42.83 10.32 1.49
N ALA D 574 43.77 9.93 0.63
CA ALA D 574 45.19 10.06 0.98
C ALA D 574 45.56 11.52 1.22
N THR D 575 45.19 12.40 0.30
CA THR D 575 45.51 13.82 0.39
C THR D 575 44.33 14.72 0.08
N LYS D 576 43.14 14.16 -0.11
CA LYS D 576 41.96 14.94 -0.45
C LYS D 576 40.87 14.69 0.59
N ASN D 577 39.67 15.20 0.31
CA ASN D 577 38.56 15.13 1.25
C ASN D 577 38.04 13.71 1.39
N LEU D 578 37.50 13.41 2.57
CA LEU D 578 36.99 12.08 2.87
C LEU D 578 35.62 11.81 2.26
N GLU D 579 34.86 12.86 1.93
CA GLU D 579 33.46 12.67 1.54
C GLU D 579 33.32 12.05 0.15
N LYS D 580 34.18 12.44 -0.78
CA LYS D 580 34.08 11.91 -2.15
C LYS D 580 34.36 10.42 -2.18
N ALA D 581 35.44 9.98 -1.52
CA ALA D 581 35.71 8.56 -1.41
C ALA D 581 34.66 7.85 -0.58
N GLU D 582 34.04 8.55 0.37
CA GLU D 582 32.89 8.01 1.07
C GLU D 582 31.74 7.78 0.10
N LYS D 583 31.53 8.71 -0.83
CA LYS D 583 30.53 8.52 -1.88
C LYS D 583 30.88 7.31 -2.76
N PHE D 584 32.16 7.16 -3.12
CA PHE D 584 32.58 6.00 -3.89
C PHE D 584 32.39 4.72 -3.10
N ALA D 585 32.82 4.72 -1.83
CA ALA D 585 32.70 3.53 -1.00
C ALA D 585 31.23 3.12 -0.85
N LYS D 586 30.34 4.08 -0.66
CA LYS D 586 28.93 3.76 -0.53
C LYS D 586 28.34 3.28 -1.85
N GLU D 587 28.82 3.82 -2.97
CA GLU D 587 28.41 3.29 -4.28
C GLU D 587 28.93 1.88 -4.50
N MET D 588 30.13 1.58 -4.00
CA MET D 588 30.64 0.22 -4.09
C MET D 588 29.79 -0.74 -3.28
N ILE D 589 29.09 -0.24 -2.24
CA ILE D 589 28.14 -1.07 -1.52
C ILE D 589 26.89 -1.31 -2.35
N ARG D 590 26.45 -0.30 -3.10
CA ARG D 590 25.26 -0.45 -3.94
C ARG D 590 25.47 -1.48 -5.04
N ILE D 591 26.64 -1.43 -5.70
CA ILE D 591 26.95 -2.38 -6.77
C ILE D 591 27.38 -3.74 -6.23
N ALA D 592 27.72 -3.82 -4.95
CA ALA D 592 27.94 -5.12 -4.32
C ALA D 592 26.62 -5.84 -4.09
N GLN D 593 25.64 -5.14 -3.52
CA GLN D 593 24.33 -5.71 -3.23
C GLN D 593 23.50 -5.98 -4.48
N SER D 594 23.99 -5.65 -5.67
CA SER D 594 23.26 -5.89 -6.91
C SER D 594 23.91 -6.92 -7.82
N THR D 595 25.25 -6.96 -7.87
CA THR D 595 25.97 -7.86 -8.74
C THR D 595 26.81 -8.90 -7.99
N ASP D 596 27.01 -8.73 -6.69
CA ASP D 596 27.81 -9.63 -5.87
C ASP D 596 29.22 -9.77 -6.43
N TYR D 597 29.82 -8.63 -6.80
CA TYR D 597 31.20 -8.64 -7.26
C TYR D 597 32.14 -8.61 -6.05
N PRO D 598 33.20 -9.42 -6.05
CA PRO D 598 34.09 -9.45 -4.87
C PRO D 598 34.73 -8.11 -4.53
N LEU D 599 35.35 -7.45 -5.50
CA LEU D 599 35.99 -6.17 -5.22
C LEU D 599 35.01 -5.09 -4.81
N ALA D 600 33.70 -5.32 -4.98
CA ALA D 600 32.71 -4.32 -4.60
C ALA D 600 32.50 -4.27 -3.08
N TRP D 601 32.56 -5.43 -2.41
CA TRP D 601 32.50 -5.44 -0.96
C TRP D 601 33.77 -4.89 -0.32
N ALA D 602 34.87 -4.83 -1.09
CA ALA D 602 36.08 -4.17 -0.59
C ALA D 602 35.86 -2.67 -0.39
N GLY D 603 34.89 -2.08 -1.08
CA GLY D 603 34.55 -0.69 -0.83
C GLY D 603 33.81 -0.47 0.46
N TYR D 604 33.16 -1.52 0.98
CA TYR D 604 32.48 -1.38 2.27
C TYR D 604 33.47 -1.15 3.41
N ILE D 605 34.62 -1.82 3.38
CA ILE D 605 35.62 -1.57 4.40
C ILE D 605 36.35 -0.25 4.17
N PHE D 606 36.41 0.23 2.93
CA PHE D 606 36.95 1.56 2.69
C PHE D 606 36.03 2.64 3.28
N LEU D 607 34.73 2.37 3.33
CA LEU D 607 33.81 3.27 4.03
C LEU D 607 34.17 3.36 5.51
N ALA D 608 34.56 2.24 6.12
CA ALA D 608 35.04 2.28 7.49
C ALA D 608 36.31 3.09 7.61
N ALA D 609 37.18 3.03 6.59
CA ALA D 609 38.38 3.86 6.59
C ALA D 609 38.01 5.34 6.58
N VAL D 610 36.97 5.70 5.82
CA VAL D 610 36.49 7.08 5.85
C VAL D 610 35.84 7.41 7.19
N ASP D 611 35.05 6.48 7.73
CA ASP D 611 34.37 6.73 9.00
C ASP D 611 35.36 6.92 10.14
N PHE D 612 36.40 6.08 10.19
CA PHE D 612 37.42 6.24 11.22
C PHE D 612 38.13 7.59 11.10
N LEU D 613 38.37 8.04 9.86
CA LEU D 613 39.00 9.33 9.65
C LEU D 613 38.02 10.49 9.71
N LYS D 614 36.71 10.21 9.77
CA LYS D 614 35.70 11.24 9.91
C LYS D 614 35.18 11.37 11.34
N GLY D 615 35.99 10.97 12.32
CA GLY D 615 35.58 11.08 13.70
C GLY D 615 34.45 10.17 14.11
N ASP D 616 34.16 9.13 13.34
CA ASP D 616 33.08 8.21 13.65
C ASP D 616 33.59 7.02 14.47
N ASP D 617 32.67 6.47 15.26
CA ASP D 617 32.98 5.44 16.25
C ASP D 617 33.29 4.10 15.56
N TRP D 618 33.52 3.08 16.40
CA TRP D 618 33.76 1.73 15.91
C TRP D 618 32.49 1.07 15.39
N ARG D 619 31.32 1.63 15.68
CA ARG D 619 30.09 1.16 15.06
C ARG D 619 30.02 1.57 13.59
N GLU D 620 30.49 2.79 13.28
CA GLU D 620 30.66 3.18 11.89
C GLU D 620 31.93 2.60 11.30
N ASP D 621 32.92 2.30 12.15
CA ASP D 621 34.10 1.55 11.73
C ASP D 621 33.84 0.05 11.71
N TYR D 622 32.64 -0.39 12.12
CA TYR D 622 32.27 -1.80 12.01
C TYR D 622 32.17 -2.24 10.56
N ASN D 623 32.04 -1.30 9.62
CA ASN D 623 32.02 -1.63 8.20
C ASN D 623 33.20 -2.50 7.78
N LEU D 624 34.31 -2.45 8.55
CA LEU D 624 35.37 -3.46 8.38
C LEU D 624 34.81 -4.86 8.57
N GLY D 625 34.24 -5.12 9.75
CA GLY D 625 33.65 -6.43 10.00
C GLY D 625 32.42 -6.72 9.17
N LYS D 626 31.71 -5.67 8.74
CA LYS D 626 30.51 -5.86 7.94
C LYS D 626 30.84 -6.51 6.60
N ALA D 627 31.97 -6.13 5.99
CA ALA D 627 32.36 -6.65 4.70
C ALA D 627 33.44 -7.73 4.78
N HIS D 628 34.13 -7.86 5.92
CA HIS D 628 35.14 -8.90 6.03
C HIS D 628 34.49 -10.28 6.09
N LEU D 629 33.28 -10.39 6.66
CA LEU D 629 32.56 -11.64 6.59
C LEU D 629 32.05 -11.90 5.17
N LYS D 630 31.73 -10.83 4.43
CA LYS D 630 31.44 -10.99 3.01
C LYS D 630 32.69 -11.36 2.23
N GLU D 631 33.84 -10.85 2.65
CA GLU D 631 35.11 -11.11 1.98
C GLU D 631 35.88 -12.26 2.62
N TYR D 632 35.25 -13.03 3.52
CA TYR D 632 35.95 -14.17 4.11
C TYR D 632 36.17 -15.30 3.12
N PRO D 633 35.19 -15.73 2.32
CA PRO D 633 35.47 -16.80 1.36
C PRO D 633 36.51 -16.42 0.31
N TRP D 634 36.34 -15.27 -0.34
CA TRP D 634 37.29 -14.85 -1.37
C TRP D 634 38.63 -14.50 -0.73
N LEU D 635 39.67 -15.28 -1.06
CA LEU D 635 41.00 -14.99 -0.56
C LEU D 635 41.63 -13.79 -1.24
N PHE D 636 41.03 -13.27 -2.31
CA PHE D 636 41.52 -12.06 -2.95
C PHE D 636 41.50 -10.86 -2.00
N GLU D 637 40.66 -10.92 -0.96
CA GLU D 637 40.63 -9.84 0.02
C GLU D 637 41.95 -9.73 0.78
N ALA D 638 42.62 -10.86 1.01
CA ALA D 638 43.92 -10.84 1.67
C ALA D 638 44.99 -10.13 0.85
N VAL D 639 44.70 -9.78 -0.40
CA VAL D 639 45.67 -9.11 -1.26
C VAL D 639 45.43 -7.60 -1.31
N LEU D 640 44.16 -7.17 -1.33
CA LEU D 640 43.87 -5.75 -1.45
C LEU D 640 44.27 -4.97 -0.19
N ASP D 641 44.51 -5.65 0.93
CA ASP D 641 44.92 -4.97 2.14
C ASP D 641 46.30 -4.34 2.01
N GLU D 642 47.10 -4.79 1.04
CA GLU D 642 48.42 -4.19 0.83
C GLU D 642 48.33 -2.74 0.37
N LEU D 643 47.18 -2.33 -0.16
CA LEU D 643 47.02 -0.99 -0.70
C LEU D 643 46.57 0.01 0.37
N LYS D 644 45.70 -0.40 1.28
CA LYS D 644 45.13 0.54 2.24
C LYS D 644 46.10 0.88 3.37
N LYS D 645 46.80 -0.12 3.91
CA LYS D 645 47.69 0.14 5.03
C LYS D 645 48.96 0.84 4.58
N VAL D 646 49.35 0.71 3.31
CA VAL D 646 50.57 1.34 2.83
C VAL D 646 50.35 2.82 2.56
N PHE D 647 49.29 3.15 1.80
CA PHE D 647 49.04 4.55 1.46
C PHE D 647 48.57 5.34 2.68
N ASP D 648 47.85 4.70 3.60
CA ASP D 648 47.40 5.34 4.82
C ASP D 648 47.28 4.32 5.95
#